data_7M1W
#
_entry.id   7M1W
#
_entity_poly.entity_id   1
_entity_poly.type   'polypeptide(L)'
_entity_poly.pdbx_seq_one_letter_code
;MGRIFSRSASPIPRPPRGLAAHHWLNFLQAAYRLEPGPSSYDFHQLKKFLKIALETPVWICPINYSLLASLLPKGYPGRV
NEILHILIQTQAQIPSRPAHHHHHH
;
_entity_poly.pdbx_strand_id   A
#
# COMPACT_ATOMS: atom_id res chain seq x y z
N MET A 1 -3.57 19.54 -18.37
CA MET A 1 -2.16 19.65 -18.74
C MET A 1 -1.45 20.68 -17.87
N GLY A 2 -0.83 20.21 -16.79
CA GLY A 2 -0.13 21.11 -15.89
C GLY A 2 -1.02 21.66 -14.81
N ARG A 3 -0.80 21.22 -13.57
CA ARG A 3 -1.60 21.68 -12.44
C ARG A 3 -0.88 21.41 -11.12
N ILE A 4 -0.97 22.35 -10.20
CA ILE A 4 -0.33 22.22 -8.89
C ILE A 4 -0.62 23.42 -8.01
N PHE A 5 -1.31 23.19 -6.90
CA PHE A 5 -1.65 24.25 -5.97
C PHE A 5 -1.78 23.71 -4.55
N SER A 6 -2.07 24.61 -3.60
CA SER A 6 -2.22 24.22 -2.20
C SER A 6 -3.66 23.82 -1.90
N ARG A 7 -4.59 24.41 -2.65
CA ARG A 7 -6.01 24.12 -2.46
C ARG A 7 -6.32 22.67 -2.80
N SER A 8 -5.52 22.08 -3.68
CA SER A 8 -5.71 20.69 -4.08
C SER A 8 -5.60 19.75 -2.89
N ALA A 9 -5.80 18.46 -3.14
CA ALA A 9 -5.72 17.46 -2.08
C ALA A 9 -4.27 17.13 -1.72
N SER A 10 -3.58 18.11 -1.14
CA SER A 10 -2.18 17.93 -0.76
C SER A 10 -2.02 16.69 0.11
N PRO A 11 -0.80 16.11 0.07
CA PRO A 11 -0.48 14.90 0.84
C PRO A 11 -0.42 15.17 2.34
N ILE A 12 -0.94 14.23 3.13
CA ILE A 12 -0.93 14.38 4.58
C ILE A 12 -0.04 13.33 5.23
N PRO A 13 0.82 13.78 6.16
CA PRO A 13 1.74 12.90 6.88
C PRO A 13 1.03 11.97 7.85
N ARG A 14 0.06 12.51 8.58
CA ARG A 14 -0.71 11.73 9.55
C ARG A 14 -1.70 10.81 8.84
N PRO A 15 -2.01 9.67 9.47
CA PRO A 15 -2.95 8.69 8.92
C PRO A 15 -4.39 9.19 8.92
N PRO A 16 -4.94 9.42 7.72
CA PRO A 16 -6.31 9.90 7.55
C PRO A 16 -7.35 8.85 7.94
N ARG A 17 -8.62 9.15 7.66
CA ARG A 17 -9.70 8.23 7.99
C ARG A 17 -9.75 7.08 7.00
N GLY A 18 -9.46 7.38 5.73
CA GLY A 18 -9.47 6.35 4.70
C GLY A 18 -8.12 5.71 4.51
N LEU A 19 -7.26 5.81 5.52
CA LEU A 19 -5.92 5.23 5.45
C LEU A 19 -5.20 5.40 6.79
N ALA A 20 -4.75 4.27 7.35
CA ALA A 20 -4.04 4.30 8.62
C ALA A 20 -2.69 3.59 8.49
N ALA A 21 -1.93 3.58 9.59
CA ALA A 21 -0.62 2.94 9.61
C ALA A 21 -0.70 1.53 9.06
N HIS A 22 -1.74 0.80 9.44
CA HIS A 22 -1.94 -0.57 8.98
C HIS A 22 -1.80 -0.66 7.47
N HIS A 23 -2.27 0.37 6.77
CA HIS A 23 -2.20 0.40 5.32
C HIS A 23 -0.95 1.14 4.84
N TRP A 24 -0.80 2.38 5.30
CA TRP A 24 0.35 3.19 4.93
C TRP A 24 1.66 2.48 5.25
N LEU A 25 1.90 2.26 6.54
CA LEU A 25 3.12 1.58 6.98
C LEU A 25 3.31 0.27 6.22
N ASN A 26 2.21 -0.41 5.92
CA ASN A 26 2.26 -1.66 5.20
C ASN A 26 3.03 -1.52 3.89
N PHE A 27 2.90 -0.36 3.26
CA PHE A 27 3.59 -0.09 2.00
C PHE A 27 5.07 0.14 2.24
N LEU A 28 5.40 0.97 3.22
CA LEU A 28 6.78 1.27 3.55
C LEU A 28 7.59 -0.02 3.72
N GLN A 29 6.93 -1.05 4.22
CA GLN A 29 7.59 -2.34 4.44
C GLN A 29 7.82 -3.07 3.12
N ALA A 30 6.75 -3.20 2.33
CA ALA A 30 6.83 -3.87 1.05
C ALA A 30 7.93 -3.28 0.18
N ALA A 31 7.97 -1.96 0.10
CA ALA A 31 8.98 -1.26 -0.69
C ALA A 31 10.39 -1.67 -0.26
N TYR A 32 10.52 -2.10 0.98
CA TYR A 32 11.81 -2.51 1.53
C TYR A 32 12.09 -3.98 1.20
N ARG A 33 11.03 -4.74 0.95
CA ARG A 33 11.16 -6.15 0.63
C ARG A 33 11.90 -6.34 -0.69
N LEU A 34 11.39 -5.70 -1.74
CA LEU A 34 12.00 -5.79 -3.06
C LEU A 34 13.50 -5.48 -3.00
N GLU A 35 13.83 -4.31 -2.45
CA GLU A 35 15.21 -3.88 -2.33
C GLU A 35 15.52 -3.41 -0.91
N PRO A 36 16.71 -3.74 -0.42
CA PRO A 36 17.15 -3.35 0.93
C PRO A 36 17.42 -1.85 1.04
N GLY A 37 18.19 -1.32 0.09
CA GLY A 37 18.50 0.10 0.11
C GLY A 37 17.84 0.85 -1.02
N PRO A 38 16.60 1.32 -0.79
CA PRO A 38 15.82 2.06 -1.79
C PRO A 38 16.40 3.45 -2.05
N SER A 39 15.67 4.26 -2.79
CA SER A 39 16.11 5.60 -3.13
C SER A 39 14.91 6.56 -3.21
N SER A 40 15.19 7.85 -3.20
CA SER A 40 14.15 8.87 -3.28
C SER A 40 13.26 8.65 -4.50
N TYR A 41 13.89 8.31 -5.62
CA TYR A 41 13.16 8.06 -6.86
C TYR A 41 12.09 6.99 -6.66
N ASP A 42 12.31 6.12 -5.68
CA ASP A 42 11.37 5.05 -5.39
C ASP A 42 10.18 5.57 -4.60
N PHE A 43 10.39 6.65 -3.85
CA PHE A 43 9.32 7.24 -3.05
C PHE A 43 8.62 8.36 -3.82
N HIS A 44 9.33 8.94 -4.79
CA HIS A 44 8.77 10.01 -5.60
C HIS A 44 7.57 9.51 -6.42
N GLN A 45 7.55 8.22 -6.68
CA GLN A 45 6.46 7.61 -7.46
C GLN A 45 5.50 6.86 -6.54
N LEU A 46 5.99 6.49 -5.35
CA LEU A 46 5.17 5.76 -4.39
C LEU A 46 4.23 6.70 -3.65
N LYS A 47 4.78 7.76 -3.08
CA LYS A 47 4.00 8.74 -2.35
C LYS A 47 3.02 9.46 -3.28
N LYS A 48 3.50 9.81 -4.47
CA LYS A 48 2.66 10.50 -5.45
C LYS A 48 1.52 9.61 -5.91
N PHE A 49 1.80 8.32 -6.08
CA PHE A 49 0.79 7.37 -6.51
C PHE A 49 -0.22 7.09 -5.40
N LEU A 50 0.30 6.82 -4.20
CA LEU A 50 -0.55 6.55 -3.04
C LEU A 50 -1.62 7.62 -2.87
N LYS A 51 -1.29 8.84 -3.28
CA LYS A 51 -2.22 9.96 -3.18
C LYS A 51 -3.44 9.73 -4.06
N ILE A 52 -3.21 9.21 -5.26
CA ILE A 52 -4.30 8.94 -6.20
C ILE A 52 -5.06 7.68 -5.80
N ALA A 53 -4.34 6.70 -5.26
CA ALA A 53 -4.96 5.45 -4.84
C ALA A 53 -5.90 5.67 -3.66
N LEU A 54 -5.66 6.75 -2.92
CA LEU A 54 -6.49 7.08 -1.77
C LEU A 54 -7.80 7.74 -2.19
N GLU A 55 -7.74 8.46 -3.31
CA GLU A 55 -8.92 9.15 -3.82
C GLU A 55 -10.10 8.20 -3.94
N THR A 56 -9.82 6.94 -4.30
CA THR A 56 -10.86 5.94 -4.44
C THR A 56 -10.80 4.93 -3.31
N PRO A 57 -11.58 5.18 -2.24
CA PRO A 57 -11.64 4.31 -1.07
C PRO A 57 -12.33 2.98 -1.37
N VAL A 58 -11.64 2.13 -2.12
CA VAL A 58 -12.20 0.82 -2.48
C VAL A 58 -11.42 -0.31 -1.81
N TRP A 59 -10.19 0.00 -1.40
CA TRP A 59 -9.34 -1.00 -0.75
C TRP A 59 -9.15 -0.65 0.73
N ILE A 60 -10.16 -0.06 1.34
CA ILE A 60 -10.11 0.31 2.74
C ILE A 60 -10.71 -0.77 3.62
N CYS A 61 -12.02 -0.99 3.47
CA CYS A 61 -12.73 -2.00 4.25
C CYS A 61 -12.34 -3.40 3.81
N PRO A 62 -12.63 -3.72 2.54
CA PRO A 62 -12.32 -5.03 1.97
C PRO A 62 -10.82 -5.25 1.78
N ILE A 63 -10.08 -4.15 1.67
CA ILE A 63 -8.64 -4.21 1.48
C ILE A 63 -8.28 -5.11 0.30
N ASN A 64 -8.18 -4.50 -0.88
CA ASN A 64 -7.84 -5.24 -2.09
C ASN A 64 -6.49 -4.77 -2.65
N TYR A 65 -5.41 -5.26 -2.07
CA TYR A 65 -4.07 -4.90 -2.50
C TYR A 65 -3.91 -5.11 -4.00
N SER A 66 -4.40 -6.24 -4.49
CA SER A 66 -4.30 -6.56 -5.91
C SER A 66 -4.92 -5.47 -6.76
N LEU A 67 -5.96 -4.83 -6.22
CA LEU A 67 -6.65 -3.75 -6.94
C LEU A 67 -5.81 -2.48 -6.95
N LEU A 68 -5.03 -2.28 -5.88
CA LEU A 68 -4.17 -1.11 -5.77
C LEU A 68 -2.98 -1.21 -6.72
N ALA A 69 -2.63 -2.45 -7.09
CA ALA A 69 -1.52 -2.67 -8.00
C ALA A 69 -1.90 -2.36 -9.43
N SER A 70 -3.20 -2.20 -9.67
CA SER A 70 -3.70 -1.89 -11.02
C SER A 70 -4.23 -0.47 -11.09
N LEU A 71 -4.15 0.25 -9.96
CA LEU A 71 -4.62 1.63 -9.90
C LEU A 71 -3.65 2.56 -10.60
N LEU A 72 -2.49 2.04 -10.98
CA LEU A 72 -1.46 2.83 -11.65
C LEU A 72 -2.04 3.53 -12.88
N PRO A 73 -1.41 4.64 -13.29
CA PRO A 73 -1.84 5.42 -14.45
C PRO A 73 -1.60 4.68 -15.76
N LYS A 74 -0.36 4.22 -15.96
CA LYS A 74 0.01 3.50 -17.17
C LYS A 74 1.50 3.17 -17.17
N GLY A 75 2.33 4.21 -17.13
CA GLY A 75 3.77 4.01 -17.14
C GLY A 75 4.29 3.57 -15.79
N TYR A 76 3.83 2.41 -15.33
CA TYR A 76 4.26 1.87 -14.04
C TYR A 76 4.41 0.35 -14.11
N PRO A 77 5.30 -0.11 -15.01
CA PRO A 77 5.56 -1.55 -15.19
C PRO A 77 6.30 -2.15 -14.01
N GLY A 78 7.38 -1.49 -13.59
CA GLY A 78 8.16 -1.98 -12.47
C GLY A 78 8.81 -0.87 -11.69
N ARG A 79 8.21 -0.50 -10.55
CA ARG A 79 8.74 0.57 -9.71
C ARG A 79 7.85 0.79 -8.49
N VAL A 80 6.57 1.01 -8.72
CA VAL A 80 5.62 1.24 -7.65
C VAL A 80 4.54 0.16 -7.64
N ASN A 81 4.13 -0.27 -8.82
CA ASN A 81 3.10 -1.30 -8.95
C ASN A 81 3.54 -2.60 -8.29
N GLU A 82 4.80 -2.97 -8.50
CA GLU A 82 5.35 -4.19 -7.93
C GLU A 82 5.19 -4.20 -6.41
N ILE A 83 5.42 -3.05 -5.79
CA ILE A 83 5.29 -2.93 -4.34
C ILE A 83 3.92 -3.40 -3.87
N LEU A 84 2.89 -3.11 -4.66
CA LEU A 84 1.53 -3.50 -4.33
C LEU A 84 1.35 -5.01 -4.47
N HIS A 85 2.17 -5.62 -5.32
CA HIS A 85 2.10 -7.06 -5.55
C HIS A 85 2.72 -7.83 -4.37
N ILE A 86 3.74 -7.24 -3.76
CA ILE A 86 4.40 -7.86 -2.62
C ILE A 86 3.48 -7.96 -1.42
N LEU A 87 2.49 -7.07 -1.37
CA LEU A 87 1.53 -7.05 -0.27
C LEU A 87 0.48 -8.14 -0.45
N ILE A 88 0.30 -8.59 -1.68
CA ILE A 88 -0.67 -9.64 -1.99
C ILE A 88 -0.21 -10.99 -1.46
N GLN A 89 1.10 -11.16 -1.35
CA GLN A 89 1.67 -12.41 -0.86
C GLN A 89 1.65 -12.45 0.67
N THR A 90 2.16 -11.39 1.30
CA THR A 90 2.20 -11.30 2.74
C THR A 90 0.80 -11.44 3.35
N GLN A 91 -0.20 -11.00 2.60
CA GLN A 91 -1.59 -11.08 3.05
C GLN A 91 -1.99 -12.53 3.32
N ALA A 92 -1.30 -13.46 2.68
CA ALA A 92 -1.59 -14.89 2.85
C ALA A 92 -0.76 -15.47 3.98
N GLN A 93 -0.79 -14.81 5.14
CA GLN A 93 -0.04 -15.27 6.31
C GLN A 93 -0.85 -15.09 7.58
N ILE A 94 -2.18 -15.15 7.46
CA ILE A 94 -3.06 -14.99 8.60
C ILE A 94 -3.98 -16.20 8.76
N PRO A 95 -4.42 -16.45 10.00
CA PRO A 95 -5.30 -17.57 10.32
C PRO A 95 -6.71 -17.37 9.77
N SER A 96 -6.90 -17.69 8.49
CA SER A 96 -8.19 -17.55 7.84
C SER A 96 -8.41 -18.63 6.80
N ARG A 97 -7.72 -18.51 5.67
CA ARG A 97 -7.84 -19.48 4.59
C ARG A 97 -6.61 -19.46 3.69
N PRO A 98 -6.20 -20.63 3.22
CA PRO A 98 -5.02 -20.77 2.35
C PRO A 98 -5.27 -20.19 0.95
N ALA A 99 -6.52 -19.83 0.69
CA ALA A 99 -6.89 -19.27 -0.60
C ALA A 99 -6.65 -20.26 -1.73
N HIS A 100 -6.93 -19.84 -2.96
CA HIS A 100 -6.74 -20.69 -4.13
C HIS A 100 -5.86 -20.02 -5.17
N HIS A 101 -5.49 -20.77 -6.20
CA HIS A 101 -4.64 -20.25 -7.27
C HIS A 101 -5.45 -20.08 -8.56
N HIS A 102 -5.76 -18.84 -8.90
CA HIS A 102 -6.51 -18.55 -10.12
C HIS A 102 -5.92 -17.35 -10.85
N HIS A 103 -5.95 -16.18 -10.20
CA HIS A 103 -5.41 -14.96 -10.80
C HIS A 103 -3.96 -15.17 -11.23
N HIS A 104 -3.66 -14.75 -12.46
CA HIS A 104 -2.31 -14.87 -13.00
C HIS A 104 -1.57 -13.55 -12.93
N HIS A 105 -0.44 -13.56 -12.21
CA HIS A 105 0.37 -12.34 -12.07
C HIS A 105 0.88 -11.86 -13.42
N MET A 1 25.42 -9.42 21.44
CA MET A 1 24.15 -10.02 21.81
C MET A 1 23.17 -8.97 22.33
N GLY A 2 22.46 -8.33 21.41
CA GLY A 2 21.50 -7.31 21.78
C GLY A 2 20.27 -7.88 22.44
N ARG A 3 19.55 -7.04 23.19
CA ARG A 3 18.33 -7.47 23.88
C ARG A 3 17.11 -7.26 23.00
N ILE A 4 16.84 -5.99 22.69
CA ILE A 4 15.68 -5.65 21.86
C ILE A 4 15.68 -4.16 21.51
N PHE A 5 16.10 -3.34 22.48
CA PHE A 5 16.14 -1.90 22.28
C PHE A 5 14.79 -1.38 21.78
N SER A 6 14.77 -0.11 21.36
CA SER A 6 13.55 0.51 20.87
C SER A 6 13.22 0.01 19.46
N ARG A 7 14.16 0.18 18.55
CA ARG A 7 13.97 -0.26 17.17
C ARG A 7 12.74 0.40 16.56
N SER A 8 12.37 -0.03 15.35
CA SER A 8 11.23 0.52 14.65
C SER A 8 11.44 2.00 14.34
N ALA A 9 10.66 2.51 13.40
CA ALA A 9 10.76 3.92 13.01
C ALA A 9 9.47 4.67 13.32
N SER A 10 8.36 3.95 13.32
CA SER A 10 7.06 4.56 13.60
C SER A 10 6.70 5.60 12.54
N PRO A 11 6.67 5.16 11.27
CA PRO A 11 6.35 6.04 10.14
C PRO A 11 4.88 6.46 10.14
N ILE A 12 4.54 7.43 10.99
CA ILE A 12 3.18 7.92 11.07
C ILE A 12 3.13 9.45 10.98
N PRO A 13 3.21 9.96 9.74
CA PRO A 13 3.19 11.40 9.47
C PRO A 13 1.81 12.00 9.73
N ARG A 14 0.77 11.36 9.21
CA ARG A 14 -0.59 11.85 9.39
C ARG A 14 -1.59 10.93 8.68
N PRO A 15 -1.94 9.81 9.34
CA PRO A 15 -2.88 8.83 8.80
C PRO A 15 -4.31 9.37 8.76
N PRO A 16 -4.83 9.56 7.54
CA PRO A 16 -6.19 10.07 7.34
C PRO A 16 -7.26 9.05 7.74
N ARG A 17 -8.51 9.37 7.45
CA ARG A 17 -9.61 8.48 7.78
C ARG A 17 -9.68 7.31 6.81
N GLY A 18 -9.35 7.57 5.54
CA GLY A 18 -9.38 6.53 4.54
C GLY A 18 -8.04 5.83 4.39
N LEU A 19 -7.21 5.93 5.42
CA LEU A 19 -5.89 5.31 5.39
C LEU A 19 -5.19 5.46 6.74
N ALA A 20 -4.76 4.34 7.31
CA ALA A 20 -4.07 4.36 8.60
C ALA A 20 -2.72 3.66 8.50
N ALA A 21 -1.97 3.69 9.60
CA ALA A 21 -0.65 3.07 9.63
C ALA A 21 -0.71 1.63 9.12
N HIS A 22 -1.76 0.91 9.49
CA HIS A 22 -1.94 -0.47 9.06
C HIS A 22 -1.79 -0.60 7.56
N HIS A 23 -2.27 0.40 6.83
CA HIS A 23 -2.18 0.40 5.37
C HIS A 23 -0.93 1.13 4.90
N TRP A 24 -0.73 2.34 5.39
CA TRP A 24 0.42 3.15 5.02
C TRP A 24 1.72 2.40 5.33
N LEU A 25 1.98 2.19 6.61
CA LEU A 25 3.19 1.49 7.04
C LEU A 25 3.34 0.16 6.30
N ASN A 26 2.21 -0.44 5.93
CA ASN A 26 2.22 -1.71 5.21
C ASN A 26 2.98 -1.58 3.89
N PHE A 27 2.82 -0.43 3.24
CA PHE A 27 3.49 -0.18 1.97
C PHE A 27 4.99 0.02 2.16
N LEU A 28 5.35 0.82 3.15
CA LEU A 28 6.76 1.08 3.45
C LEU A 28 7.54 -0.22 3.58
N GLN A 29 6.94 -1.19 4.26
CA GLN A 29 7.59 -2.48 4.47
C GLN A 29 7.82 -3.19 3.13
N ALA A 30 6.74 -3.34 2.36
CA ALA A 30 6.84 -3.99 1.06
C ALA A 30 7.83 -3.28 0.15
N ALA A 31 8.02 -1.99 0.39
CA ALA A 31 8.95 -1.19 -0.41
C ALA A 31 10.38 -1.35 0.08
N TYR A 32 10.55 -2.17 1.12
CA TYR A 32 11.88 -2.42 1.68
C TYR A 32 12.36 -3.83 1.36
N ARG A 33 11.53 -4.58 0.64
CA ARG A 33 11.86 -5.94 0.27
C ARG A 33 12.50 -5.98 -1.12
N LEU A 34 11.83 -5.38 -2.10
CA LEU A 34 12.34 -5.34 -3.47
C LEU A 34 13.67 -4.59 -3.54
N GLU A 35 13.69 -3.37 -3.02
CA GLU A 35 14.89 -2.55 -3.02
C GLU A 35 15.65 -2.68 -1.71
N PRO A 36 16.98 -2.70 -1.78
CA PRO A 36 17.84 -2.81 -0.60
C PRO A 36 17.81 -1.56 0.26
N GLY A 37 17.99 -0.40 -0.37
CA GLY A 37 17.99 0.85 0.36
C GLY A 37 16.97 1.84 -0.20
N PRO A 38 16.34 2.60 0.70
CA PRO A 38 15.33 3.60 0.32
C PRO A 38 15.93 4.79 -0.43
N SER A 39 15.35 5.12 -1.57
CA SER A 39 15.83 6.22 -2.38
C SER A 39 14.69 7.16 -2.76
N SER A 40 15.02 8.44 -2.93
CA SER A 40 14.03 9.44 -3.28
C SER A 40 13.30 9.06 -4.57
N TYR A 41 13.98 8.33 -5.43
CA TYR A 41 13.40 7.91 -6.71
C TYR A 41 12.46 6.73 -6.50
N ASP A 42 12.61 6.05 -5.36
CA ASP A 42 11.76 4.91 -5.04
C ASP A 42 10.46 5.36 -4.37
N PHE A 43 10.49 6.52 -3.75
CA PHE A 43 9.32 7.06 -3.07
C PHE A 43 8.66 8.14 -3.92
N HIS A 44 9.45 8.81 -4.75
CA HIS A 44 8.93 9.86 -5.61
C HIS A 44 7.75 9.37 -6.42
N GLN A 45 7.74 8.08 -6.73
CA GLN A 45 6.65 7.49 -7.50
C GLN A 45 5.67 6.77 -6.59
N LEU A 46 6.08 6.50 -5.35
CA LEU A 46 5.24 5.82 -4.38
C LEU A 46 4.28 6.80 -3.71
N LYS A 47 4.83 7.88 -3.17
CA LYS A 47 4.01 8.89 -2.50
C LYS A 47 3.07 9.58 -3.49
N LYS A 48 3.58 9.84 -4.69
CA LYS A 48 2.79 10.49 -5.73
C LYS A 48 1.63 9.58 -6.18
N PHE A 49 1.90 8.28 -6.21
CA PHE A 49 0.89 7.31 -6.63
C PHE A 49 -0.13 7.07 -5.51
N LEU A 50 0.39 6.84 -4.30
CA LEU A 50 -0.48 6.59 -3.15
C LEU A 50 -1.53 7.68 -3.01
N LYS A 51 -1.15 8.91 -3.35
CA LYS A 51 -2.06 10.04 -3.26
C LYS A 51 -3.30 9.81 -4.12
N ILE A 52 -3.12 9.11 -5.24
CA ILE A 52 -4.22 8.82 -6.16
C ILE A 52 -5.02 7.61 -5.68
N ALA A 53 -4.29 6.55 -5.32
CA ALA A 53 -4.94 5.32 -4.84
C ALA A 53 -5.85 5.60 -3.66
N LEU A 54 -5.54 6.67 -2.93
CA LEU A 54 -6.33 7.05 -1.76
C LEU A 54 -7.63 7.74 -2.19
N GLU A 55 -7.57 8.44 -3.32
CA GLU A 55 -8.74 9.15 -3.84
C GLU A 55 -9.95 8.22 -3.92
N THR A 56 -9.68 6.96 -4.27
CA THR A 56 -10.75 5.97 -4.40
C THR A 56 -10.71 4.97 -3.25
N PRO A 57 -11.47 5.26 -2.19
CA PRO A 57 -11.53 4.39 -1.01
C PRO A 57 -12.26 3.09 -1.29
N VAL A 58 -11.62 2.21 -2.07
CA VAL A 58 -12.20 0.92 -2.42
C VAL A 58 -11.43 -0.22 -1.75
N TRP A 59 -10.20 0.06 -1.34
CA TRP A 59 -9.37 -0.94 -0.70
C TRP A 59 -9.15 -0.60 0.77
N ILE A 60 -10.16 0.00 1.39
CA ILE A 60 -10.08 0.38 2.79
C ILE A 60 -10.72 -0.69 3.68
N CYS A 61 -12.03 -0.87 3.54
CA CYS A 61 -12.75 -1.86 4.32
C CYS A 61 -12.39 -3.28 3.89
N PRO A 62 -12.70 -3.60 2.62
CA PRO A 62 -12.42 -4.92 2.05
C PRO A 62 -10.93 -5.16 1.85
N ILE A 63 -10.17 -4.08 1.74
CA ILE A 63 -8.72 -4.17 1.54
C ILE A 63 -8.38 -5.08 0.36
N ASN A 64 -8.26 -4.47 -0.81
CA ASN A 64 -7.93 -5.21 -2.02
C ASN A 64 -6.59 -4.77 -2.59
N TYR A 65 -5.51 -5.31 -2.02
CA TYR A 65 -4.16 -4.97 -2.47
C TYR A 65 -4.01 -5.21 -3.96
N SER A 66 -4.56 -6.31 -4.44
CA SER A 66 -4.48 -6.66 -5.85
C SER A 66 -5.09 -5.56 -6.72
N LEU A 67 -6.05 -4.83 -6.15
CA LEU A 67 -6.72 -3.75 -6.86
C LEU A 67 -5.85 -2.50 -6.88
N LEU A 68 -5.08 -2.29 -5.82
CA LEU A 68 -4.21 -1.13 -5.72
C LEU A 68 -3.04 -1.25 -6.70
N ALA A 69 -2.71 -2.48 -7.07
CA ALA A 69 -1.62 -2.72 -8.00
C ALA A 69 -2.02 -2.38 -9.43
N SER A 70 -3.31 -2.15 -9.63
CA SER A 70 -3.83 -1.82 -10.95
C SER A 70 -4.29 -0.36 -11.01
N LEU A 71 -4.15 0.34 -9.90
CA LEU A 71 -4.55 1.74 -9.82
C LEU A 71 -3.52 2.64 -10.51
N LEU A 72 -2.41 2.05 -10.92
CA LEU A 72 -1.36 2.80 -11.60
C LEU A 72 -1.91 3.57 -12.79
N PRO A 73 -1.19 4.63 -13.20
CA PRO A 73 -1.59 5.48 -14.33
C PRO A 73 -1.46 4.75 -15.66
N LYS A 74 -0.29 4.17 -15.90
CA LYS A 74 -0.04 3.45 -17.14
C LYS A 74 1.40 2.93 -17.19
N GLY A 75 2.35 3.86 -17.31
CA GLY A 75 3.75 3.47 -17.36
C GLY A 75 4.30 3.13 -16.00
N TYR A 76 3.76 2.09 -15.38
CA TYR A 76 4.20 1.66 -14.07
C TYR A 76 4.26 0.13 -13.99
N PRO A 77 5.11 -0.47 -14.83
CA PRO A 77 5.30 -1.93 -14.87
C PRO A 77 6.00 -2.46 -13.64
N GLY A 78 6.63 -1.56 -12.88
CA GLY A 78 7.33 -1.96 -11.68
C GLY A 78 7.65 -0.79 -10.77
N ARG A 79 8.63 -0.97 -9.90
CA ARG A 79 9.03 0.09 -8.97
C ARG A 79 7.95 0.29 -7.90
N VAL A 80 6.81 0.85 -8.31
CA VAL A 80 5.71 1.10 -7.38
C VAL A 80 4.65 0.01 -7.48
N ASN A 81 4.27 -0.32 -8.72
CA ASN A 81 3.27 -1.36 -8.95
C ASN A 81 3.67 -2.67 -8.28
N GLU A 82 4.95 -3.01 -8.39
CA GLU A 82 5.46 -4.24 -7.80
C GLU A 82 5.22 -4.26 -6.30
N ILE A 83 5.40 -3.13 -5.65
CA ILE A 83 5.21 -3.01 -4.22
C ILE A 83 3.84 -3.57 -3.80
N LEU A 84 2.81 -3.17 -4.53
CA LEU A 84 1.45 -3.63 -4.24
C LEU A 84 1.33 -5.13 -4.46
N HIS A 85 2.16 -5.67 -5.34
CA HIS A 85 2.15 -7.10 -5.65
C HIS A 85 2.73 -7.90 -4.49
N ILE A 86 3.59 -7.26 -3.71
CA ILE A 86 4.22 -7.92 -2.57
C ILE A 86 3.24 -8.08 -1.42
N LEU A 87 2.40 -7.07 -1.22
CA LEU A 87 1.41 -7.09 -0.15
C LEU A 87 0.38 -8.21 -0.38
N ILE A 88 0.29 -8.66 -1.63
CA ILE A 88 -0.64 -9.73 -1.97
C ILE A 88 -0.11 -11.09 -1.56
N GLN A 89 1.21 -11.19 -1.45
CA GLN A 89 1.85 -12.44 -1.05
C GLN A 89 1.88 -12.59 0.46
N THR A 90 2.04 -11.46 1.16
CA THR A 90 2.08 -11.47 2.62
C THR A 90 0.69 -11.65 3.21
N GLN A 91 -0.32 -11.18 2.48
CA GLN A 91 -1.70 -11.28 2.94
C GLN A 91 -2.08 -12.73 3.19
N ALA A 92 -1.40 -13.65 2.50
CA ALA A 92 -1.67 -15.07 2.64
C ALA A 92 -1.05 -15.62 3.93
N GLN A 93 -1.45 -15.07 5.06
CA GLN A 93 -0.93 -15.49 6.36
C GLN A 93 -2.03 -15.51 7.41
N ILE A 94 -3.23 -15.90 7.01
CA ILE A 94 -4.36 -15.95 7.92
C ILE A 94 -4.45 -17.31 8.61
N PRO A 95 -4.61 -17.29 9.94
CA PRO A 95 -4.70 -18.51 10.75
C PRO A 95 -6.01 -19.27 10.51
N SER A 96 -6.05 -20.52 10.93
CA SER A 96 -7.24 -21.35 10.76
C SER A 96 -7.79 -21.78 12.11
N ARG A 97 -8.01 -20.82 12.99
CA ARG A 97 -8.54 -21.10 14.33
C ARG A 97 -9.77 -20.25 14.61
N PRO A 98 -10.96 -20.87 14.50
CA PRO A 98 -12.24 -20.20 14.75
C PRO A 98 -12.44 -19.85 16.21
N ALA A 99 -12.04 -20.76 17.09
CA ALA A 99 -12.17 -20.55 18.53
C ALA A 99 -13.63 -20.36 18.93
N HIS A 100 -14.46 -21.34 18.57
CA HIS A 100 -15.89 -21.30 18.88
C HIS A 100 -16.32 -22.54 19.66
N HIS A 101 -17.61 -22.63 19.95
CA HIS A 101 -18.15 -23.77 20.68
C HIS A 101 -19.67 -23.66 20.82
N HIS A 102 -20.35 -24.80 20.71
CA HIS A 102 -21.80 -24.83 20.82
C HIS A 102 -22.23 -25.24 22.22
N HIS A 103 -21.90 -26.47 22.60
CA HIS A 103 -22.26 -26.98 23.92
C HIS A 103 -21.46 -26.27 25.01
N HIS A 104 -22.16 -25.85 26.06
CA HIS A 104 -21.50 -25.15 27.17
C HIS A 104 -20.97 -26.15 28.20
N HIS A 105 -20.46 -25.63 29.31
CA HIS A 105 -19.92 -26.47 30.37
C HIS A 105 -21.03 -27.22 31.09
N MET A 1 -4.74 -18.96 25.13
CA MET A 1 -5.17 -18.24 23.94
C MET A 1 -4.93 -16.74 24.09
N GLY A 2 -4.89 -16.02 22.97
CA GLY A 2 -4.67 -14.60 23.00
C GLY A 2 -4.23 -14.04 21.67
N ARG A 3 -5.12 -14.08 20.69
CA ARG A 3 -4.82 -13.59 19.35
C ARG A 3 -6.03 -12.89 18.73
N ILE A 4 -6.88 -12.34 19.59
CA ILE A 4 -8.08 -11.65 19.13
C ILE A 4 -7.87 -10.14 19.08
N PHE A 5 -7.41 -9.58 20.19
CA PHE A 5 -7.15 -8.15 20.26
C PHE A 5 -5.67 -7.87 20.48
N SER A 6 -5.15 -6.87 19.77
CA SER A 6 -3.74 -6.50 19.87
C SER A 6 -3.47 -5.20 19.14
N ARG A 7 -2.93 -4.22 19.86
CA ARG A 7 -2.62 -2.92 19.28
C ARG A 7 -1.13 -2.61 19.40
N SER A 8 -0.55 -2.05 18.34
CA SER A 8 0.87 -1.71 18.33
C SER A 8 1.08 -0.24 17.99
N ALA A 9 2.20 0.31 18.44
CA ALA A 9 2.51 1.71 18.19
C ALA A 9 2.44 2.03 16.70
N SER A 10 3.41 1.52 15.94
CA SER A 10 3.46 1.76 14.51
C SER A 10 3.67 3.23 14.20
N PRO A 11 4.30 3.52 13.06
CA PRO A 11 4.59 4.89 12.63
C PRO A 11 3.33 5.65 12.22
N ILE A 12 2.97 6.65 13.01
CA ILE A 12 1.78 7.46 12.73
C ILE A 12 2.16 8.88 12.36
N PRO A 13 2.66 9.05 11.12
CA PRO A 13 3.07 10.36 10.60
C PRO A 13 1.87 11.28 10.35
N ARG A 14 0.85 10.75 9.68
CA ARG A 14 -0.34 11.52 9.37
C ARG A 14 -1.38 10.66 8.67
N PRO A 15 -1.78 9.56 9.33
CA PRO A 15 -2.78 8.63 8.78
C PRO A 15 -4.17 9.23 8.74
N PRO A 16 -4.69 9.46 7.52
CA PRO A 16 -6.02 10.03 7.31
C PRO A 16 -7.13 9.08 7.71
N ARG A 17 -8.38 9.48 7.44
CA ARG A 17 -9.53 8.65 7.77
C ARG A 17 -9.65 7.47 6.81
N GLY A 18 -9.30 7.71 5.54
CA GLY A 18 -9.38 6.66 4.55
C GLY A 18 -8.08 5.89 4.41
N LEU A 19 -7.24 5.96 5.44
CA LEU A 19 -5.95 5.27 5.42
C LEU A 19 -5.25 5.40 6.77
N ALA A 20 -4.94 4.28 7.39
CA ALA A 20 -4.26 4.27 8.68
C ALA A 20 -2.87 3.66 8.55
N ALA A 21 -2.09 3.75 9.63
CA ALA A 21 -0.74 3.20 9.65
C ALA A 21 -0.72 1.77 9.17
N HIS A 22 -1.71 0.98 9.61
CA HIS A 22 -1.80 -0.42 9.22
C HIS A 22 -1.72 -0.57 7.71
N HIS A 23 -2.28 0.39 7.00
CA HIS A 23 -2.27 0.37 5.53
C HIS A 23 -1.05 1.10 4.99
N TRP A 24 -0.84 2.32 5.46
CA TRP A 24 0.29 3.13 5.02
C TRP A 24 1.61 2.41 5.29
N LEU A 25 1.94 2.24 6.57
CA LEU A 25 3.17 1.57 6.96
C LEU A 25 3.32 0.24 6.24
N ASN A 26 2.18 -0.39 5.93
CA ASN A 26 2.19 -1.67 5.24
C ASN A 26 2.95 -1.58 3.92
N PHE A 27 2.77 -0.48 3.22
CA PHE A 27 3.44 -0.27 1.94
C PHE A 27 4.94 -0.05 2.15
N LEU A 28 5.29 0.79 3.10
CA LEU A 28 6.69 1.08 3.40
C LEU A 28 7.49 -0.21 3.58
N GLN A 29 6.82 -1.24 4.11
CA GLN A 29 7.47 -2.53 4.33
C GLN A 29 7.80 -3.21 3.01
N ALA A 30 6.78 -3.42 2.19
CA ALA A 30 6.96 -4.06 0.89
C ALA A 30 8.07 -3.38 0.10
N ALA A 31 8.10 -2.06 0.13
CA ALA A 31 9.11 -1.28 -0.57
C ALA A 31 10.51 -1.74 -0.19
N TYR A 32 10.65 -2.26 1.02
CA TYR A 32 11.95 -2.73 1.50
C TYR A 32 12.21 -4.17 1.07
N ARG A 33 11.13 -4.90 0.80
CA ARG A 33 11.24 -6.29 0.37
C ARG A 33 11.93 -6.38 -0.99
N LEU A 34 11.41 -5.65 -1.97
CA LEU A 34 11.97 -5.65 -3.31
C LEU A 34 13.45 -5.31 -3.29
N GLU A 35 13.77 -4.18 -2.66
CA GLU A 35 15.16 -3.74 -2.56
C GLU A 35 15.51 -3.36 -1.12
N PRO A 36 16.74 -3.72 -0.70
CA PRO A 36 17.22 -3.43 0.65
C PRO A 36 17.47 -1.95 0.88
N GLY A 37 18.20 -1.33 -0.04
CA GLY A 37 18.49 0.09 0.07
C GLY A 37 17.84 0.91 -1.03
N PRO A 38 16.58 1.34 -0.78
CA PRO A 38 15.82 2.14 -1.74
C PRO A 38 16.37 3.55 -1.89
N SER A 39 15.63 4.40 -2.59
CA SER A 39 16.06 5.78 -2.82
C SER A 39 14.86 6.70 -2.94
N SER A 40 15.11 8.01 -2.92
CA SER A 40 14.05 9.00 -3.03
C SER A 40 13.21 8.76 -4.27
N TYR A 41 13.87 8.43 -5.38
CA TYR A 41 13.18 8.18 -6.64
C TYR A 41 12.13 7.11 -6.48
N ASP A 42 12.33 6.23 -5.49
CA ASP A 42 11.39 5.14 -5.23
C ASP A 42 10.17 5.65 -4.47
N PHE A 43 10.36 6.72 -3.71
CA PHE A 43 9.27 7.31 -2.93
C PHE A 43 8.56 8.40 -3.71
N HIS A 44 9.27 8.98 -4.67
CA HIS A 44 8.70 10.04 -5.50
C HIS A 44 7.54 9.52 -6.33
N GLN A 45 7.56 8.22 -6.62
CA GLN A 45 6.51 7.60 -7.41
C GLN A 45 5.51 6.88 -6.51
N LEU A 46 5.92 6.59 -5.29
CA LEU A 46 5.07 5.90 -4.33
C LEU A 46 4.12 6.87 -3.64
N LYS A 47 4.68 7.93 -3.06
CA LYS A 47 3.89 8.94 -2.37
C LYS A 47 2.95 9.64 -3.35
N LYS A 48 3.42 9.86 -4.57
CA LYS A 48 2.62 10.52 -5.59
C LYS A 48 1.50 9.60 -6.08
N PHE A 49 1.81 8.31 -6.21
CA PHE A 49 0.83 7.34 -6.68
C PHE A 49 -0.22 7.07 -5.60
N LEU A 50 0.24 6.86 -4.37
CA LEU A 50 -0.65 6.59 -3.25
C LEU A 50 -1.76 7.65 -3.18
N LYS A 51 -1.40 8.90 -3.43
CA LYS A 51 -2.35 10.00 -3.40
C LYS A 51 -3.55 9.70 -4.30
N ILE A 52 -3.30 8.98 -5.39
CA ILE A 52 -4.36 8.63 -6.33
C ILE A 52 -5.14 7.42 -5.84
N ALA A 53 -4.42 6.43 -5.32
CA ALA A 53 -5.05 5.20 -4.82
C ALA A 53 -5.95 5.50 -3.62
N LEU A 54 -5.63 6.57 -2.90
CA LEU A 54 -6.40 6.97 -1.73
C LEU A 54 -7.70 7.64 -2.15
N GLU A 55 -7.65 8.40 -3.24
CA GLU A 55 -8.82 9.10 -3.74
C GLU A 55 -10.01 8.16 -3.88
N THR A 56 -9.71 6.90 -4.23
CA THR A 56 -10.76 5.90 -4.41
C THR A 56 -10.74 4.89 -3.26
N PRO A 57 -11.54 5.16 -2.22
CA PRO A 57 -11.62 4.29 -1.04
C PRO A 57 -12.33 2.97 -1.35
N VAL A 58 -11.66 2.12 -2.11
CA VAL A 58 -12.21 0.82 -2.48
C VAL A 58 -11.46 -0.32 -1.80
N TRP A 59 -10.23 -0.05 -1.38
CA TRP A 59 -9.40 -1.04 -0.72
C TRP A 59 -9.22 -0.71 0.76
N ILE A 60 -10.25 -0.11 1.36
CA ILE A 60 -10.20 0.26 2.76
C ILE A 60 -10.82 -0.82 3.64
N CYS A 61 -12.13 -1.03 3.47
CA CYS A 61 -12.84 -2.03 4.24
C CYS A 61 -12.46 -3.44 3.81
N PRO A 62 -12.73 -3.77 2.53
CA PRO A 62 -12.43 -5.08 1.97
C PRO A 62 -10.93 -5.30 1.79
N ILE A 63 -10.19 -4.20 1.70
CA ILE A 63 -8.74 -4.28 1.54
C ILE A 63 -8.36 -5.17 0.36
N ASN A 64 -8.24 -4.56 -0.81
CA ASN A 64 -7.89 -5.30 -2.03
C ASN A 64 -6.54 -4.83 -2.57
N TYR A 65 -5.47 -5.36 -1.98
CA TYR A 65 -4.11 -5.00 -2.41
C TYR A 65 -3.93 -5.23 -3.91
N SER A 66 -4.46 -6.35 -4.39
CA SER A 66 -4.36 -6.70 -5.81
C SER A 66 -4.96 -5.61 -6.68
N LEU A 67 -5.96 -4.91 -6.13
CA LEU A 67 -6.63 -3.84 -6.86
C LEU A 67 -5.78 -2.57 -6.88
N LEU A 68 -5.02 -2.35 -5.80
CA LEU A 68 -4.16 -1.18 -5.70
C LEU A 68 -2.99 -1.28 -6.67
N ALA A 69 -2.63 -2.51 -7.03
CA ALA A 69 -1.53 -2.74 -7.96
C ALA A 69 -1.92 -2.37 -9.39
N SER A 70 -3.22 -2.15 -9.60
CA SER A 70 -3.73 -1.80 -10.93
C SER A 70 -4.19 -0.35 -10.96
N LEU A 71 -4.03 0.34 -9.84
CA LEU A 71 -4.43 1.74 -9.73
C LEU A 71 -3.46 2.64 -10.51
N LEU A 72 -2.37 2.05 -10.99
CA LEU A 72 -1.38 2.78 -11.75
C LEU A 72 -2.04 3.59 -12.87
N PRO A 73 -1.34 4.64 -13.33
CA PRO A 73 -1.83 5.49 -14.41
C PRO A 73 -1.85 4.78 -15.77
N LYS A 74 -0.72 4.21 -16.14
CA LYS A 74 -0.61 3.49 -17.40
C LYS A 74 0.81 3.01 -17.64
N GLY A 75 1.73 3.95 -17.79
CA GLY A 75 3.13 3.60 -18.01
C GLY A 75 4.01 3.93 -16.81
N TYR A 76 3.97 3.07 -15.81
CA TYR A 76 4.77 3.27 -14.60
C TYR A 76 5.90 2.26 -14.52
N PRO A 77 7.02 2.57 -15.16
CA PRO A 77 8.21 1.71 -15.18
C PRO A 77 8.89 1.63 -13.81
N GLY A 78 8.52 2.55 -12.92
CA GLY A 78 9.11 2.57 -11.61
C GLY A 78 8.88 1.27 -10.84
N ARG A 79 9.23 1.27 -9.56
CA ARG A 79 9.07 0.09 -8.73
C ARG A 79 7.95 0.28 -7.71
N VAL A 80 6.87 0.92 -8.14
CA VAL A 80 5.73 1.18 -7.27
C VAL A 80 4.71 0.05 -7.37
N ASN A 81 4.40 -0.37 -8.59
CA ASN A 81 3.44 -1.44 -8.81
C ASN A 81 3.85 -2.71 -8.07
N GLU A 82 5.12 -3.08 -8.20
CA GLU A 82 5.65 -4.26 -7.54
C GLU A 82 5.33 -4.25 -6.05
N ILE A 83 5.51 -3.09 -5.43
CA ILE A 83 5.24 -2.94 -4.00
C ILE A 83 3.85 -3.44 -3.65
N LEU A 84 2.87 -3.09 -4.47
CA LEU A 84 1.49 -3.51 -4.25
C LEU A 84 1.34 -5.02 -4.43
N HIS A 85 2.20 -5.60 -5.25
CA HIS A 85 2.18 -7.04 -5.50
C HIS A 85 2.81 -7.81 -4.35
N ILE A 86 3.69 -7.14 -3.62
CA ILE A 86 4.37 -7.76 -2.49
C ILE A 86 3.44 -7.90 -1.30
N LEU A 87 2.39 -7.08 -1.27
CA LEU A 87 1.41 -7.12 -0.19
C LEU A 87 0.39 -8.23 -0.42
N ILE A 88 0.27 -8.68 -1.66
CA ILE A 88 -0.66 -9.74 -2.01
C ILE A 88 -0.16 -11.09 -1.50
N GLN A 89 1.15 -11.22 -1.34
CA GLN A 89 1.76 -12.46 -0.87
C GLN A 89 1.77 -12.51 0.65
N THR A 90 2.12 -11.39 1.28
CA THR A 90 2.17 -11.31 2.73
C THR A 90 0.78 -11.39 3.35
N GLN A 91 -0.24 -11.07 2.54
CA GLN A 91 -1.62 -11.11 3.01
C GLN A 91 -2.07 -12.54 3.24
N ALA A 92 -1.46 -13.48 2.54
CA ALA A 92 -1.79 -14.89 2.69
C ALA A 92 -1.41 -15.41 4.06
N GLN A 93 -0.42 -14.76 4.68
CA GLN A 93 0.04 -15.17 6.01
C GLN A 93 0.03 -13.98 6.97
N ILE A 94 -1.11 -13.77 7.62
CA ILE A 94 -1.25 -12.67 8.56
C ILE A 94 -0.77 -13.07 9.95
N PRO A 95 0.06 -12.22 10.56
CA PRO A 95 0.62 -12.47 11.89
C PRO A 95 -0.44 -12.36 12.99
N SER A 96 -0.24 -13.10 14.08
CA SER A 96 -1.17 -13.09 15.19
C SER A 96 -0.63 -13.90 16.36
N ARG A 97 0.33 -13.33 17.08
CA ARG A 97 0.93 -14.00 18.23
C ARG A 97 -0.13 -14.41 19.24
N PRO A 98 -0.19 -15.70 19.55
CA PRO A 98 -1.17 -16.25 20.51
C PRO A 98 -0.87 -15.82 21.94
N ALA A 99 0.42 -15.60 22.23
CA ALA A 99 0.84 -15.18 23.56
C ALA A 99 0.89 -13.67 23.67
N HIS A 100 -0.10 -13.08 24.35
CA HIS A 100 -0.16 -11.63 24.52
C HIS A 100 -1.00 -11.28 25.76
N HIS A 101 -0.43 -10.45 26.63
CA HIS A 101 -1.12 -10.03 27.84
C HIS A 101 -1.45 -8.55 27.78
N HIS A 102 -2.73 -8.22 27.97
CA HIS A 102 -3.19 -6.84 27.95
C HIS A 102 -4.55 -6.69 28.60
N HIS A 103 -4.91 -5.47 28.98
CA HIS A 103 -6.20 -5.20 29.61
C HIS A 103 -7.02 -4.23 28.77
N HIS A 104 -8.21 -4.66 28.37
CA HIS A 104 -9.09 -3.82 27.56
C HIS A 104 -10.51 -3.84 28.11
N HIS A 105 -10.93 -2.72 28.70
CA HIS A 105 -12.27 -2.62 29.26
C HIS A 105 -13.30 -2.34 28.18
N MET A 1 9.12 14.63 7.80
CA MET A 1 10.50 14.99 8.13
C MET A 1 10.58 15.58 9.53
N GLY A 2 11.47 15.05 10.35
CA GLY A 2 11.63 15.53 11.70
C GLY A 2 12.40 14.57 12.58
N ARG A 3 11.70 13.90 13.49
CA ARG A 3 12.32 12.96 14.40
C ARG A 3 11.28 12.04 15.03
N ILE A 4 11.24 10.79 14.57
CA ILE A 4 10.29 9.82 15.10
C ILE A 4 11.00 8.67 15.80
N PHE A 5 11.61 8.97 16.94
CA PHE A 5 12.33 7.96 17.71
C PHE A 5 11.59 7.65 19.02
N SER A 6 10.28 7.85 19.01
CA SER A 6 9.47 7.59 20.20
C SER A 6 7.99 7.46 19.82
N ARG A 7 7.18 7.06 20.79
CA ARG A 7 5.75 6.88 20.56
C ARG A 7 4.94 7.91 21.36
N SER A 8 4.97 7.78 22.68
CA SER A 8 4.24 8.70 23.56
C SER A 8 2.75 8.60 23.31
N ALA A 9 1.98 9.38 24.07
CA ALA A 9 0.52 9.38 23.93
C ALA A 9 0.06 10.52 23.03
N SER A 10 0.74 10.67 21.89
CA SER A 10 0.40 11.72 20.94
C SER A 10 -0.61 11.23 19.91
N PRO A 11 -1.32 12.17 19.27
CA PRO A 11 -2.32 11.85 18.26
C PRO A 11 -1.71 11.30 16.98
N ILE A 12 -0.46 11.68 16.72
CA ILE A 12 0.24 11.23 15.52
C ILE A 12 -0.50 11.65 14.25
N PRO A 13 -0.45 12.97 13.95
CA PRO A 13 -1.10 13.53 12.76
C PRO A 13 -0.42 13.09 11.47
N ARG A 14 -1.13 12.30 10.67
CA ARG A 14 -0.58 11.82 9.41
C ARG A 14 -1.59 10.91 8.70
N PRO A 15 -1.94 9.80 9.36
CA PRO A 15 -2.90 8.83 8.81
C PRO A 15 -4.33 9.37 8.77
N PRO A 16 -4.84 9.58 7.55
CA PRO A 16 -6.20 10.10 7.34
C PRO A 16 -7.27 9.10 7.74
N ARG A 17 -8.52 9.42 7.43
CA ARG A 17 -9.64 8.54 7.75
C ARG A 17 -9.70 7.37 6.78
N GLY A 18 -9.36 7.62 5.51
CA GLY A 18 -9.39 6.57 4.52
C GLY A 18 -8.05 5.86 4.38
N LEU A 19 -7.22 5.97 5.41
CA LEU A 19 -5.90 5.34 5.41
C LEU A 19 -5.21 5.51 6.75
N ALA A 20 -4.77 4.40 7.33
CA ALA A 20 -4.09 4.43 8.62
C ALA A 20 -2.72 3.75 8.52
N ALA A 21 -1.97 3.80 9.62
CA ALA A 21 -0.65 3.19 9.67
C ALA A 21 -0.70 1.74 9.17
N HIS A 22 -1.75 1.03 9.56
CA HIS A 22 -1.92 -0.37 9.17
C HIS A 22 -1.77 -0.52 7.65
N HIS A 23 -2.27 0.46 6.90
CA HIS A 23 -2.18 0.43 5.45
C HIS A 23 -0.93 1.16 4.96
N TRP A 24 -0.75 2.39 5.44
CA TRP A 24 0.41 3.18 5.04
C TRP A 24 1.71 2.45 5.37
N LEU A 25 1.99 2.26 6.65
CA LEU A 25 3.20 1.57 7.08
C LEU A 25 3.36 0.25 6.36
N ASN A 26 2.23 -0.37 6.01
CA ASN A 26 2.24 -1.65 5.31
C ASN A 26 3.00 -1.54 3.99
N PHE A 27 2.83 -0.41 3.32
CA PHE A 27 3.50 -0.18 2.04
C PHE A 27 5.00 0.01 2.23
N LEU A 28 5.35 0.85 3.20
CA LEU A 28 6.76 1.13 3.49
C LEU A 28 7.54 -0.17 3.67
N GLN A 29 6.89 -1.17 4.24
CA GLN A 29 7.52 -2.46 4.47
C GLN A 29 7.73 -3.22 3.16
N ALA A 30 6.66 -3.30 2.36
CA ALA A 30 6.73 -3.99 1.07
C ALA A 30 7.90 -3.48 0.24
N ALA A 31 8.08 -2.16 0.22
CA ALA A 31 9.15 -1.54 -0.54
C ALA A 31 10.51 -2.08 -0.11
N TYR A 32 10.61 -2.49 1.15
CA TYR A 32 11.84 -3.03 1.69
C TYR A 32 12.02 -4.49 1.30
N ARG A 33 10.91 -5.20 1.15
CA ARG A 33 10.93 -6.61 0.79
C ARG A 33 11.67 -6.81 -0.53
N LEU A 34 11.23 -6.11 -1.57
CA LEU A 34 11.84 -6.21 -2.89
C LEU A 34 13.31 -5.81 -2.84
N GLU A 35 13.93 -5.68 -4.00
CA GLU A 35 15.33 -5.30 -4.09
C GLU A 35 15.62 -4.05 -3.26
N PRO A 36 16.76 -4.05 -2.56
CA PRO A 36 17.17 -2.92 -1.72
C PRO A 36 17.54 -1.69 -2.54
N GLY A 37 18.11 -0.70 -1.87
CA GLY A 37 18.51 0.53 -2.55
C GLY A 37 17.41 1.58 -2.53
N PRO A 38 16.94 1.93 -1.33
CA PRO A 38 15.88 2.92 -1.16
C PRO A 38 16.35 4.33 -1.47
N SER A 39 15.70 4.96 -2.46
CA SER A 39 16.07 6.31 -2.87
C SER A 39 14.82 7.17 -3.07
N SER A 40 15.01 8.48 -3.14
CA SER A 40 13.90 9.41 -3.32
C SER A 40 13.14 9.10 -4.61
N TYR A 41 13.82 8.44 -5.54
CA TYR A 41 13.21 8.07 -6.81
C TYR A 41 12.28 6.88 -6.65
N ASP A 42 12.46 6.14 -5.56
CA ASP A 42 11.62 4.98 -5.28
C ASP A 42 10.36 5.38 -4.54
N PHE A 43 10.43 6.47 -3.80
CA PHE A 43 9.29 6.97 -3.04
C PHE A 43 8.57 8.08 -3.80
N HIS A 44 9.31 8.78 -4.64
CA HIS A 44 8.74 9.88 -5.43
C HIS A 44 7.54 9.39 -6.24
N GLN A 45 7.59 8.14 -6.67
CA GLN A 45 6.50 7.55 -7.45
C GLN A 45 5.52 6.82 -6.56
N LEU A 46 5.94 6.51 -5.33
CA LEU A 46 5.11 5.80 -4.38
C LEU A 46 4.15 6.77 -3.68
N LYS A 47 4.69 7.83 -3.10
CA LYS A 47 3.89 8.82 -2.41
C LYS A 47 2.94 9.51 -3.37
N LYS A 48 3.41 9.81 -4.57
CA LYS A 48 2.60 10.47 -5.58
C LYS A 48 1.48 9.55 -6.06
N PHE A 49 1.82 8.27 -6.24
CA PHE A 49 0.84 7.29 -6.70
C PHE A 49 -0.20 7.01 -5.62
N LEU A 50 0.26 6.82 -4.39
CA LEU A 50 -0.63 6.55 -3.26
C LEU A 50 -1.75 7.59 -3.19
N LYS A 51 -1.41 8.84 -3.49
CA LYS A 51 -2.38 9.92 -3.46
C LYS A 51 -3.57 9.61 -4.36
N ILE A 52 -3.30 8.98 -5.49
CA ILE A 52 -4.35 8.62 -6.44
C ILE A 52 -5.14 7.40 -5.95
N ALA A 53 -4.43 6.46 -5.34
CA ALA A 53 -5.05 5.25 -4.83
C ALA A 53 -5.94 5.55 -3.62
N LEU A 54 -5.61 6.62 -2.91
CA LEU A 54 -6.37 7.02 -1.73
C LEU A 54 -7.68 7.69 -2.14
N GLU A 55 -7.64 8.44 -3.24
CA GLU A 55 -8.82 9.13 -3.74
C GLU A 55 -10.01 8.18 -3.85
N THR A 56 -9.71 6.92 -4.18
CA THR A 56 -10.76 5.91 -4.33
C THR A 56 -10.71 4.91 -3.18
N PRO A 57 -11.49 5.19 -2.13
CA PRO A 57 -11.56 4.32 -0.95
C PRO A 57 -12.27 3.00 -1.23
N VAL A 58 -11.59 2.14 -1.99
CA VAL A 58 -12.16 0.84 -2.34
C VAL A 58 -11.37 -0.29 -1.67
N TRP A 59 -10.14 0.00 -1.28
CA TRP A 59 -9.29 -1.00 -0.63
C TRP A 59 -9.09 -0.64 0.84
N ILE A 60 -10.10 -0.04 1.45
CA ILE A 60 -10.02 0.33 2.86
C ILE A 60 -10.63 -0.74 3.75
N CYS A 61 -11.94 -0.95 3.61
CA CYS A 61 -12.63 -1.95 4.40
C CYS A 61 -12.26 -3.36 3.97
N PRO A 62 -12.56 -3.70 2.71
CA PRO A 62 -12.27 -5.01 2.13
C PRO A 62 -10.77 -5.22 1.94
N ILE A 63 -10.02 -4.13 1.84
CA ILE A 63 -8.58 -4.20 1.65
C ILE A 63 -8.23 -5.09 0.47
N ASN A 64 -8.15 -4.50 -0.72
CA ASN A 64 -7.82 -5.23 -1.93
C ASN A 64 -6.48 -4.78 -2.50
N TYR A 65 -5.40 -5.31 -1.94
CA TYR A 65 -4.06 -4.96 -2.38
C TYR A 65 -3.90 -5.19 -3.89
N SER A 66 -4.42 -6.33 -4.35
CA SER A 66 -4.34 -6.67 -5.77
C SER A 66 -4.96 -5.57 -6.63
N LEU A 67 -5.95 -4.89 -6.08
CA LEU A 67 -6.64 -3.82 -6.80
C LEU A 67 -5.78 -2.55 -6.83
N LEU A 68 -5.01 -2.33 -5.77
CA LEU A 68 -4.13 -1.17 -5.68
C LEU A 68 -2.98 -1.28 -6.67
N ALA A 69 -2.63 -2.50 -7.05
CA ALA A 69 -1.55 -2.74 -7.98
C ALA A 69 -1.96 -2.37 -9.41
N SER A 70 -3.26 -2.16 -9.60
CA SER A 70 -3.79 -1.80 -10.91
C SER A 70 -4.25 -0.35 -10.94
N LEU A 71 -4.08 0.33 -9.81
CA LEU A 71 -4.48 1.74 -9.70
C LEU A 71 -3.53 2.64 -10.49
N LEU A 72 -2.44 2.05 -10.99
CA LEU A 72 -1.46 2.80 -11.76
C LEU A 72 -2.13 3.61 -12.86
N PRO A 73 -1.44 4.66 -13.33
CA PRO A 73 -1.95 5.54 -14.39
C PRO A 73 -2.01 4.84 -15.74
N LYS A 74 -0.88 4.26 -16.15
CA LYS A 74 -0.80 3.55 -17.43
C LYS A 74 0.63 3.08 -17.69
N GLY A 75 1.54 4.02 -17.84
CA GLY A 75 2.94 3.67 -18.10
C GLY A 75 3.84 3.98 -16.92
N TYR A 76 3.82 3.11 -15.92
CA TYR A 76 4.64 3.29 -14.73
C TYR A 76 5.77 2.28 -14.68
N PRO A 77 6.88 2.60 -15.36
CA PRO A 77 8.07 1.72 -15.41
C PRO A 77 8.79 1.66 -14.06
N GLY A 78 8.44 2.56 -13.15
CA GLY A 78 9.06 2.58 -11.85
C GLY A 78 8.85 1.29 -11.09
N ARG A 79 9.21 1.28 -9.81
CA ARG A 79 9.06 0.09 -8.97
C ARG A 79 7.98 0.32 -7.93
N VAL A 80 6.85 0.86 -8.34
CA VAL A 80 5.73 1.12 -7.43
C VAL A 80 4.70 0.00 -7.49
N ASN A 81 4.36 -0.42 -8.71
CA ASN A 81 3.38 -1.49 -8.91
C ASN A 81 3.81 -2.75 -8.18
N GLU A 82 5.07 -3.12 -8.35
CA GLU A 82 5.61 -4.33 -7.70
C GLU A 82 5.33 -4.31 -6.20
N ILE A 83 5.54 -3.16 -5.58
CA ILE A 83 5.31 -3.00 -4.15
C ILE A 83 3.92 -3.50 -3.76
N LEU A 84 2.93 -3.15 -4.58
CA LEU A 84 1.56 -3.55 -4.33
C LEU A 84 1.39 -5.06 -4.49
N HIS A 85 2.21 -5.64 -5.35
CA HIS A 85 2.15 -7.08 -5.60
C HIS A 85 2.79 -7.86 -4.45
N ILE A 86 3.69 -7.21 -3.73
CA ILE A 86 4.37 -7.84 -2.60
C ILE A 86 3.44 -7.97 -1.40
N LEU A 87 2.45 -7.08 -1.33
CA LEU A 87 1.49 -7.11 -0.24
C LEU A 87 0.45 -8.22 -0.44
N ILE A 88 0.35 -8.69 -1.68
CA ILE A 88 -0.60 -9.75 -2.00
C ILE A 88 -0.11 -11.11 -1.52
N GLN A 89 1.21 -11.24 -1.39
CA GLN A 89 1.81 -12.49 -0.92
C GLN A 89 1.85 -12.54 0.60
N THR A 90 2.20 -11.42 1.22
CA THR A 90 2.27 -11.34 2.67
C THR A 90 0.90 -11.45 3.30
N GLN A 91 -0.14 -11.12 2.52
CA GLN A 91 -1.51 -11.18 3.00
C GLN A 91 -1.94 -12.62 3.26
N ALA A 92 -1.31 -13.55 2.53
CA ALA A 92 -1.63 -14.97 2.67
C ALA A 92 -1.18 -15.50 4.03
N GLN A 93 -0.19 -14.84 4.62
CA GLN A 93 0.34 -15.23 5.92
C GLN A 93 -0.78 -15.31 6.96
N ILE A 94 -1.81 -14.48 6.77
CA ILE A 94 -2.94 -14.46 7.69
C ILE A 94 -4.21 -14.97 7.02
N PRO A 95 -5.12 -15.54 7.83
CA PRO A 95 -6.38 -16.08 7.33
C PRO A 95 -7.34 -14.98 6.87
N SER A 96 -7.49 -14.85 5.55
CA SER A 96 -8.37 -13.83 4.98
C SER A 96 -8.56 -14.06 3.48
N ARG A 97 -8.64 -15.32 3.09
CA ARG A 97 -8.82 -15.67 1.69
C ARG A 97 -9.40 -17.08 1.55
N PRO A 98 -10.30 -17.25 0.56
CA PRO A 98 -10.95 -18.54 0.30
C PRO A 98 -9.98 -19.58 -0.26
N ALA A 99 -8.77 -19.14 -0.58
CA ALA A 99 -7.75 -20.03 -1.12
C ALA A 99 -7.14 -20.90 -0.02
N HIS A 100 -6.58 -22.05 -0.40
CA HIS A 100 -5.97 -22.95 0.57
C HIS A 100 -4.85 -22.27 1.33
N HIS A 101 -4.53 -22.78 2.51
CA HIS A 101 -3.48 -22.21 3.34
C HIS A 101 -2.10 -22.55 2.78
N HIS A 102 -1.06 -22.00 3.39
CA HIS A 102 0.31 -22.24 2.95
C HIS A 102 0.81 -23.59 3.47
N HIS A 103 1.46 -24.34 2.58
CA HIS A 103 1.99 -25.66 2.95
C HIS A 103 3.51 -25.67 2.86
N HIS A 104 4.11 -26.77 3.28
CA HIS A 104 5.56 -26.92 3.26
C HIS A 104 6.04 -27.41 1.89
N HIS A 105 5.52 -28.56 1.47
CA HIS A 105 5.89 -29.14 0.19
C HIS A 105 4.65 -29.40 -0.67
N MET A 1 -19.35 12.19 -0.18
CA MET A 1 -18.17 11.35 -0.05
C MET A 1 -16.89 12.17 -0.19
N GLY A 2 -16.76 12.85 -1.34
CA GLY A 2 -15.58 13.66 -1.57
C GLY A 2 -15.69 14.48 -2.85
N ARG A 3 -16.46 15.56 -2.79
CA ARG A 3 -16.65 16.43 -3.94
C ARG A 3 -15.88 17.73 -3.78
N ILE A 4 -15.13 18.11 -4.82
CA ILE A 4 -14.34 19.33 -4.79
C ILE A 4 -13.35 19.33 -3.63
N PHE A 5 -12.24 18.61 -3.81
CA PHE A 5 -11.21 18.52 -2.78
C PHE A 5 -9.82 18.44 -3.40
N SER A 6 -9.68 17.58 -4.40
CA SER A 6 -8.40 17.39 -5.07
C SER A 6 -7.98 18.67 -5.79
N ARG A 7 -6.95 19.33 -5.26
CA ARG A 7 -6.45 20.56 -5.85
C ARG A 7 -5.00 20.82 -5.42
N SER A 8 -4.80 21.04 -4.12
CA SER A 8 -3.48 21.30 -3.59
C SER A 8 -2.79 20.00 -3.18
N ALA A 9 -3.59 19.05 -2.70
CA ALA A 9 -3.06 17.76 -2.27
C ALA A 9 -2.25 17.90 -0.98
N SER A 10 -1.05 18.46 -1.10
CA SER A 10 -0.19 18.65 0.06
C SER A 10 0.21 17.30 0.66
N PRO A 11 1.31 17.29 1.44
CA PRO A 11 1.82 16.09 2.09
C PRO A 11 0.91 15.61 3.22
N ILE A 12 0.67 14.31 3.26
CA ILE A 12 -0.19 13.72 4.28
C ILE A 12 0.60 12.75 5.16
N PRO A 13 1.35 13.30 6.13
CA PRO A 13 2.16 12.49 7.05
C PRO A 13 1.30 11.70 8.03
N ARG A 14 0.23 12.33 8.52
CA ARG A 14 -0.67 11.69 9.47
C ARG A 14 -1.66 10.79 8.74
N PRO A 15 -2.01 9.66 9.38
CA PRO A 15 -2.95 8.69 8.81
C PRO A 15 -4.38 9.23 8.79
N PRO A 16 -4.91 9.45 7.57
CA PRO A 16 -6.27 9.96 7.38
C PRO A 16 -7.33 8.94 7.75
N ARG A 17 -8.59 9.27 7.48
CA ARG A 17 -9.69 8.38 7.78
C ARG A 17 -9.76 7.22 6.78
N GLY A 18 -9.43 7.51 5.53
CA GLY A 18 -9.46 6.48 4.51
C GLY A 18 -8.11 5.80 4.34
N LEU A 19 -7.27 5.88 5.37
CA LEU A 19 -5.95 5.27 5.34
C LEU A 19 -5.24 5.41 6.68
N ALA A 20 -4.82 4.30 7.24
CA ALA A 20 -4.13 4.30 8.53
C ALA A 20 -2.78 3.59 8.43
N ALA A 21 -2.03 3.58 9.53
CA ALA A 21 -0.73 2.95 9.57
C ALA A 21 -0.80 1.52 9.04
N HIS A 22 -1.88 0.82 9.39
CA HIS A 22 -2.06 -0.56 8.94
C HIS A 22 -1.91 -0.67 7.43
N HIS A 23 -2.38 0.35 6.72
CA HIS A 23 -2.29 0.37 5.26
C HIS A 23 -1.03 1.08 4.80
N TRP A 24 -0.84 2.31 5.28
CA TRP A 24 0.33 3.10 4.92
C TRP A 24 1.62 2.35 5.24
N LEU A 25 1.86 2.13 6.53
CA LEU A 25 3.06 1.43 6.97
C LEU A 25 3.23 0.11 6.21
N ASN A 26 2.10 -0.52 5.88
CA ASN A 26 2.12 -1.79 5.15
C ASN A 26 2.90 -1.65 3.84
N PHE A 27 2.79 -0.49 3.21
CA PHE A 27 3.48 -0.23 1.96
C PHE A 27 4.97 -0.01 2.19
N LEU A 28 5.29 0.80 3.20
CA LEU A 28 6.68 1.09 3.53
C LEU A 28 7.49 -0.19 3.69
N GLN A 29 6.83 -1.24 4.15
CA GLN A 29 7.49 -2.53 4.34
C GLN A 29 7.74 -3.22 3.00
N ALA A 30 6.69 -3.38 2.22
CA ALA A 30 6.80 -4.02 0.91
C ALA A 30 7.90 -3.38 0.07
N ALA A 31 7.97 -2.05 0.11
CA ALA A 31 8.97 -1.31 -0.64
C ALA A 31 10.37 -1.79 -0.30
N TYR A 32 10.54 -2.30 0.92
CA TYR A 32 11.84 -2.80 1.37
C TYR A 32 12.07 -4.23 0.90
N ARG A 33 10.98 -4.94 0.62
CA ARG A 33 11.07 -6.32 0.16
C ARG A 33 11.79 -6.40 -1.19
N LEU A 34 11.29 -5.65 -2.16
CA LEU A 34 11.89 -5.63 -3.49
C LEU A 34 13.37 -5.27 -3.43
N GLU A 35 13.67 -4.14 -2.78
CA GLU A 35 15.04 -3.69 -2.65
C GLU A 35 15.37 -3.38 -1.19
N PRO A 36 16.59 -3.75 -0.77
CA PRO A 36 17.06 -3.53 0.60
C PRO A 36 17.29 -2.05 0.90
N GLY A 37 18.02 -1.38 0.02
CA GLY A 37 18.31 0.03 0.22
C GLY A 37 17.69 0.90 -0.87
N PRO A 38 16.43 1.30 -0.65
CA PRO A 38 15.70 2.15 -1.60
C PRO A 38 16.26 3.57 -1.67
N SER A 39 15.54 4.45 -2.36
CA SER A 39 15.97 5.84 -2.50
C SER A 39 14.77 6.76 -2.68
N SER A 40 15.00 8.06 -2.61
CA SER A 40 13.94 9.05 -2.76
C SER A 40 13.17 8.81 -4.06
N TYR A 41 13.90 8.49 -5.11
CA TYR A 41 13.28 8.23 -6.41
C TYR A 41 12.20 7.15 -6.31
N ASP A 42 12.35 6.28 -5.32
CA ASP A 42 11.40 5.20 -5.11
C ASP A 42 10.16 5.69 -4.37
N PHE A 43 10.33 6.76 -3.60
CA PHE A 43 9.22 7.33 -2.84
C PHE A 43 8.52 8.42 -3.64
N HIS A 44 9.25 9.00 -4.59
CA HIS A 44 8.69 10.06 -5.43
C HIS A 44 7.55 9.54 -6.29
N GLN A 45 7.56 8.24 -6.57
CA GLN A 45 6.53 7.61 -7.37
C GLN A 45 5.52 6.87 -6.49
N LEU A 46 5.93 6.57 -5.26
CA LEU A 46 5.06 5.87 -4.33
C LEU A 46 4.10 6.83 -3.65
N LYS A 47 4.64 7.89 -3.06
CA LYS A 47 3.83 8.90 -2.38
C LYS A 47 2.91 9.61 -3.36
N LYS A 48 3.43 9.87 -4.57
CA LYS A 48 2.65 10.55 -5.60
C LYS A 48 1.52 9.65 -6.11
N PHE A 49 1.78 8.35 -6.17
CA PHE A 49 0.80 7.39 -6.64
C PHE A 49 -0.25 7.12 -5.57
N LEU A 50 0.22 6.87 -4.35
CA LEU A 50 -0.68 6.59 -3.23
C LEU A 50 -1.75 7.67 -3.10
N LYS A 51 -1.37 8.91 -3.40
CA LYS A 51 -2.30 10.03 -3.33
C LYS A 51 -3.51 9.79 -4.22
N ILE A 52 -3.28 9.13 -5.36
CA ILE A 52 -4.35 8.83 -6.30
C ILE A 52 -5.16 7.62 -5.86
N ALA A 53 -4.46 6.59 -5.39
CA ALA A 53 -5.11 5.37 -4.92
C ALA A 53 -6.01 5.65 -3.72
N LEU A 54 -5.70 6.72 -2.99
CA LEU A 54 -6.47 7.10 -1.81
C LEU A 54 -7.78 7.77 -2.21
N GLU A 55 -7.74 8.51 -3.31
CA GLU A 55 -8.93 9.20 -3.81
C GLU A 55 -10.11 8.25 -3.92
N THR A 56 -9.82 7.00 -4.28
CA THR A 56 -10.85 5.98 -4.44
C THR A 56 -10.81 4.98 -3.30
N PRO A 57 -11.57 5.24 -2.24
CA PRO A 57 -11.63 4.35 -1.07
C PRO A 57 -12.33 3.03 -1.37
N VAL A 58 -11.67 2.19 -2.15
CA VAL A 58 -12.23 0.89 -2.52
C VAL A 58 -11.45 -0.25 -1.86
N TRP A 59 -10.22 0.04 -1.46
CA TRP A 59 -9.37 -0.95 -0.82
C TRP A 59 -9.16 -0.63 0.65
N ILE A 60 -10.18 -0.04 1.27
CA ILE A 60 -10.10 0.33 2.68
C ILE A 60 -10.72 -0.76 3.57
N CYS A 61 -12.02 -0.97 3.42
CA CYS A 61 -12.73 -1.98 4.20
C CYS A 61 -12.35 -3.38 3.74
N PRO A 62 -12.65 -3.69 2.47
CA PRO A 62 -12.36 -5.01 1.89
C PRO A 62 -10.86 -5.22 1.69
N ILE A 63 -10.12 -4.13 1.58
CA ILE A 63 -8.68 -4.20 1.39
C ILE A 63 -8.33 -5.08 0.19
N ASN A 64 -8.23 -4.47 -0.98
CA ASN A 64 -7.90 -5.20 -2.20
C ASN A 64 -6.55 -4.75 -2.76
N TYR A 65 -5.47 -5.27 -2.19
CA TYR A 65 -4.13 -4.92 -2.63
C TYR A 65 -3.98 -5.13 -4.13
N SER A 66 -4.50 -6.25 -4.62
CA SER A 66 -4.43 -6.58 -6.04
C SER A 66 -5.04 -5.46 -6.89
N LEU A 67 -6.02 -4.77 -6.32
CA LEU A 67 -6.69 -3.68 -7.02
C LEU A 67 -5.84 -2.42 -7.02
N LEU A 68 -5.08 -2.23 -5.96
CA LEU A 68 -4.21 -1.07 -5.83
C LEU A 68 -3.03 -1.16 -6.80
N ALA A 69 -2.69 -2.38 -7.19
CA ALA A 69 -1.59 -2.61 -8.11
C ALA A 69 -1.99 -2.28 -9.54
N SER A 70 -3.29 -2.03 -9.75
CA SER A 70 -3.80 -1.70 -11.06
C SER A 70 -4.27 -0.25 -11.13
N LEU A 71 -4.12 0.45 -10.01
CA LEU A 71 -4.51 1.86 -9.94
C LEU A 71 -3.49 2.76 -10.61
N LEU A 72 -2.37 2.16 -11.02
CA LEU A 72 -1.30 2.91 -11.68
C LEU A 72 -1.84 3.70 -12.87
N PRO A 73 -1.11 4.76 -13.25
CA PRO A 73 -1.50 5.62 -14.38
C PRO A 73 -1.35 4.90 -15.72
N LYS A 74 -0.18 4.32 -15.95
CA LYS A 74 0.08 3.61 -17.20
C LYS A 74 1.52 3.09 -17.23
N GLY A 75 2.48 4.00 -17.35
CA GLY A 75 3.88 3.61 -17.39
C GLY A 75 4.42 3.26 -16.02
N TYR A 76 3.85 2.22 -15.40
CA TYR A 76 4.28 1.79 -14.09
C TYR A 76 4.34 0.26 -14.01
N PRO A 77 5.22 -0.33 -14.84
CA PRO A 77 5.41 -1.79 -14.88
C PRO A 77 6.08 -2.32 -13.63
N GLY A 78 6.69 -1.43 -12.86
CA GLY A 78 7.36 -1.83 -11.64
C GLY A 78 7.68 -0.66 -10.72
N ARG A 79 8.65 -0.84 -9.84
CA ARG A 79 9.03 0.22 -8.91
C ARG A 79 7.96 0.42 -7.84
N VAL A 80 6.83 0.96 -8.26
CA VAL A 80 5.72 1.21 -7.34
C VAL A 80 4.67 0.11 -7.42
N ASN A 81 4.29 -0.25 -8.65
CA ASN A 81 3.30 -1.28 -8.87
C ASN A 81 3.70 -2.58 -8.16
N GLU A 82 4.96 -2.97 -8.32
CA GLU A 82 5.47 -4.18 -7.70
C GLU A 82 5.19 -4.20 -6.20
N ILE A 83 5.39 -3.06 -5.56
CA ILE A 83 5.16 -2.93 -4.13
C ILE A 83 3.75 -3.40 -3.76
N LEU A 84 2.79 -3.08 -4.62
CA LEU A 84 1.40 -3.46 -4.38
C LEU A 84 1.21 -4.97 -4.57
N HIS A 85 2.06 -5.57 -5.41
CA HIS A 85 1.99 -7.00 -5.67
C HIS A 85 2.65 -7.78 -4.54
N ILE A 86 3.58 -7.15 -3.84
CA ILE A 86 4.27 -7.80 -2.74
C ILE A 86 3.36 -7.95 -1.53
N LEU A 87 2.31 -7.13 -1.47
CA LEU A 87 1.36 -7.17 -0.37
C LEU A 87 0.32 -8.26 -0.59
N ILE A 88 0.22 -8.72 -1.83
CA ILE A 88 -0.74 -9.76 -2.19
C ILE A 88 -0.27 -11.13 -1.72
N GLN A 89 1.06 -11.28 -1.61
CA GLN A 89 1.64 -12.55 -1.17
C GLN A 89 1.69 -12.62 0.35
N THR A 90 2.04 -11.51 0.98
CA THR A 90 2.12 -11.45 2.44
C THR A 90 0.73 -11.53 3.08
N GLN A 91 -0.29 -11.16 2.31
CA GLN A 91 -1.66 -11.19 2.80
C GLN A 91 -2.10 -12.61 3.09
N ALA A 92 -1.48 -13.58 2.42
CA ALA A 92 -1.81 -14.98 2.61
C ALA A 92 -0.90 -15.61 3.67
N GLN A 93 -0.68 -14.90 4.76
CA GLN A 93 0.17 -15.38 5.85
C GLN A 93 -0.41 -15.01 7.20
N ILE A 94 -1.74 -14.96 7.28
CA ILE A 94 -2.41 -14.61 8.53
C ILE A 94 -3.24 -15.78 9.05
N PRO A 95 -3.38 -15.86 10.38
CA PRO A 95 -4.14 -16.92 11.04
C PRO A 95 -5.65 -16.79 10.79
N SER A 96 -6.12 -17.40 9.71
CA SER A 96 -7.53 -17.35 9.36
C SER A 96 -7.84 -18.28 8.19
N ARG A 97 -7.69 -19.58 8.43
CA ARG A 97 -7.96 -20.58 7.39
C ARG A 97 -9.37 -20.43 6.83
N PRO A 98 -9.46 -20.21 5.51
CA PRO A 98 -10.75 -20.05 4.83
C PRO A 98 -11.54 -21.34 4.77
N ALA A 99 -10.84 -22.47 4.74
CA ALA A 99 -11.48 -23.77 4.69
C ALA A 99 -12.29 -23.94 3.40
N HIS A 100 -12.63 -25.18 3.08
CA HIS A 100 -13.40 -25.47 1.88
C HIS A 100 -12.70 -24.92 0.64
N HIS A 101 -11.40 -25.20 0.51
CA HIS A 101 -10.63 -24.72 -0.62
C HIS A 101 -9.36 -25.56 -0.80
N HIS A 102 -8.94 -25.72 -2.05
CA HIS A 102 -7.74 -26.49 -2.35
C HIS A 102 -6.51 -25.59 -2.43
N HIS A 103 -5.67 -25.68 -1.40
CA HIS A 103 -4.45 -24.87 -1.34
C HIS A 103 -3.49 -25.41 -0.29
N HIS A 104 -2.25 -25.63 -0.68
CA HIS A 104 -1.23 -26.14 0.24
C HIS A 104 0.15 -25.57 -0.10
N HIS A 105 0.25 -24.24 -0.12
CA HIS A 105 1.51 -23.58 -0.43
C HIS A 105 1.62 -22.24 0.29
N MET A 1 -29.07 12.48 -14.81
CA MET A 1 -28.36 12.96 -13.63
C MET A 1 -26.87 13.13 -13.93
N GLY A 2 -26.17 12.00 -14.05
CA GLY A 2 -24.75 12.04 -14.34
C GLY A 2 -23.91 11.60 -13.16
N ARG A 3 -22.64 11.30 -13.41
CA ARG A 3 -21.73 10.86 -12.36
C ARG A 3 -20.86 12.02 -11.89
N ILE A 4 -20.23 11.84 -10.73
CA ILE A 4 -19.36 12.87 -10.16
C ILE A 4 -18.10 12.27 -9.56
N PHE A 5 -17.07 12.12 -10.37
CA PHE A 5 -15.81 11.55 -9.94
C PHE A 5 -14.89 12.64 -9.38
N SER A 6 -14.32 13.44 -10.27
CA SER A 6 -13.42 14.52 -9.86
C SER A 6 -12.30 13.98 -8.96
N ARG A 7 -11.52 14.89 -8.39
CA ARG A 7 -10.42 14.51 -7.51
C ARG A 7 -10.89 14.42 -6.06
N SER A 8 -9.95 14.16 -5.16
CA SER A 8 -10.27 14.04 -3.74
C SER A 8 -9.58 15.14 -2.94
N ALA A 9 -8.27 15.30 -3.16
CA ALA A 9 -7.50 16.31 -2.45
C ALA A 9 -7.46 16.03 -0.95
N SER A 10 -6.59 15.12 -0.55
CA SER A 10 -6.47 14.75 0.87
C SER A 10 -5.14 15.25 1.44
N PRO A 11 -5.06 16.56 1.72
CA PRO A 11 -3.87 17.19 2.26
C PRO A 11 -3.60 16.76 3.70
N ILE A 12 -2.68 17.46 4.37
CA ILE A 12 -2.33 17.17 5.75
C ILE A 12 -1.67 15.80 5.87
N PRO A 13 -0.54 15.76 6.58
CA PRO A 13 0.22 14.52 6.79
C PRO A 13 -0.51 13.54 7.69
N ARG A 14 0.21 12.52 8.16
CA ARG A 14 -0.37 11.51 9.03
C ARG A 14 -1.44 10.71 8.30
N PRO A 15 -1.76 9.52 8.83
CA PRO A 15 -2.76 8.63 8.24
C PRO A 15 -4.18 9.19 8.40
N PRO A 16 -4.86 9.37 7.25
CA PRO A 16 -6.24 9.90 7.23
C PRO A 16 -7.24 8.90 7.80
N ARG A 17 -8.53 9.22 7.63
CA ARG A 17 -9.59 8.35 8.12
C ARG A 17 -9.74 7.11 7.25
N GLY A 18 -9.52 7.28 5.95
CA GLY A 18 -9.63 6.17 5.03
C GLY A 18 -8.31 5.45 4.82
N LEU A 19 -7.38 5.63 5.76
CA LEU A 19 -6.08 5.00 5.67
C LEU A 19 -5.32 5.12 6.99
N ALA A 20 -4.96 3.97 7.57
CA ALA A 20 -4.23 3.95 8.83
C ALA A 20 -2.82 3.39 8.64
N ALA A 21 -2.02 3.47 9.70
CA ALA A 21 -0.65 2.97 9.65
C ALA A 21 -0.61 1.54 9.11
N HIS A 22 -1.54 0.71 9.56
CA HIS A 22 -1.60 -0.68 9.12
C HIS A 22 -1.57 -0.78 7.60
N HIS A 23 -2.18 0.21 6.94
CA HIS A 23 -2.22 0.25 5.48
C HIS A 23 -1.04 1.04 4.92
N TRP A 24 -0.87 2.25 5.43
CA TRP A 24 0.22 3.12 4.97
C TRP A 24 1.57 2.45 5.19
N LEU A 25 1.93 2.25 6.45
CA LEU A 25 3.20 1.61 6.79
C LEU A 25 3.39 0.32 6.03
N ASN A 26 2.27 -0.34 5.71
CA ASN A 26 2.32 -1.60 4.97
C ASN A 26 3.10 -1.45 3.67
N PHE A 27 2.79 -0.39 2.92
CA PHE A 27 3.48 -0.12 1.66
C PHE A 27 4.97 0.06 1.87
N LEU A 28 5.33 0.90 2.83
CA LEU A 28 6.73 1.17 3.15
C LEU A 28 7.50 -0.13 3.36
N GLN A 29 6.84 -1.11 3.97
CA GLN A 29 7.46 -2.40 4.23
C GLN A 29 7.75 -3.14 2.92
N ALA A 30 6.74 -3.28 2.08
CA ALA A 30 6.89 -3.96 0.81
C ALA A 30 8.02 -3.34 -0.01
N ALA A 31 8.03 -2.02 -0.09
CA ALA A 31 9.06 -1.30 -0.83
C ALA A 31 10.45 -1.69 -0.35
N TYR A 32 10.55 -2.14 0.89
CA TYR A 32 11.83 -2.53 1.47
C TYR A 32 12.15 -3.98 1.12
N ARG A 33 11.11 -4.76 0.83
CA ARG A 33 11.29 -6.16 0.49
C ARG A 33 12.07 -6.32 -0.80
N LEU A 34 11.60 -5.67 -1.87
CA LEU A 34 12.26 -5.73 -3.17
C LEU A 34 13.73 -5.37 -3.04
N GLU A 35 14.00 -4.20 -2.46
CA GLU A 35 15.37 -3.74 -2.27
C GLU A 35 15.61 -3.29 -0.84
N PRO A 36 16.79 -3.61 -0.31
CA PRO A 36 17.17 -3.24 1.06
C PRO A 36 17.40 -1.75 1.23
N GLY A 37 18.20 -1.17 0.33
CA GLY A 37 18.48 0.26 0.39
C GLY A 37 17.88 1.01 -0.79
N PRO A 38 16.62 1.43 -0.65
CA PRO A 38 15.92 2.18 -1.69
C PRO A 38 16.47 3.58 -1.88
N SER A 39 15.78 4.39 -2.67
CA SER A 39 16.20 5.76 -2.94
C SER A 39 15.00 6.69 -3.08
N SER A 40 15.25 7.99 -2.99
CA SER A 40 14.18 8.98 -3.11
C SER A 40 13.37 8.76 -4.38
N TYR A 41 14.07 8.46 -5.47
CA TYR A 41 13.41 8.23 -6.76
C TYR A 41 12.36 7.14 -6.64
N ASP A 42 12.55 6.24 -5.68
CA ASP A 42 11.62 5.14 -5.46
C ASP A 42 10.38 5.62 -4.71
N PHE A 43 10.54 6.67 -3.92
CA PHE A 43 9.43 7.24 -3.14
C PHE A 43 8.72 8.33 -3.93
N HIS A 44 9.44 8.93 -4.88
CA HIS A 44 8.88 10.00 -5.69
C HIS A 44 7.68 9.49 -6.49
N GLN A 45 7.65 8.19 -6.75
CA GLN A 45 6.56 7.58 -7.50
C GLN A 45 5.61 6.84 -6.58
N LEU A 46 6.07 6.55 -5.36
CA LEU A 46 5.26 5.84 -4.38
C LEU A 46 4.35 6.80 -3.62
N LYS A 47 4.94 7.85 -3.06
CA LYS A 47 4.18 8.85 -2.31
C LYS A 47 3.18 9.57 -3.22
N LYS A 48 3.59 9.79 -4.47
CA LYS A 48 2.72 10.46 -5.44
C LYS A 48 1.58 9.56 -5.87
N PHE A 49 1.87 8.27 -6.05
CA PHE A 49 0.86 7.30 -6.45
C PHE A 49 -0.13 7.05 -5.33
N LEU A 50 0.38 6.70 -4.15
CA LEU A 50 -0.46 6.42 -2.99
C LEU A 50 -1.44 7.57 -2.75
N LYS A 51 -0.95 8.80 -2.86
CA LYS A 51 -1.78 9.98 -2.67
C LYS A 51 -3.04 9.92 -3.52
N ILE A 52 -2.93 9.25 -4.66
CA ILE A 52 -4.06 9.11 -5.57
C ILE A 52 -4.82 7.82 -5.32
N ALA A 53 -4.10 6.79 -4.87
CA ALA A 53 -4.71 5.50 -4.58
C ALA A 53 -5.77 5.62 -3.50
N LEU A 54 -5.66 6.68 -2.69
CA LEU A 54 -6.61 6.91 -1.62
C LEU A 54 -7.89 7.57 -2.13
N GLU A 55 -7.77 8.25 -3.28
CA GLU A 55 -8.91 8.93 -3.89
C GLU A 55 -10.10 7.99 -4.01
N THR A 56 -9.82 6.73 -4.36
CA THR A 56 -10.88 5.74 -4.51
C THR A 56 -10.86 4.74 -3.35
N PRO A 57 -11.67 5.02 -2.32
CA PRO A 57 -11.77 4.16 -1.13
C PRO A 57 -12.45 2.83 -1.44
N VAL A 58 -11.77 1.98 -2.20
CA VAL A 58 -12.31 0.67 -2.56
C VAL A 58 -11.55 -0.45 -1.87
N TRP A 59 -10.34 -0.16 -1.43
CA TRP A 59 -9.50 -1.15 -0.76
C TRP A 59 -9.35 -0.80 0.72
N ILE A 60 -10.39 -0.22 1.30
CA ILE A 60 -10.38 0.15 2.71
C ILE A 60 -11.00 -0.93 3.57
N CYS A 61 -12.31 -1.15 3.38
CA CYS A 61 -13.03 -2.16 4.14
C CYS A 61 -12.62 -3.56 3.71
N PRO A 62 -12.88 -3.88 2.43
CA PRO A 62 -12.55 -5.20 1.86
C PRO A 62 -11.05 -5.41 1.72
N ILE A 63 -10.31 -4.30 1.64
CA ILE A 63 -8.87 -4.36 1.49
C ILE A 63 -8.46 -5.25 0.32
N ASN A 64 -8.32 -4.63 -0.86
CA ASN A 64 -7.94 -5.37 -2.05
C ASN A 64 -6.60 -4.87 -2.59
N TYR A 65 -5.51 -5.40 -2.04
CA TYR A 65 -4.18 -5.01 -2.45
C TYR A 65 -3.98 -5.23 -3.94
N SER A 66 -4.47 -6.37 -4.44
CA SER A 66 -4.34 -6.69 -5.85
C SER A 66 -4.99 -5.61 -6.72
N LEU A 67 -5.99 -4.94 -6.17
CA LEU A 67 -6.69 -3.88 -6.89
C LEU A 67 -5.87 -2.60 -6.90
N LEU A 68 -5.09 -2.39 -5.85
CA LEU A 68 -4.25 -1.20 -5.74
C LEU A 68 -3.04 -1.30 -6.67
N ALA A 69 -2.68 -2.53 -7.03
CA ALA A 69 -1.55 -2.77 -7.91
C ALA A 69 -1.90 -2.43 -9.36
N SER A 70 -3.19 -2.28 -9.63
CA SER A 70 -3.66 -1.96 -10.97
C SER A 70 -4.21 -0.54 -11.02
N LEU A 71 -4.16 0.15 -9.90
CA LEU A 71 -4.65 1.52 -9.81
C LEU A 71 -3.70 2.48 -10.52
N LEU A 72 -2.53 1.98 -10.90
CA LEU A 72 -1.52 2.80 -11.58
C LEU A 72 -2.14 3.48 -12.80
N PRO A 73 -1.53 4.60 -13.21
CA PRO A 73 -1.99 5.38 -14.37
C PRO A 73 -1.74 4.65 -15.68
N LYS A 74 -0.51 4.21 -15.90
CA LYS A 74 -0.15 3.50 -17.12
C LYS A 74 1.34 3.20 -17.15
N GLY A 75 2.16 4.24 -17.11
CA GLY A 75 3.60 4.07 -17.14
C GLY A 75 4.15 3.62 -15.80
N TYR A 76 3.70 2.45 -15.35
CA TYR A 76 4.16 1.91 -14.07
C TYR A 76 4.31 0.39 -14.16
N PRO A 77 5.17 -0.07 -15.08
CA PRO A 77 5.43 -1.49 -15.27
C PRO A 77 6.20 -2.11 -14.11
N GLY A 78 7.29 -1.46 -13.70
CA GLY A 78 8.08 -1.96 -12.60
C GLY A 78 8.75 -0.84 -11.83
N ARG A 79 8.16 -0.49 -10.68
CA ARG A 79 8.71 0.57 -9.85
C ARG A 79 7.84 0.78 -8.60
N VAL A 80 6.56 1.01 -8.82
CA VAL A 80 5.62 1.23 -7.72
C VAL A 80 4.55 0.14 -7.69
N ASN A 81 4.12 -0.29 -8.86
CA ASN A 81 3.09 -1.32 -8.97
C ASN A 81 3.57 -2.63 -8.34
N GLU A 82 4.82 -2.98 -8.59
CA GLU A 82 5.40 -4.21 -8.05
C GLU A 82 5.28 -4.23 -6.52
N ILE A 83 5.54 -3.08 -5.90
CA ILE A 83 5.46 -2.96 -4.44
C ILE A 83 4.11 -3.48 -3.93
N LEU A 84 3.05 -3.14 -4.63
CA LEU A 84 1.70 -3.56 -4.24
C LEU A 84 1.55 -5.08 -4.39
N HIS A 85 2.35 -5.67 -5.28
CA HIS A 85 2.31 -7.11 -5.50
C HIS A 85 2.80 -7.87 -4.27
N ILE A 86 3.84 -7.34 -3.64
CA ILE A 86 4.41 -7.97 -2.45
C ILE A 86 3.39 -8.01 -1.31
N LEU A 87 2.57 -6.97 -1.22
CA LEU A 87 1.56 -6.88 -0.18
C LEU A 87 0.51 -7.97 -0.34
N ILE A 88 0.32 -8.41 -1.59
CA ILE A 88 -0.65 -9.45 -1.89
C ILE A 88 -0.20 -10.80 -1.33
N GLN A 89 1.10 -10.96 -1.15
CA GLN A 89 1.67 -12.19 -0.62
C GLN A 89 1.64 -12.20 0.90
N THR A 90 2.12 -11.11 1.51
CA THR A 90 2.16 -10.98 2.95
C THR A 90 0.75 -11.04 3.55
N GLN A 91 -0.25 -10.81 2.70
CA GLN A 91 -1.64 -10.83 3.14
C GLN A 91 -2.13 -12.26 3.31
N ALA A 92 -1.47 -13.21 2.64
CA ALA A 92 -1.84 -14.61 2.71
C ALA A 92 -1.64 -15.15 4.13
N GLN A 93 -0.74 -14.53 4.87
CA GLN A 93 -0.46 -14.95 6.24
C GLN A 93 -1.74 -15.01 7.08
N ILE A 94 -2.28 -13.84 7.39
CA ILE A 94 -3.51 -13.76 8.18
C ILE A 94 -4.69 -14.37 7.43
N PRO A 95 -5.61 -15.01 8.17
CA PRO A 95 -6.80 -15.64 7.60
C PRO A 95 -7.79 -14.61 7.06
N SER A 96 -7.96 -14.59 5.74
CA SER A 96 -8.89 -13.66 5.10
C SER A 96 -9.60 -14.32 3.92
N ARG A 97 -8.82 -14.87 3.00
CA ARG A 97 -9.37 -15.54 1.83
C ARG A 97 -8.52 -16.73 1.42
N PRO A 98 -9.12 -17.92 1.38
CA PRO A 98 -8.44 -19.16 1.01
C PRO A 98 -8.08 -19.19 -0.48
N ALA A 99 -8.88 -18.52 -1.30
CA ALA A 99 -8.64 -18.47 -2.73
C ALA A 99 -7.73 -17.31 -3.10
N HIS A 100 -7.09 -17.40 -4.26
CA HIS A 100 -6.19 -16.36 -4.72
C HIS A 100 -6.50 -15.96 -6.16
N HIS A 101 -6.44 -14.67 -6.44
CA HIS A 101 -6.72 -14.16 -7.77
C HIS A 101 -5.48 -14.24 -8.66
N HIS A 102 -5.71 -14.42 -9.96
CA HIS A 102 -4.60 -14.52 -10.91
C HIS A 102 -3.96 -13.16 -11.13
N HIS A 103 -2.78 -13.16 -11.74
CA HIS A 103 -2.06 -11.93 -12.01
C HIS A 103 -0.91 -12.17 -13.00
N HIS A 104 -0.15 -11.12 -13.28
CA HIS A 104 0.98 -11.22 -14.21
C HIS A 104 2.02 -10.13 -13.92
N HIS A 105 3.24 -10.55 -13.62
CA HIS A 105 4.31 -9.62 -13.32
C HIS A 105 4.74 -8.86 -14.57
N MET A 1 19.70 4.95 16.92
CA MET A 1 19.77 3.51 17.17
C MET A 1 19.08 3.16 18.48
N GLY A 2 18.32 2.07 18.46
CA GLY A 2 17.61 1.63 19.65
C GLY A 2 16.13 1.97 19.60
N ARG A 3 15.29 0.96 19.79
CA ARG A 3 13.84 1.17 19.76
C ARG A 3 13.17 0.47 20.95
N ILE A 4 12.33 1.21 21.66
CA ILE A 4 11.62 0.66 22.81
C ILE A 4 10.17 1.10 22.82
N PHE A 5 9.29 0.25 22.29
CA PHE A 5 7.87 0.54 22.23
C PHE A 5 7.12 -0.17 23.36
N SER A 6 6.06 0.46 23.85
CA SER A 6 5.26 -0.11 24.93
C SER A 6 3.96 0.67 25.12
N ARG A 7 2.84 0.00 24.90
CA ARG A 7 1.53 0.64 25.06
C ARG A 7 1.38 1.79 24.07
N SER A 8 0.17 2.34 24.00
CA SER A 8 -0.12 3.45 23.11
C SER A 8 -0.71 4.63 23.87
N ALA A 9 -0.25 5.84 23.52
CA ALA A 9 -0.74 7.05 24.18
C ALA A 9 -0.12 8.29 23.54
N SER A 10 0.01 8.29 22.22
CA SER A 10 0.59 9.41 21.50
C SER A 10 0.16 9.40 20.03
N PRO A 11 -1.08 9.86 19.79
CA PRO A 11 -1.63 9.92 18.43
C PRO A 11 -0.96 10.97 17.56
N ILE A 12 -0.19 10.51 16.58
CA ILE A 12 0.52 11.42 15.68
C ILE A 12 -0.30 11.69 14.42
N PRO A 13 -0.41 12.98 14.06
CA PRO A 13 -1.17 13.40 12.87
C PRO A 13 -0.48 12.98 11.58
N ARG A 14 -1.17 12.16 10.77
CA ARG A 14 -0.63 11.69 9.51
C ARG A 14 -1.63 10.80 8.79
N PRO A 15 -1.96 9.66 9.43
CA PRO A 15 -2.91 8.69 8.88
C PRO A 15 -4.34 9.22 8.85
N PRO A 16 -4.87 9.44 7.64
CA PRO A 16 -6.23 9.95 7.44
C PRO A 16 -7.29 8.92 7.83
N ARG A 17 -8.55 9.24 7.55
CA ARG A 17 -9.66 8.35 7.86
C ARG A 17 -9.71 7.19 6.87
N GLY A 18 -9.39 7.47 5.61
CA GLY A 18 -9.41 6.43 4.60
C GLY A 18 -8.06 5.76 4.44
N LEU A 19 -7.22 5.85 5.45
CA LEU A 19 -5.90 5.25 5.41
C LEU A 19 -5.19 5.41 6.75
N ALA A 20 -4.76 4.28 7.33
CA ALA A 20 -4.06 4.30 8.61
C ALA A 20 -2.72 3.59 8.51
N ALA A 21 -1.96 3.60 9.61
CA ALA A 21 -0.65 2.96 9.64
C ALA A 21 -0.73 1.53 9.11
N HIS A 22 -1.79 0.82 9.48
CA HIS A 22 -1.99 -0.55 9.04
C HIS A 22 -1.84 -0.67 7.53
N HIS A 23 -2.31 0.34 6.81
CA HIS A 23 -2.22 0.36 5.35
C HIS A 23 -0.97 1.08 4.89
N TRP A 24 -0.78 2.31 5.35
CA TRP A 24 0.39 3.10 4.98
C TRP A 24 1.68 2.36 5.31
N LEU A 25 1.92 2.14 6.60
CA LEU A 25 3.12 1.45 7.04
C LEU A 25 3.29 0.13 6.29
N ASN A 26 2.17 -0.51 5.97
CA ASN A 26 2.21 -1.77 5.25
C ASN A 26 2.99 -1.64 3.94
N PHE A 27 2.84 -0.49 3.29
CA PHE A 27 3.52 -0.24 2.03
C PHE A 27 5.03 -0.03 2.26
N LEU A 28 5.36 0.78 3.25
CA LEU A 28 6.75 1.07 3.58
C LEU A 28 7.55 -0.22 3.75
N GLN A 29 6.87 -1.25 4.24
CA GLN A 29 7.52 -2.54 4.47
C GLN A 29 7.75 -3.26 3.14
N ALA A 30 6.70 -3.35 2.33
CA ALA A 30 6.79 -4.01 1.03
C ALA A 30 7.95 -3.46 0.21
N ALA A 31 8.12 -2.15 0.24
CA ALA A 31 9.19 -1.49 -0.50
C ALA A 31 10.55 -2.06 -0.11
N TYR A 32 10.63 -2.59 1.11
CA TYR A 32 11.88 -3.16 1.62
C TYR A 32 12.00 -4.63 1.21
N ARG A 33 10.87 -5.24 0.89
CA ARG A 33 10.86 -6.65 0.49
C ARG A 33 11.55 -6.83 -0.86
N LEU A 34 11.10 -6.08 -1.85
CA LEU A 34 11.67 -6.17 -3.20
C LEU A 34 13.19 -6.03 -3.15
N GLU A 35 13.66 -4.93 -2.55
CA GLU A 35 15.08 -4.68 -2.44
C GLU A 35 15.38 -3.69 -1.31
N PRO A 36 16.41 -3.99 -0.51
CA PRO A 36 16.81 -3.13 0.61
C PRO A 36 17.43 -1.82 0.14
N GLY A 37 17.64 -0.91 1.08
CA GLY A 37 18.22 0.39 0.74
C GLY A 37 17.51 1.06 -0.40
N PRO A 38 16.29 1.58 -0.13
CA PRO A 38 15.49 2.28 -1.13
C PRO A 38 16.08 3.62 -1.55
N SER A 39 15.45 4.26 -2.53
CA SER A 39 15.93 5.55 -3.01
C SER A 39 14.78 6.54 -3.12
N SER A 40 15.11 7.84 -3.10
CA SER A 40 14.11 8.88 -3.19
C SER A 40 13.23 8.69 -4.42
N TYR A 41 13.85 8.27 -5.53
CA TYR A 41 13.13 8.05 -6.77
C TYR A 41 12.06 6.97 -6.59
N ASP A 42 12.26 6.11 -5.60
CA ASP A 42 11.32 5.03 -5.34
C ASP A 42 10.13 5.54 -4.51
N PHE A 43 10.35 6.60 -3.74
CA PHE A 43 9.31 7.17 -2.91
C PHE A 43 8.59 8.31 -3.65
N HIS A 44 9.29 8.91 -4.61
CA HIS A 44 8.72 10.00 -5.39
C HIS A 44 7.55 9.52 -6.24
N GLN A 45 7.56 8.24 -6.59
CA GLN A 45 6.50 7.66 -7.39
C GLN A 45 5.48 6.94 -6.52
N LEU A 46 5.90 6.58 -5.31
CA LEU A 46 5.02 5.89 -4.37
C LEU A 46 4.09 6.87 -3.67
N LYS A 47 4.67 7.91 -3.07
CA LYS A 47 3.89 8.91 -2.37
C LYS A 47 2.93 9.63 -3.33
N LYS A 48 3.41 9.90 -4.54
CA LYS A 48 2.60 10.57 -5.54
C LYS A 48 1.48 9.66 -6.04
N PHE A 49 1.80 8.39 -6.22
CA PHE A 49 0.82 7.41 -6.69
C PHE A 49 -0.24 7.14 -5.63
N LEU A 50 0.22 6.92 -4.40
CA LEU A 50 -0.69 6.65 -3.29
C LEU A 50 -1.78 7.71 -3.21
N LYS A 51 -1.41 8.96 -3.47
CA LYS A 51 -2.36 10.06 -3.42
C LYS A 51 -3.55 9.79 -4.34
N ILE A 52 -3.30 9.10 -5.45
CA ILE A 52 -4.35 8.77 -6.40
C ILE A 52 -5.13 7.54 -5.95
N ALA A 53 -4.42 6.58 -5.36
CA ALA A 53 -5.04 5.36 -4.87
C ALA A 53 -5.95 5.63 -3.67
N LEU A 54 -5.66 6.71 -2.95
CA LEU A 54 -6.44 7.07 -1.78
C LEU A 54 -7.76 7.74 -2.18
N GLU A 55 -7.72 8.49 -3.29
CA GLU A 55 -8.92 9.17 -3.78
C GLU A 55 -10.08 8.20 -3.92
N THR A 56 -9.77 6.95 -4.26
CA THR A 56 -10.79 5.92 -4.42
C THR A 56 -10.75 4.92 -3.28
N PRO A 57 -11.52 5.19 -2.22
CA PRO A 57 -11.59 4.30 -1.05
C PRO A 57 -12.28 2.98 -1.35
N VAL A 58 -11.62 2.13 -2.11
CA VAL A 58 -12.17 0.83 -2.48
C VAL A 58 -11.38 -0.31 -1.81
N TRP A 59 -10.17 0.00 -1.39
CA TRP A 59 -9.31 -1.00 -0.74
C TRP A 59 -9.11 -0.66 0.73
N ILE A 60 -10.13 -0.06 1.34
CA ILE A 60 -10.07 0.31 2.76
C ILE A 60 -10.67 -0.77 3.64
N CYS A 61 -11.97 -0.98 3.49
CA CYS A 61 -12.68 -1.99 4.28
C CYS A 61 -12.30 -3.40 3.83
N PRO A 62 -12.61 -3.72 2.56
CA PRO A 62 -12.30 -5.04 1.99
C PRO A 62 -10.80 -5.25 1.78
N ILE A 63 -10.06 -4.15 1.69
CA ILE A 63 -8.62 -4.21 1.49
C ILE A 63 -8.26 -5.12 0.31
N ASN A 64 -8.16 -4.51 -0.87
CA ASN A 64 -7.83 -5.25 -2.09
C ASN A 64 -6.49 -4.79 -2.64
N TYR A 65 -5.41 -5.30 -2.06
CA TYR A 65 -4.06 -4.95 -2.50
C TYR A 65 -3.90 -5.17 -4.00
N SER A 66 -4.41 -6.30 -4.48
CA SER A 66 -4.33 -6.63 -5.90
C SER A 66 -4.93 -5.52 -6.75
N LEU A 67 -5.95 -4.85 -6.21
CA LEU A 67 -6.62 -3.77 -6.93
C LEU A 67 -5.76 -2.51 -6.94
N LEU A 68 -5.00 -2.31 -5.87
CA LEU A 68 -4.13 -1.14 -5.76
C LEU A 68 -2.96 -1.24 -6.73
N ALA A 69 -2.62 -2.46 -7.12
CA ALA A 69 -1.52 -2.69 -8.06
C ALA A 69 -1.93 -2.30 -9.48
N SER A 70 -3.23 -2.09 -9.68
CA SER A 70 -3.74 -1.72 -11.00
C SER A 70 -4.19 -0.27 -11.01
N LEU A 71 -4.03 0.41 -9.88
CA LEU A 71 -4.42 1.81 -9.76
C LEU A 71 -3.46 2.71 -10.54
N LEU A 72 -2.38 2.12 -11.03
CA LEU A 72 -1.38 2.87 -11.79
C LEU A 72 -2.05 3.69 -12.90
N PRO A 73 -1.35 4.73 -13.36
CA PRO A 73 -1.85 5.62 -14.43
C PRO A 73 -1.89 4.91 -15.78
N LYS A 74 -0.76 4.33 -16.17
CA LYS A 74 -0.66 3.62 -17.44
C LYS A 74 0.77 3.14 -17.68
N GLY A 75 1.69 4.08 -17.84
CA GLY A 75 3.08 3.72 -18.07
C GLY A 75 3.96 4.03 -16.88
N TYR A 76 3.93 3.17 -15.87
CA TYR A 76 4.73 3.35 -14.67
C TYR A 76 5.86 2.33 -14.60
N PRO A 77 6.98 2.64 -15.26
CA PRO A 77 8.15 1.76 -15.30
C PRO A 77 8.85 1.69 -13.94
N GLY A 78 8.49 2.59 -13.05
CA GLY A 78 9.10 2.61 -11.72
C GLY A 78 8.88 1.32 -10.97
N ARG A 79 9.22 1.32 -9.68
CA ARG A 79 9.06 0.14 -8.84
C ARG A 79 7.95 0.34 -7.81
N VAL A 80 6.86 0.96 -8.24
CA VAL A 80 5.73 1.22 -7.35
C VAL A 80 4.71 0.10 -7.43
N ASN A 81 4.36 -0.31 -8.64
CA ASN A 81 3.40 -1.37 -8.86
C ASN A 81 3.82 -2.65 -8.14
N GLU A 82 5.09 -3.01 -8.29
CA GLU A 82 5.62 -4.21 -7.65
C GLU A 82 5.31 -4.21 -6.15
N ILE A 83 5.50 -3.06 -5.52
CA ILE A 83 5.26 -2.92 -4.09
C ILE A 83 3.85 -3.41 -3.72
N LEU A 84 2.89 -3.11 -4.58
CA LEU A 84 1.51 -3.51 -4.36
C LEU A 84 1.35 -5.02 -4.55
N HIS A 85 2.19 -5.60 -5.39
CA HIS A 85 2.14 -7.03 -5.66
C HIS A 85 2.79 -7.82 -4.52
N ILE A 86 3.68 -7.16 -3.80
CA ILE A 86 4.38 -7.80 -2.68
C ILE A 86 3.45 -7.96 -1.47
N LEU A 87 2.41 -7.12 -1.41
CA LEU A 87 1.46 -7.16 -0.32
C LEU A 87 0.42 -8.26 -0.55
N ILE A 88 0.31 -8.71 -1.80
CA ILE A 88 -0.64 -9.76 -2.15
C ILE A 88 -0.16 -11.12 -1.66
N GLN A 89 1.16 -11.27 -1.52
CA GLN A 89 1.75 -12.51 -1.07
C GLN A 89 1.79 -12.58 0.45
N THR A 90 2.18 -11.45 1.07
CA THR A 90 2.27 -11.38 2.52
C THR A 90 0.88 -11.46 3.16
N GLN A 91 -0.13 -11.07 2.40
CA GLN A 91 -1.51 -11.10 2.89
C GLN A 91 -1.95 -12.53 3.21
N ALA A 92 -1.33 -13.49 2.53
CA ALA A 92 -1.65 -14.89 2.73
C ALA A 92 -0.76 -15.51 3.80
N GLN A 93 -0.63 -14.83 4.92
CA GLN A 93 0.21 -15.31 6.02
C GLN A 93 -0.37 -14.90 7.37
N ILE A 94 -1.70 -14.81 7.44
CA ILE A 94 -2.37 -14.43 8.67
C ILE A 94 -3.36 -15.50 9.11
N PRO A 95 -3.59 -15.59 10.42
CA PRO A 95 -4.52 -16.57 11.00
C PRO A 95 -5.98 -16.24 10.67
N SER A 96 -6.89 -17.06 11.21
CA SER A 96 -8.32 -16.85 10.97
C SER A 96 -8.63 -16.92 9.47
N ARG A 97 -8.80 -18.13 8.97
CA ARG A 97 -9.10 -18.33 7.55
C ARG A 97 -9.53 -19.77 7.28
N PRO A 98 -10.49 -19.94 6.37
CA PRO A 98 -11.00 -21.27 6.01
C PRO A 98 -9.99 -22.09 5.21
N ALA A 99 -8.89 -21.44 4.83
CA ALA A 99 -7.84 -22.11 4.07
C ALA A 99 -6.46 -21.64 4.52
N HIS A 100 -5.50 -22.57 4.53
CA HIS A 100 -4.14 -22.26 4.94
C HIS A 100 -3.13 -22.80 3.93
N HIS A 101 -2.43 -21.90 3.25
CA HIS A 101 -1.43 -22.30 2.26
C HIS A 101 -0.63 -21.09 1.80
N HIS A 102 0.69 -21.28 1.65
CA HIS A 102 1.57 -20.21 1.22
C HIS A 102 2.50 -20.69 0.11
N HIS A 103 3.03 -19.74 -0.65
CA HIS A 103 3.93 -20.07 -1.75
C HIS A 103 5.34 -20.33 -1.24
N HIS A 104 6.22 -20.77 -2.14
CA HIS A 104 7.60 -21.07 -1.78
C HIS A 104 8.45 -19.80 -1.77
N HIS A 105 9.69 -19.92 -1.31
CA HIS A 105 10.60 -18.78 -1.25
C HIS A 105 11.28 -18.56 -2.61
N MET A 1 -7.67 12.03 -16.91
CA MET A 1 -7.71 12.19 -15.46
C MET A 1 -6.33 12.47 -14.90
N GLY A 2 -6.23 13.48 -14.04
CA GLY A 2 -4.96 13.83 -13.45
C GLY A 2 -4.32 15.04 -14.12
N ARG A 3 -3.03 15.23 -13.87
CA ARG A 3 -2.30 16.35 -14.45
C ARG A 3 -0.79 16.12 -14.35
N ILE A 4 -0.02 17.16 -14.71
CA ILE A 4 1.43 17.06 -14.66
C ILE A 4 2.02 18.19 -13.81
N PHE A 5 1.88 18.06 -12.49
CA PHE A 5 2.41 19.06 -11.57
C PHE A 5 2.18 18.63 -10.12
N SER A 6 3.06 19.09 -9.24
CA SER A 6 2.96 18.75 -7.83
C SER A 6 2.13 19.78 -7.07
N ARG A 7 2.71 20.97 -6.87
CA ARG A 7 2.02 22.05 -6.17
C ARG A 7 1.56 21.58 -4.78
N SER A 8 2.40 21.80 -3.78
CA SER A 8 2.08 21.40 -2.42
C SER A 8 0.72 21.96 -1.99
N ALA A 9 0.06 21.25 -1.09
CA ALA A 9 -1.25 21.68 -0.59
C ALA A 9 -1.77 20.72 0.46
N SER A 10 -1.09 20.66 1.60
CA SER A 10 -1.49 19.78 2.69
C SER A 10 -1.40 18.32 2.26
N PRO A 11 -0.19 17.76 2.29
CA PRO A 11 0.06 16.36 1.91
C PRO A 11 -0.52 15.38 2.91
N ILE A 12 -0.81 15.87 4.12
CA ILE A 12 -1.37 15.04 5.17
C ILE A 12 -0.43 13.90 5.53
N PRO A 13 0.59 14.21 6.36
CA PRO A 13 1.58 13.23 6.80
C PRO A 13 1.00 12.21 7.75
N ARG A 14 -0.03 12.61 8.49
CA ARG A 14 -0.68 11.72 9.45
C ARG A 14 -1.68 10.80 8.74
N PRO A 15 -1.99 9.67 9.38
CA PRO A 15 -2.92 8.68 8.84
C PRO A 15 -4.36 9.18 8.85
N PRO A 16 -4.92 9.40 7.65
CA PRO A 16 -6.29 9.89 7.50
C PRO A 16 -7.33 8.85 7.89
N ARG A 17 -8.60 9.14 7.64
CA ARG A 17 -9.68 8.23 7.97
C ARG A 17 -9.73 7.07 6.98
N GLY A 18 -9.45 7.36 5.71
CA GLY A 18 -9.47 6.34 4.68
C GLY A 18 -8.11 5.69 4.49
N LEU A 19 -7.26 5.79 5.49
CA LEU A 19 -5.92 5.21 5.42
C LEU A 19 -5.19 5.37 6.75
N ALA A 20 -4.74 4.25 7.31
CA ALA A 20 -4.02 4.26 8.59
C ALA A 20 -2.68 3.56 8.45
N ALA A 21 -1.92 3.55 9.54
CA ALA A 21 -0.62 2.91 9.56
C ALA A 21 -0.69 1.48 9.00
N HIS A 22 -1.74 0.76 9.39
CA HIS A 22 -1.93 -0.60 8.93
C HIS A 22 -1.80 -0.70 7.41
N HIS A 23 -2.26 0.34 6.72
CA HIS A 23 -2.19 0.38 5.26
C HIS A 23 -0.94 1.13 4.80
N TRP A 24 -0.80 2.37 5.25
CA TRP A 24 0.35 3.19 4.88
C TRP A 24 1.66 2.47 5.21
N LEU A 25 1.90 2.26 6.49
CA LEU A 25 3.11 1.58 6.94
C LEU A 25 3.32 0.28 6.19
N ASN A 26 2.22 -0.41 5.88
CA ASN A 26 2.28 -1.67 5.16
C ASN A 26 3.05 -1.52 3.85
N PHE A 27 2.92 -0.35 3.23
CA PHE A 27 3.60 -0.08 1.97
C PHE A 27 5.09 0.15 2.19
N LEU A 28 5.41 0.97 3.19
CA LEU A 28 6.80 1.27 3.50
C LEU A 28 7.61 -0.01 3.68
N GLN A 29 6.95 -1.05 4.18
CA GLN A 29 7.61 -2.34 4.40
C GLN A 29 7.82 -3.07 3.07
N ALA A 30 6.76 -3.19 2.30
CA ALA A 30 6.83 -3.86 1.01
C ALA A 30 7.94 -3.29 0.14
N ALA A 31 8.00 -1.96 0.05
CA ALA A 31 9.02 -1.28 -0.73
C ALA A 31 10.42 -1.71 -0.30
N TYR A 32 10.55 -2.12 0.95
CA TYR A 32 11.83 -2.55 1.49
C TYR A 32 12.10 -4.02 1.16
N ARG A 33 11.02 -4.77 0.91
CA ARG A 33 11.13 -6.18 0.59
C ARG A 33 11.88 -6.38 -0.73
N LEU A 34 11.40 -5.73 -1.79
CA LEU A 34 12.02 -5.83 -3.10
C LEU A 34 13.50 -5.48 -3.03
N GLU A 35 13.80 -4.31 -2.48
CA GLU A 35 15.18 -3.85 -2.36
C GLU A 35 15.48 -3.40 -0.93
N PRO A 36 16.68 -3.72 -0.44
CA PRO A 36 17.11 -3.35 0.92
C PRO A 36 17.35 -1.86 1.05
N GLY A 37 18.12 -1.28 0.13
CA GLY A 37 18.41 0.14 0.16
C GLY A 37 17.78 0.88 -0.99
N PRO A 38 16.53 1.35 -0.80
CA PRO A 38 15.79 2.08 -1.83
C PRO A 38 16.37 3.48 -2.06
N SER A 39 15.66 4.29 -2.83
CA SER A 39 16.10 5.64 -3.13
C SER A 39 14.91 6.59 -3.25
N SER A 40 15.19 7.89 -3.21
CA SER A 40 14.15 8.90 -3.31
C SER A 40 13.28 8.68 -4.54
N TYR A 41 13.94 8.33 -5.65
CA TYR A 41 13.23 8.08 -6.91
C TYR A 41 12.17 7.00 -6.73
N ASP A 42 12.36 6.14 -5.75
CA ASP A 42 11.41 5.07 -5.48
C ASP A 42 10.21 5.59 -4.71
N PHE A 43 10.42 6.66 -3.94
CA PHE A 43 9.35 7.24 -3.14
C PHE A 43 8.64 8.35 -3.92
N HIS A 44 9.35 8.92 -4.89
CA HIS A 44 8.78 9.99 -5.71
C HIS A 44 7.58 9.49 -6.50
N GLN A 45 7.55 8.19 -6.75
CA GLN A 45 6.45 7.58 -7.51
C GLN A 45 5.51 6.82 -6.58
N LEU A 46 6.02 6.45 -5.41
CA LEU A 46 5.22 5.72 -4.43
C LEU A 46 4.28 6.64 -3.68
N LYS A 47 4.84 7.71 -3.11
CA LYS A 47 4.06 8.68 -2.36
C LYS A 47 3.07 9.40 -3.27
N LYS A 48 3.53 9.74 -4.47
CA LYS A 48 2.68 10.44 -5.43
C LYS A 48 1.53 9.55 -5.90
N PHE A 49 1.81 8.26 -6.06
CA PHE A 49 0.81 7.30 -6.49
C PHE A 49 -0.18 7.02 -5.36
N LEU A 50 0.34 6.74 -4.18
CA LEU A 50 -0.49 6.45 -3.02
C LEU A 50 -1.55 7.52 -2.82
N LYS A 51 -1.22 8.75 -3.22
CA LYS A 51 -2.14 9.87 -3.09
C LYS A 51 -3.39 9.66 -3.95
N ILE A 52 -3.17 9.17 -5.17
CA ILE A 52 -4.27 8.92 -6.10
C ILE A 52 -5.05 7.68 -5.69
N ALA A 53 -4.33 6.63 -5.30
CA ALA A 53 -4.96 5.38 -4.89
C ALA A 53 -5.92 5.61 -3.72
N LEU A 54 -5.69 6.69 -2.97
CA LEU A 54 -6.53 7.02 -1.82
C LEU A 54 -7.83 7.67 -2.27
N GLU A 55 -7.78 8.37 -3.41
CA GLU A 55 -8.95 9.04 -3.94
C GLU A 55 -10.13 8.08 -4.04
N THR A 56 -9.83 6.83 -4.38
CA THR A 56 -10.87 5.82 -4.52
C THR A 56 -10.82 4.82 -3.35
N PRO A 57 -11.60 5.10 -2.30
CA PRO A 57 -11.66 4.23 -1.11
C PRO A 57 -12.34 2.90 -1.40
N VAL A 58 -11.67 2.05 -2.16
CA VAL A 58 -12.21 0.74 -2.51
C VAL A 58 -11.43 -0.37 -1.83
N TRP A 59 -10.21 -0.06 -1.42
CA TRP A 59 -9.35 -1.04 -0.75
C TRP A 59 -9.15 -0.68 0.72
N ILE A 60 -10.17 -0.09 1.32
CA ILE A 60 -10.12 0.30 2.72
C ILE A 60 -10.72 -0.78 3.62
N CYS A 61 -12.02 -0.98 3.49
CA CYS A 61 -12.72 -1.99 4.29
C CYS A 61 -12.34 -3.40 3.84
N PRO A 62 -12.63 -3.71 2.57
CA PRO A 62 -12.33 -5.03 1.99
C PRO A 62 -10.83 -5.26 1.81
N ILE A 63 -10.08 -4.17 1.68
CA ILE A 63 -8.64 -4.25 1.51
C ILE A 63 -8.28 -5.14 0.33
N ASN A 64 -8.13 -4.54 -0.84
CA ASN A 64 -7.79 -5.29 -2.05
C ASN A 64 -6.45 -4.81 -2.62
N TYR A 65 -5.36 -5.28 -2.03
CA TYR A 65 -4.03 -4.91 -2.47
C TYR A 65 -3.88 -5.12 -3.98
N SER A 66 -4.34 -6.28 -4.46
CA SER A 66 -4.26 -6.61 -5.87
C SER A 66 -4.88 -5.52 -6.73
N LEU A 67 -5.94 -4.90 -6.20
CA LEU A 67 -6.64 -3.83 -6.91
C LEU A 67 -5.81 -2.56 -6.93
N LEU A 68 -5.02 -2.35 -5.88
CA LEU A 68 -4.17 -1.17 -5.78
C LEU A 68 -2.98 -1.27 -6.73
N ALA A 69 -2.63 -2.49 -7.11
CA ALA A 69 -1.52 -2.72 -8.02
C ALA A 69 -1.91 -2.42 -9.46
N SER A 70 -3.21 -2.24 -9.69
CA SER A 70 -3.72 -1.95 -11.02
C SER A 70 -4.25 -0.52 -11.10
N LEU A 71 -4.16 0.20 -9.98
CA LEU A 71 -4.63 1.58 -9.92
C LEU A 71 -3.64 2.52 -10.62
N LEU A 72 -2.49 1.98 -10.99
CA LEU A 72 -1.47 2.78 -11.67
C LEU A 72 -2.05 3.48 -12.90
N PRO A 73 -1.41 4.59 -13.30
CA PRO A 73 -1.85 5.37 -14.46
C PRO A 73 -1.61 4.64 -15.78
N LYS A 74 -0.38 4.17 -15.98
CA LYS A 74 -0.01 3.46 -17.19
C LYS A 74 1.47 3.12 -17.21
N GLY A 75 2.30 4.16 -17.18
CA GLY A 75 3.74 3.96 -17.20
C GLY A 75 4.27 3.52 -15.84
N TYR A 76 3.82 2.36 -15.38
CA TYR A 76 4.25 1.83 -14.09
C TYR A 76 4.41 0.32 -14.15
N PRO A 77 5.28 -0.15 -15.06
CA PRO A 77 5.53 -1.58 -15.23
C PRO A 77 6.30 -2.19 -14.05
N GLY A 78 7.37 -1.52 -13.65
CA GLY A 78 8.17 -2.00 -12.54
C GLY A 78 8.82 -0.88 -11.75
N ARG A 79 8.22 -0.53 -10.63
CA ARG A 79 8.74 0.55 -9.79
C ARG A 79 7.87 0.75 -8.55
N VAL A 80 6.57 0.99 -8.79
CA VAL A 80 5.63 1.20 -7.70
C VAL A 80 4.55 0.12 -7.68
N ASN A 81 4.14 -0.30 -8.87
CA ASN A 81 3.11 -1.34 -9.00
C ASN A 81 3.57 -2.64 -8.33
N GLU A 82 4.83 -2.99 -8.54
CA GLU A 82 5.38 -4.21 -7.95
C GLU A 82 5.22 -4.22 -6.44
N ILE A 83 5.45 -3.07 -5.82
CA ILE A 83 5.31 -2.95 -4.38
C ILE A 83 3.95 -3.42 -3.90
N LEU A 84 2.92 -3.11 -4.69
CA LEU A 84 1.56 -3.51 -4.35
C LEU A 84 1.38 -5.02 -4.49
N HIS A 85 2.20 -5.64 -5.33
CA HIS A 85 2.13 -7.08 -5.55
C HIS A 85 2.76 -7.83 -4.38
N ILE A 86 3.77 -7.23 -3.77
CA ILE A 86 4.46 -7.85 -2.63
C ILE A 86 3.53 -7.94 -1.43
N LEU A 87 2.53 -7.07 -1.38
CA LEU A 87 1.58 -7.06 -0.28
C LEU A 87 0.52 -8.14 -0.46
N ILE A 88 0.37 -8.62 -1.70
CA ILE A 88 -0.60 -9.66 -2.00
C ILE A 88 -0.15 -11.02 -1.46
N GLN A 89 1.17 -11.19 -1.36
CA GLN A 89 1.73 -12.44 -0.85
C GLN A 89 1.77 -12.44 0.67
N THR A 90 2.26 -11.34 1.25
CA THR A 90 2.35 -11.22 2.70
C THR A 90 0.98 -11.27 3.34
N GLN A 91 -0.04 -10.91 2.58
CA GLN A 91 -1.41 -10.91 3.08
C GLN A 91 -1.87 -12.33 3.41
N ALA A 92 -1.25 -13.31 2.77
CA ALA A 92 -1.59 -14.71 2.99
C ALA A 92 -0.91 -15.25 4.25
N GLN A 93 -1.21 -14.63 5.39
CA GLN A 93 -0.62 -15.04 6.65
C GLN A 93 -1.67 -15.06 7.76
N ILE A 94 -2.93 -15.25 7.37
CA ILE A 94 -4.03 -15.29 8.32
C ILE A 94 -4.38 -16.72 8.70
N PRO A 95 -4.49 -16.97 10.01
CA PRO A 95 -4.83 -18.30 10.54
C PRO A 95 -6.27 -18.71 10.23
N SER A 96 -6.42 -19.81 9.52
CA SER A 96 -7.75 -20.30 9.15
C SER A 96 -7.67 -21.68 8.50
N ARG A 97 -8.15 -22.70 9.20
CA ARG A 97 -8.13 -24.06 8.69
C ARG A 97 -9.00 -24.19 7.44
N PRO A 98 -8.52 -25.01 6.48
CA PRO A 98 -9.24 -25.23 5.22
C PRO A 98 -10.51 -26.03 5.42
N ALA A 99 -10.71 -26.55 6.62
CA ALA A 99 -11.89 -27.34 6.94
C ALA A 99 -12.01 -28.55 6.01
N HIS A 100 -13.07 -29.32 6.21
CA HIS A 100 -13.30 -30.52 5.39
C HIS A 100 -14.31 -30.23 4.28
N HIS A 101 -14.42 -31.15 3.33
CA HIS A 101 -15.34 -30.99 2.21
C HIS A 101 -16.59 -31.83 2.43
N HIS A 102 -17.48 -31.82 1.44
CA HIS A 102 -18.72 -32.59 1.52
C HIS A 102 -18.71 -33.75 0.52
N HIS A 103 -17.51 -34.23 0.21
CA HIS A 103 -17.35 -35.34 -0.73
C HIS A 103 -18.06 -35.04 -2.05
N HIS A 104 -17.33 -34.42 -2.97
CA HIS A 104 -17.88 -34.07 -4.28
C HIS A 104 -18.32 -35.32 -5.03
N HIS A 105 -17.46 -36.32 -5.08
CA HIS A 105 -17.77 -37.57 -5.76
C HIS A 105 -18.21 -37.31 -7.20
N MET A 1 23.75 3.67 11.13
CA MET A 1 24.54 4.88 11.33
C MET A 1 24.38 5.82 10.14
N GLY A 2 23.24 5.72 9.45
CA GLY A 2 23.00 6.57 8.30
C GLY A 2 21.54 6.60 7.91
N ARG A 3 21.19 7.46 6.96
CA ARG A 3 19.81 7.58 6.50
C ARG A 3 19.72 8.51 5.29
N ILE A 4 19.01 8.07 4.26
CA ILE A 4 18.85 8.86 3.05
C ILE A 4 17.39 9.29 2.86
N PHE A 5 16.93 10.18 3.73
CA PHE A 5 15.56 10.68 3.65
C PHE A 5 15.52 12.10 3.12
N SER A 6 14.33 12.70 3.13
CA SER A 6 14.16 14.07 2.65
C SER A 6 13.92 15.03 3.81
N ARG A 7 13.24 14.54 4.85
CA ARG A 7 12.94 15.36 6.02
C ARG A 7 12.17 16.61 5.63
N SER A 8 10.84 16.50 5.60
CA SER A 8 10.00 17.64 5.23
C SER A 8 9.79 18.57 6.43
N ALA A 9 9.12 18.05 7.46
CA ALA A 9 8.85 18.82 8.66
C ALA A 9 8.14 20.14 8.31
N SER A 10 6.83 20.05 8.09
CA SER A 10 6.04 21.23 7.75
C SER A 10 4.57 20.85 7.56
N PRO A 11 4.31 19.99 6.56
CA PRO A 11 2.95 19.55 6.24
C PRO A 11 2.38 18.62 7.33
N ILE A 12 3.27 17.99 8.09
CA ILE A 12 2.86 17.09 9.16
C ILE A 12 2.02 15.94 8.61
N PRO A 13 2.70 14.94 8.06
CA PRO A 13 2.04 13.76 7.48
C PRO A 13 1.41 12.88 8.55
N ARG A 14 0.10 12.67 8.45
CA ARG A 14 -0.63 11.84 9.41
C ARG A 14 -1.62 10.93 8.71
N PRO A 15 -1.97 9.80 9.36
CA PRO A 15 -2.91 8.83 8.80
C PRO A 15 -4.34 9.36 8.76
N PRO A 16 -4.86 9.56 7.54
CA PRO A 16 -6.22 10.08 7.34
C PRO A 16 -7.29 9.06 7.73
N ARG A 17 -8.54 9.38 7.44
CA ARG A 17 -9.65 8.49 7.76
C ARG A 17 -9.70 7.32 6.79
N GLY A 18 -9.37 7.57 5.52
CA GLY A 18 -9.39 6.53 4.52
C GLY A 18 -8.05 5.84 4.38
N LEU A 19 -7.21 5.95 5.41
CA LEU A 19 -5.89 5.33 5.39
C LEU A 19 -5.19 5.51 6.73
N ALA A 20 -4.78 4.39 7.32
CA ALA A 20 -4.08 4.43 8.61
C ALA A 20 -2.74 3.72 8.54
N ALA A 21 -2.00 3.75 9.64
CA ALA A 21 -0.68 3.10 9.68
C ALA A 21 -0.75 1.67 9.18
N HIS A 22 -1.81 0.97 9.55
CA HIS A 22 -2.00 -0.42 9.13
C HIS A 22 -1.84 -0.56 7.62
N HIS A 23 -2.30 0.44 6.88
CA HIS A 23 -2.22 0.44 5.43
C HIS A 23 -0.95 1.15 4.96
N TRP A 24 -0.76 2.39 5.43
CA TRP A 24 0.41 3.17 5.05
C TRP A 24 1.69 2.44 5.39
N LEU A 25 1.93 2.23 6.67
CA LEU A 25 3.14 1.53 7.13
C LEU A 25 3.30 0.20 6.39
N ASN A 26 2.18 -0.42 6.05
CA ASN A 26 2.20 -1.69 5.35
C ASN A 26 2.97 -1.57 4.04
N PHE A 27 2.83 -0.43 3.37
CA PHE A 27 3.52 -0.19 2.11
C PHE A 27 5.01 0.03 2.32
N LEU A 28 5.34 0.85 3.33
CA LEU A 28 6.74 1.14 3.63
C LEU A 28 7.54 -0.14 3.80
N GLN A 29 6.89 -1.19 4.28
CA GLN A 29 7.54 -2.48 4.48
C GLN A 29 7.79 -3.18 3.14
N ALA A 30 6.73 -3.32 2.35
CA ALA A 30 6.84 -3.97 1.05
C ALA A 30 7.95 -3.33 0.21
N ALA A 31 8.03 -2.01 0.26
CA ALA A 31 9.05 -1.28 -0.49
C ALA A 31 10.45 -1.76 -0.13
N TYR A 32 10.59 -2.29 1.08
CA TYR A 32 11.89 -2.77 1.55
C TYR A 32 12.12 -4.20 1.08
N ARG A 33 11.04 -4.92 0.80
CA ARG A 33 11.13 -6.30 0.33
C ARG A 33 11.83 -6.38 -1.02
N LEU A 34 11.31 -5.65 -1.99
CA LEU A 34 11.88 -5.63 -3.33
C LEU A 34 13.36 -5.31 -3.28
N GLU A 35 13.71 -4.20 -2.64
CA GLU A 35 15.10 -3.78 -2.53
C GLU A 35 15.43 -3.41 -1.08
N PRO A 36 16.65 -3.77 -0.64
CA PRO A 36 17.11 -3.49 0.72
C PRO A 36 17.37 -2.00 0.95
N GLY A 37 18.12 -1.39 0.02
CA GLY A 37 18.42 0.02 0.14
C GLY A 37 17.76 0.85 -0.93
N PRO A 38 16.52 1.28 -0.67
CA PRO A 38 15.75 2.10 -1.62
C PRO A 38 16.31 3.50 -1.77
N SER A 39 15.58 4.37 -2.46
CA SER A 39 16.00 5.74 -2.68
C SER A 39 14.80 6.66 -2.83
N SER A 40 15.06 7.97 -2.85
CA SER A 40 14.00 8.96 -2.99
C SER A 40 13.19 8.71 -4.25
N TYR A 41 13.88 8.38 -5.34
CA TYR A 41 13.22 8.12 -6.61
C TYR A 41 12.15 7.04 -6.47
N ASP A 42 12.33 6.17 -5.47
CA ASP A 42 11.39 5.09 -5.22
C ASP A 42 10.14 5.61 -4.50
N PHE A 43 10.31 6.68 -3.75
CA PHE A 43 9.21 7.27 -3.01
C PHE A 43 8.52 8.36 -3.83
N HIS A 44 9.26 8.94 -4.77
CA HIS A 44 8.73 10.00 -5.62
C HIS A 44 7.56 9.47 -6.45
N GLN A 45 7.55 8.17 -6.71
CA GLN A 45 6.49 7.56 -7.50
C GLN A 45 5.49 6.84 -6.60
N LEU A 46 5.91 6.56 -5.37
CA LEU A 46 5.05 5.87 -4.42
C LEU A 46 4.11 6.85 -3.73
N LYS A 47 4.67 7.91 -3.16
CA LYS A 47 3.87 8.92 -2.48
C LYS A 47 2.94 9.63 -3.46
N LYS A 48 3.42 9.86 -4.67
CA LYS A 48 2.63 10.52 -5.71
C LYS A 48 1.51 9.61 -6.19
N PHE A 49 1.80 8.31 -6.30
CA PHE A 49 0.82 7.34 -6.75
C PHE A 49 -0.23 7.08 -5.68
N LEU A 50 0.23 6.89 -4.44
CA LEU A 50 -0.67 6.63 -3.32
C LEU A 50 -1.77 7.68 -3.26
N LYS A 51 -1.42 8.92 -3.54
CA LYS A 51 -2.38 10.02 -3.52
C LYS A 51 -3.58 9.71 -4.42
N ILE A 52 -3.33 8.99 -5.50
CA ILE A 52 -4.38 8.63 -6.44
C ILE A 52 -5.15 7.41 -5.95
N ALA A 53 -4.43 6.45 -5.38
CA ALA A 53 -5.05 5.24 -4.86
C ALA A 53 -5.94 5.54 -3.65
N LEU A 54 -5.61 6.62 -2.95
CA LEU A 54 -6.38 7.01 -1.77
C LEU A 54 -7.70 7.68 -2.18
N GLU A 55 -7.67 8.41 -3.29
CA GLU A 55 -8.86 9.09 -3.78
C GLU A 55 -10.03 8.13 -3.90
N THR A 56 -9.73 6.87 -4.22
CA THR A 56 -10.76 5.86 -4.36
C THR A 56 -10.72 4.86 -3.21
N PRO A 57 -11.49 5.15 -2.15
CA PRO A 57 -11.55 4.29 -0.96
C PRO A 57 -12.25 2.96 -1.24
N VAL A 58 -11.59 2.10 -2.01
CA VAL A 58 -12.15 0.80 -2.34
C VAL A 58 -11.37 -0.33 -1.67
N TRP A 59 -10.13 -0.03 -1.28
CA TRP A 59 -9.28 -1.02 -0.63
C TRP A 59 -9.07 -0.67 0.84
N ILE A 60 -10.08 -0.07 1.46
CA ILE A 60 -10.00 0.31 2.86
C ILE A 60 -10.62 -0.75 3.76
N CYS A 61 -11.92 -0.96 3.62
CA CYS A 61 -12.62 -1.96 4.42
C CYS A 61 -12.24 -3.37 3.99
N PRO A 62 -12.55 -3.71 2.72
CA PRO A 62 -12.25 -5.03 2.16
C PRO A 62 -10.76 -5.25 1.95
N ILE A 63 -10.02 -4.15 1.83
CA ILE A 63 -8.58 -4.23 1.63
C ILE A 63 -8.22 -5.13 0.45
N ASN A 64 -8.13 -4.53 -0.73
CA ASN A 64 -7.80 -5.28 -1.93
C ASN A 64 -6.47 -4.83 -2.51
N TYR A 65 -5.38 -5.34 -1.94
CA TYR A 65 -4.03 -5.00 -2.40
C TYR A 65 -3.89 -5.23 -3.90
N SER A 66 -4.42 -6.36 -4.37
CA SER A 66 -4.34 -6.71 -5.79
C SER A 66 -4.97 -5.61 -6.65
N LEU A 67 -5.96 -4.92 -6.08
CA LEU A 67 -6.64 -3.85 -6.80
C LEU A 67 -5.78 -2.58 -6.83
N LEU A 68 -5.01 -2.36 -5.77
CA LEU A 68 -4.15 -1.20 -5.66
C LEU A 68 -2.99 -1.29 -6.65
N ALA A 69 -2.64 -2.52 -7.03
CA ALA A 69 -1.55 -2.75 -7.96
C ALA A 69 -1.97 -2.41 -9.39
N SER A 70 -3.26 -2.19 -9.58
CA SER A 70 -3.78 -1.85 -10.90
C SER A 70 -4.24 -0.39 -10.95
N LEU A 71 -4.07 0.31 -9.83
CA LEU A 71 -4.47 1.71 -9.74
C LEU A 71 -3.50 2.59 -10.53
N LEU A 72 -2.42 2.01 -11.00
CA LEU A 72 -1.43 2.73 -11.78
C LEU A 72 -2.09 3.52 -12.91
N PRO A 73 -1.39 4.56 -13.40
CA PRO A 73 -1.89 5.41 -14.48
C PRO A 73 -1.91 4.68 -15.83
N LYS A 74 -0.78 4.09 -16.18
CA LYS A 74 -0.67 3.36 -17.44
C LYS A 74 0.77 2.88 -17.66
N GLY A 75 1.69 3.83 -17.82
CA GLY A 75 3.08 3.48 -18.03
C GLY A 75 3.96 3.83 -16.84
N TYR A 76 3.93 2.98 -15.82
CA TYR A 76 4.71 3.20 -14.62
C TYR A 76 5.85 2.19 -14.52
N PRO A 77 6.98 2.50 -15.19
CA PRO A 77 8.16 1.64 -15.19
C PRO A 77 8.86 1.60 -13.84
N GLY A 78 8.49 2.54 -12.96
CA GLY A 78 9.09 2.60 -11.65
C GLY A 78 8.88 1.31 -10.85
N ARG A 79 9.24 1.35 -9.58
CA ARG A 79 9.10 0.18 -8.72
C ARG A 79 7.95 0.39 -7.72
N VAL A 80 6.83 0.90 -8.21
CA VAL A 80 5.67 1.14 -7.38
C VAL A 80 4.64 0.02 -7.52
N ASN A 81 4.37 -0.38 -8.76
CA ASN A 81 3.41 -1.43 -9.04
C ASN A 81 3.85 -2.75 -8.38
N GLU A 82 5.15 -2.91 -8.21
CA GLU A 82 5.70 -4.12 -7.60
C GLU A 82 5.40 -4.16 -6.11
N ILE A 83 5.52 -3.00 -5.46
CA ILE A 83 5.26 -2.91 -4.03
C ILE A 83 3.88 -3.45 -3.68
N LEU A 84 2.88 -3.07 -4.47
CA LEU A 84 1.52 -3.52 -4.25
C LEU A 84 1.40 -5.04 -4.46
N HIS A 85 2.26 -5.58 -5.31
CA HIS A 85 2.26 -7.01 -5.58
C HIS A 85 2.91 -7.78 -4.44
N ILE A 86 3.78 -7.12 -3.69
CA ILE A 86 4.46 -7.75 -2.57
C ILE A 86 3.53 -7.91 -1.38
N LEU A 87 2.47 -7.09 -1.34
CA LEU A 87 1.51 -7.15 -0.25
C LEU A 87 0.48 -8.25 -0.49
N ILE A 88 0.36 -8.68 -1.74
CA ILE A 88 -0.58 -9.74 -2.10
C ILE A 88 -0.08 -11.10 -1.62
N GLN A 89 1.23 -11.21 -1.45
CA GLN A 89 1.84 -12.46 -1.00
C GLN A 89 1.83 -12.55 0.53
N THR A 90 2.21 -11.46 1.18
CA THR A 90 2.25 -11.41 2.64
C THR A 90 0.84 -11.54 3.22
N GLN A 91 -0.16 -11.27 2.41
CA GLN A 91 -1.55 -11.36 2.85
C GLN A 91 -1.99 -12.82 2.95
N ALA A 92 -1.35 -13.68 2.18
CA ALA A 92 -1.68 -15.11 2.18
C ALA A 92 -1.54 -15.70 3.58
N GLN A 93 -0.71 -15.07 4.40
CA GLN A 93 -0.49 -15.54 5.77
C GLN A 93 -1.81 -15.71 6.50
N ILE A 94 -2.81 -14.91 6.13
CA ILE A 94 -4.12 -14.98 6.75
C ILE A 94 -5.17 -15.47 5.77
N PRO A 95 -6.16 -16.23 6.27
CA PRO A 95 -7.24 -16.77 5.45
C PRO A 95 -8.19 -15.69 4.95
N SER A 96 -8.63 -14.83 5.86
CA SER A 96 -9.54 -13.75 5.51
C SER A 96 -9.79 -12.83 6.70
N ARG A 97 -10.42 -13.38 7.74
CA ARG A 97 -10.71 -12.61 8.95
C ARG A 97 -11.23 -13.52 10.05
N PRO A 98 -10.83 -13.22 11.30
CA PRO A 98 -11.26 -13.99 12.47
C PRO A 98 -12.74 -13.81 12.80
N ALA A 99 -13.37 -12.86 12.10
CA ALA A 99 -14.78 -12.58 12.31
C ALA A 99 -15.66 -13.54 11.53
N HIS A 100 -16.50 -14.30 12.24
CA HIS A 100 -17.38 -15.26 11.61
C HIS A 100 -18.47 -14.55 10.80
N HIS A 101 -18.33 -14.59 9.48
CA HIS A 101 -19.30 -13.96 8.59
C HIS A 101 -20.12 -15.01 7.83
N HIS A 102 -19.42 -15.97 7.23
CA HIS A 102 -20.08 -17.03 6.48
C HIS A 102 -20.83 -16.45 5.29
N HIS A 103 -21.36 -17.34 4.44
CA HIS A 103 -22.10 -16.92 3.26
C HIS A 103 -22.75 -18.12 2.57
N HIS A 104 -24.08 -18.10 2.50
CA HIS A 104 -24.82 -19.19 1.87
C HIS A 104 -24.29 -19.47 0.46
N HIS A 105 -24.51 -18.51 -0.44
CA HIS A 105 -24.06 -18.65 -1.82
C HIS A 105 -24.73 -19.84 -2.49
N MET A 1 7.64 19.89 -0.67
CA MET A 1 7.03 21.22 -0.72
C MET A 1 5.91 21.33 0.30
N GLY A 2 4.97 20.40 0.26
CA GLY A 2 3.85 20.42 1.20
C GLY A 2 4.14 19.61 2.45
N ARG A 3 4.03 20.25 3.61
CA ARG A 3 4.27 19.58 4.88
C ARG A 3 2.97 19.39 5.66
N ILE A 4 2.44 20.49 6.18
CA ILE A 4 1.20 20.45 6.94
C ILE A 4 1.31 19.48 8.12
N PHE A 5 1.79 19.98 9.24
CA PHE A 5 1.95 19.16 10.44
C PHE A 5 0.91 19.52 11.49
N SER A 6 -0.08 18.64 11.66
CA SER A 6 -1.15 18.86 12.62
C SER A 6 -1.84 20.20 12.36
N ARG A 7 -2.86 20.18 11.52
CA ARG A 7 -3.61 21.38 11.19
C ARG A 7 -5.11 21.09 11.10
N SER A 8 -5.62 20.34 12.07
CA SER A 8 -7.03 19.99 12.10
C SER A 8 -7.46 19.59 13.50
N ALA A 9 -8.77 19.67 13.75
CA ALA A 9 -9.31 19.31 15.06
C ALA A 9 -9.42 17.80 15.22
N SER A 10 -9.88 17.13 14.18
CA SER A 10 -10.04 15.68 14.20
C SER A 10 -8.71 15.00 14.53
N PRO A 11 -8.80 13.80 15.13
CA PRO A 11 -7.61 13.03 15.50
C PRO A 11 -6.87 12.48 14.29
N ILE A 12 -6.02 13.31 13.70
CA ILE A 12 -5.24 12.91 12.53
C ILE A 12 -3.79 13.33 12.66
N PRO A 13 -2.98 12.49 13.32
CA PRO A 13 -1.55 12.75 13.53
C PRO A 13 -0.75 12.67 12.23
N ARG A 14 -1.34 12.08 11.21
CA ARG A 14 -0.69 11.93 9.92
C ARG A 14 -1.60 11.22 8.92
N PRO A 15 -1.96 9.97 9.24
CA PRO A 15 -2.83 9.16 8.39
C PRO A 15 -4.27 9.66 8.36
N PRO A 16 -4.85 9.74 7.16
CA PRO A 16 -6.22 10.21 6.97
C PRO A 16 -7.26 9.23 7.52
N ARG A 17 -8.52 9.47 7.22
CA ARG A 17 -9.61 8.61 7.68
C ARG A 17 -9.70 7.34 6.84
N GLY A 18 -9.43 7.48 5.54
CA GLY A 18 -9.49 6.35 4.65
C GLY A 18 -8.14 5.69 4.47
N LEU A 19 -7.28 5.79 5.48
CA LEU A 19 -5.96 5.20 5.43
C LEU A 19 -5.24 5.36 6.77
N ALA A 20 -4.79 4.25 7.33
CA ALA A 20 -4.09 4.26 8.61
C ALA A 20 -2.73 3.57 8.49
N ALA A 21 -1.98 3.57 9.59
CA ALA A 21 -0.66 2.95 9.61
C ALA A 21 -0.72 1.53 9.07
N HIS A 22 -1.77 0.80 9.44
CA HIS A 22 -1.94 -0.57 8.99
C HIS A 22 -1.81 -0.67 7.47
N HIS A 23 -2.29 0.35 6.77
CA HIS A 23 -2.21 0.37 5.31
C HIS A 23 -0.96 1.11 4.85
N TRP A 24 -0.81 2.35 5.31
CA TRP A 24 0.34 3.16 4.94
C TRP A 24 1.65 2.44 5.26
N LEU A 25 1.90 2.22 6.55
CA LEU A 25 3.11 1.55 6.98
C LEU A 25 3.30 0.23 6.23
N ASN A 26 2.20 -0.44 5.91
CA ASN A 26 2.24 -1.69 5.19
C ASN A 26 3.01 -1.54 3.87
N PHE A 27 2.88 -0.39 3.25
CA PHE A 27 3.56 -0.11 1.99
C PHE A 27 5.05 0.12 2.21
N LEU A 28 5.38 0.94 3.21
CA LEU A 28 6.76 1.24 3.52
C LEU A 28 7.58 -0.04 3.70
N GLN A 29 6.92 -1.08 4.19
CA GLN A 29 7.58 -2.37 4.40
C GLN A 29 7.81 -3.08 3.07
N ALA A 30 6.74 -3.23 2.30
CA ALA A 30 6.82 -3.91 1.01
C ALA A 30 7.94 -3.30 0.15
N ALA A 31 7.97 -1.98 0.07
CA ALA A 31 8.99 -1.29 -0.72
C ALA A 31 10.39 -1.71 -0.28
N TYR A 32 10.52 -2.13 0.97
CA TYR A 32 11.81 -2.54 1.51
C TYR A 32 12.07 -4.02 1.19
N ARG A 33 10.99 -4.77 0.98
CA ARG A 33 11.11 -6.19 0.67
C ARG A 33 11.83 -6.41 -0.66
N LEU A 34 11.35 -5.75 -1.70
CA LEU A 34 11.95 -5.87 -3.03
C LEU A 34 13.44 -5.55 -2.98
N GLU A 35 13.77 -4.37 -2.45
CA GLU A 35 15.15 -3.94 -2.35
C GLU A 35 15.48 -3.48 -0.93
N PRO A 36 16.69 -3.82 -0.45
CA PRO A 36 17.14 -3.44 0.89
C PRO A 36 17.41 -1.95 1.01
N GLY A 37 18.16 -1.40 0.06
CA GLY A 37 18.47 0.02 0.09
C GLY A 37 17.81 0.77 -1.05
N PRO A 38 16.57 1.24 -0.81
CA PRO A 38 15.81 1.98 -1.82
C PRO A 38 16.39 3.38 -2.06
N SER A 39 15.65 4.19 -2.81
CA SER A 39 16.07 5.54 -3.12
C SER A 39 14.89 6.50 -3.19
N SER A 40 15.18 7.80 -3.17
CA SER A 40 14.14 8.81 -3.22
C SER A 40 13.23 8.59 -4.44
N TYR A 41 13.84 8.27 -5.56
CA TYR A 41 13.10 8.04 -6.80
C TYR A 41 12.04 6.96 -6.60
N ASP A 42 12.26 6.08 -5.63
CA ASP A 42 11.33 5.01 -5.34
C ASP A 42 10.14 5.53 -4.53
N PHE A 43 10.37 6.60 -3.77
CA PHE A 43 9.32 7.19 -2.95
C PHE A 43 8.60 8.30 -3.70
N HIS A 44 9.29 8.89 -4.68
CA HIS A 44 8.71 9.97 -5.47
C HIS A 44 7.52 9.47 -6.28
N GLN A 45 7.50 8.17 -6.56
CA GLN A 45 6.42 7.57 -7.33
C GLN A 45 5.46 6.80 -6.43
N LEU A 46 5.95 6.43 -5.24
CA LEU A 46 5.14 5.69 -4.28
C LEU A 46 4.20 6.63 -3.52
N LYS A 47 4.78 7.68 -2.94
CA LYS A 47 3.99 8.65 -2.19
C LYS A 47 3.03 9.41 -3.10
N LYS A 48 3.51 9.74 -4.29
CA LYS A 48 2.69 10.46 -5.27
C LYS A 48 1.53 9.60 -5.75
N PHE A 49 1.79 8.30 -5.90
CA PHE A 49 0.77 7.37 -6.36
C PHE A 49 -0.23 7.07 -5.25
N LEU A 50 0.28 6.77 -4.06
CA LEU A 50 -0.58 6.47 -2.92
C LEU A 50 -1.63 7.56 -2.72
N LYS A 51 -1.28 8.78 -3.08
CA LYS A 51 -2.19 9.92 -2.95
C LYS A 51 -3.43 9.73 -3.83
N ILE A 52 -3.21 9.20 -5.03
CA ILE A 52 -4.30 8.96 -5.97
C ILE A 52 -5.10 7.72 -5.58
N ALA A 53 -4.40 6.66 -5.22
CA ALA A 53 -5.04 5.41 -4.82
C ALA A 53 -5.99 5.63 -3.64
N LEU A 54 -5.74 6.69 -2.90
CA LEU A 54 -6.57 7.02 -1.73
C LEU A 54 -7.89 7.67 -2.17
N GLU A 55 -7.85 8.38 -3.29
CA GLU A 55 -9.03 9.04 -3.81
C GLU A 55 -10.21 8.06 -3.91
N THR A 56 -9.91 6.82 -4.26
CA THR A 56 -10.93 5.79 -4.38
C THR A 56 -10.86 4.80 -3.24
N PRO A 57 -11.64 5.05 -2.17
CA PRO A 57 -11.67 4.19 -0.99
C PRO A 57 -12.34 2.85 -1.27
N VAL A 58 -11.68 2.01 -2.06
CA VAL A 58 -12.21 0.70 -2.41
C VAL A 58 -11.41 -0.42 -1.75
N TRP A 59 -10.17 -0.11 -1.37
CA TRP A 59 -9.30 -1.08 -0.72
C TRP A 59 -9.08 -0.73 0.75
N ILE A 60 -10.11 -0.17 1.37
CA ILE A 60 -10.05 0.21 2.77
C ILE A 60 -10.63 -0.88 3.66
N CYS A 61 -11.93 -1.11 3.52
CA CYS A 61 -12.61 -2.13 4.31
C CYS A 61 -12.22 -3.53 3.86
N PRO A 62 -12.51 -3.86 2.60
CA PRO A 62 -12.20 -5.16 2.02
C PRO A 62 -10.70 -5.36 1.81
N ILE A 63 -9.98 -4.24 1.70
CA ILE A 63 -8.54 -4.29 1.50
C ILE A 63 -8.17 -5.17 0.31
N ASN A 64 -8.09 -4.56 -0.87
CA ASN A 64 -7.75 -5.29 -2.09
C ASN A 64 -6.42 -4.80 -2.66
N TYR A 65 -5.33 -5.32 -2.13
CA TYR A 65 -3.99 -4.93 -2.58
C TYR A 65 -3.86 -5.15 -4.09
N SER A 66 -4.36 -6.28 -4.56
CA SER A 66 -4.30 -6.61 -5.99
C SER A 66 -4.96 -5.52 -6.83
N LEU A 67 -5.94 -4.85 -6.24
CA LEU A 67 -6.65 -3.78 -6.94
C LEU A 67 -5.83 -2.50 -6.97
N LEU A 68 -5.04 -2.29 -5.92
CA LEU A 68 -4.20 -1.10 -5.82
C LEU A 68 -3.02 -1.18 -6.78
N ALA A 69 -2.66 -2.41 -7.16
CA ALA A 69 -1.56 -2.63 -8.08
C ALA A 69 -1.96 -2.30 -9.52
N SER A 70 -3.26 -2.14 -9.74
CA SER A 70 -3.78 -1.84 -11.06
C SER A 70 -4.31 -0.41 -11.13
N LEU A 71 -4.20 0.30 -10.01
CA LEU A 71 -4.67 1.69 -9.93
C LEU A 71 -3.68 2.62 -10.61
N LEU A 72 -2.52 2.10 -10.99
CA LEU A 72 -1.49 2.89 -11.65
C LEU A 72 -2.05 3.59 -12.89
N PRO A 73 -1.41 4.69 -13.28
CA PRO A 73 -1.82 5.47 -14.46
C PRO A 73 -1.56 4.73 -15.76
N LYS A 74 -0.33 4.26 -15.93
CA LYS A 74 0.05 3.54 -17.15
C LYS A 74 1.55 3.21 -17.13
N GLY A 75 2.38 4.24 -17.08
CA GLY A 75 3.82 4.04 -17.06
C GLY A 75 4.32 3.58 -15.70
N TYR A 76 3.86 2.42 -15.27
CA TYR A 76 4.27 1.87 -13.98
C TYR A 76 4.41 0.36 -14.05
N PRO A 77 5.31 -0.11 -14.94
CA PRO A 77 5.57 -1.54 -15.14
C PRO A 77 6.29 -2.16 -13.94
N GLY A 78 7.37 -1.51 -13.50
CA GLY A 78 8.14 -2.01 -12.37
C GLY A 78 8.79 -0.90 -11.58
N ARG A 79 8.18 -0.54 -10.46
CA ARG A 79 8.71 0.53 -9.61
C ARG A 79 7.81 0.74 -8.39
N VAL A 80 6.53 0.97 -8.64
CA VAL A 80 5.57 1.19 -7.56
C VAL A 80 4.49 0.13 -7.57
N ASN A 81 4.07 -0.30 -8.75
CA ASN A 81 3.04 -1.31 -8.90
C ASN A 81 3.47 -2.63 -8.25
N GLU A 82 4.74 -2.99 -8.45
CA GLU A 82 5.27 -4.22 -7.90
C GLU A 82 5.10 -4.25 -6.38
N ILE A 83 5.31 -3.10 -5.75
CA ILE A 83 5.17 -2.99 -4.30
C ILE A 83 3.79 -3.43 -3.84
N LEU A 84 2.77 -3.10 -4.62
CA LEU A 84 1.40 -3.46 -4.30
C LEU A 84 1.19 -4.97 -4.45
N HIS A 85 1.98 -5.58 -5.31
CA HIS A 85 1.89 -7.02 -5.55
C HIS A 85 2.60 -7.80 -4.45
N ILE A 86 3.61 -7.19 -3.86
CA ILE A 86 4.37 -7.83 -2.79
C ILE A 86 3.53 -7.97 -1.52
N LEU A 87 2.54 -7.11 -1.39
CA LEU A 87 1.65 -7.13 -0.23
C LEU A 87 0.58 -8.22 -0.39
N ILE A 88 0.42 -8.72 -1.59
CA ILE A 88 -0.57 -9.75 -1.88
C ILE A 88 -0.07 -11.12 -1.40
N GLN A 89 1.25 -11.30 -1.39
CA GLN A 89 1.84 -12.55 -0.97
C GLN A 89 1.94 -12.62 0.56
N THR A 90 2.21 -11.48 1.18
CA THR A 90 2.33 -11.40 2.63
C THR A 90 0.95 -11.41 3.29
N GLN A 91 -0.07 -11.09 2.51
CA GLN A 91 -1.44 -11.06 3.02
C GLN A 91 -1.93 -12.46 3.36
N ALA A 92 -1.38 -13.46 2.66
CA ALA A 92 -1.77 -14.85 2.88
C ALA A 92 -1.31 -15.33 4.25
N GLN A 93 -0.27 -14.69 4.79
CA GLN A 93 0.27 -15.05 6.09
C GLN A 93 -0.80 -14.89 7.17
N ILE A 94 -1.74 -13.99 6.94
CA ILE A 94 -2.82 -13.74 7.90
C ILE A 94 -4.18 -13.97 7.27
N PRO A 95 -5.15 -14.39 8.09
CA PRO A 95 -6.52 -14.66 7.62
C PRO A 95 -7.26 -13.38 7.25
N SER A 96 -7.20 -12.38 8.13
CA SER A 96 -7.86 -11.11 7.88
C SER A 96 -7.41 -10.06 8.89
N ARG A 97 -7.59 -10.36 10.17
CA ARG A 97 -7.21 -9.43 11.24
C ARG A 97 -5.80 -9.75 11.74
N PRO A 98 -4.91 -8.75 11.66
CA PRO A 98 -3.53 -8.89 12.11
C PRO A 98 -3.41 -9.02 13.63
N ALA A 99 -4.35 -8.42 14.34
CA ALA A 99 -4.36 -8.47 15.80
C ALA A 99 -5.71 -8.95 16.33
N HIS A 100 -5.78 -10.24 16.64
CA HIS A 100 -7.02 -10.83 17.15
C HIS A 100 -7.37 -10.25 18.52
N HIS A 101 -6.34 -9.94 19.31
CA HIS A 101 -6.54 -9.38 20.64
C HIS A 101 -7.28 -10.36 21.54
N HIS A 102 -6.53 -11.20 22.24
CA HIS A 102 -7.11 -12.19 23.13
C HIS A 102 -6.33 -12.26 24.45
N HIS A 103 -6.92 -12.93 25.44
CA HIS A 103 -6.29 -13.07 26.75
C HIS A 103 -5.75 -14.47 26.94
N HIS A 104 -4.45 -14.64 26.78
CA HIS A 104 -3.81 -15.93 26.94
C HIS A 104 -2.29 -15.81 26.87
N HIS A 105 -1.77 -14.70 27.37
CA HIS A 105 -0.33 -14.46 27.36
C HIS A 105 0.17 -14.11 28.76
N MET A 1 0.83 -4.42 34.72
CA MET A 1 0.64 -3.89 33.38
C MET A 1 -0.42 -2.80 33.37
N GLY A 2 0.03 -1.55 33.33
CA GLY A 2 -0.90 -0.43 33.31
C GLY A 2 -0.47 0.67 32.36
N ARG A 3 0.16 1.71 32.89
CA ARG A 3 0.61 2.82 32.08
C ARG A 3 -0.56 3.52 31.41
N ILE A 4 -1.04 4.60 32.02
CA ILE A 4 -2.16 5.36 31.48
C ILE A 4 -3.38 4.47 31.26
N PHE A 5 -4.22 4.35 32.28
CA PHE A 5 -5.41 3.54 32.21
C PHE A 5 -6.63 4.37 31.83
N SER A 6 -6.83 4.56 30.52
CA SER A 6 -7.96 5.35 30.03
C SER A 6 -8.54 4.73 28.76
N ARG A 7 -9.73 5.18 28.38
CA ARG A 7 -10.39 4.66 27.19
C ARG A 7 -9.97 5.45 25.95
N SER A 8 -8.66 5.54 25.74
CA SER A 8 -8.13 6.27 24.59
C SER A 8 -6.73 5.77 24.24
N ALA A 9 -6.38 5.86 22.96
CA ALA A 9 -5.08 5.41 22.49
C ALA A 9 -4.20 6.60 22.11
N SER A 10 -4.84 7.71 21.74
CA SER A 10 -4.12 8.91 21.35
C SER A 10 -3.13 8.62 20.23
N PRO A 11 -3.67 8.29 19.05
CA PRO A 11 -2.87 7.97 17.86
C PRO A 11 -2.15 9.21 17.31
N ILE A 12 -0.98 8.98 16.72
CA ILE A 12 -0.20 10.07 16.15
C ILE A 12 -0.87 10.63 14.89
N PRO A 13 -1.00 11.96 14.82
CA PRO A 13 -1.62 12.64 13.68
C PRO A 13 -0.76 12.56 12.43
N ARG A 14 -1.33 11.99 11.37
CA ARG A 14 -0.62 11.86 10.10
C ARG A 14 -1.50 11.19 9.04
N PRO A 15 -1.91 9.95 9.32
CA PRO A 15 -2.76 9.17 8.41
C PRO A 15 -4.18 9.72 8.34
N PRO A 16 -4.73 9.79 7.12
CA PRO A 16 -6.07 10.31 6.88
C PRO A 16 -7.15 9.36 7.41
N ARG A 17 -8.39 9.64 7.05
CA ARG A 17 -9.52 8.81 7.47
C ARG A 17 -9.63 7.55 6.63
N GLY A 18 -9.31 7.68 5.35
CA GLY A 18 -9.38 6.54 4.44
C GLY A 18 -8.04 5.83 4.31
N LEU A 19 -7.23 5.91 5.35
CA LEU A 19 -5.91 5.27 5.36
C LEU A 19 -5.24 5.42 6.71
N ALA A 20 -4.80 4.29 7.27
CA ALA A 20 -4.12 4.30 8.56
C ALA A 20 -2.77 3.62 8.48
N ALA A 21 -2.02 3.65 9.58
CA ALA A 21 -0.71 3.03 9.63
C ALA A 21 -0.75 1.60 9.12
N HIS A 22 -1.80 0.87 9.50
CA HIS A 22 -1.97 -0.51 9.08
C HIS A 22 -1.80 -0.65 7.57
N HIS A 23 -2.29 0.34 6.83
CA HIS A 23 -2.19 0.33 5.38
C HIS A 23 -0.94 1.06 4.91
N TRP A 24 -0.74 2.27 5.41
CA TRP A 24 0.43 3.06 5.04
C TRP A 24 1.72 2.32 5.35
N LEU A 25 1.98 2.11 6.63
CA LEU A 25 3.18 1.40 7.06
C LEU A 25 3.34 0.08 6.32
N ASN A 26 2.21 -0.52 5.95
CA ASN A 26 2.21 -1.79 5.23
C ASN A 26 2.98 -1.66 3.92
N PHE A 27 2.83 -0.51 3.26
CA PHE A 27 3.51 -0.27 2.00
C PHE A 27 5.01 -0.06 2.22
N LEU A 28 5.35 0.74 3.22
CA LEU A 28 6.75 1.03 3.53
C LEU A 28 7.55 -0.27 3.66
N GLN A 29 6.89 -1.32 4.15
CA GLN A 29 7.54 -2.61 4.32
C GLN A 29 7.80 -3.27 2.98
N ALA A 30 6.75 -3.39 2.18
CA ALA A 30 6.86 -4.02 0.86
C ALA A 30 7.98 -3.37 0.04
N ALA A 31 8.00 -2.04 0.03
CA ALA A 31 9.02 -1.30 -0.71
C ALA A 31 10.42 -1.73 -0.30
N TYR A 32 10.54 -2.22 0.93
CA TYR A 32 11.84 -2.67 1.45
C TYR A 32 12.10 -4.11 1.06
N ARG A 33 11.04 -4.86 0.80
CA ARG A 33 11.17 -6.26 0.42
C ARG A 33 11.91 -6.41 -0.91
N LEU A 34 11.43 -5.69 -1.92
CA LEU A 34 12.05 -5.72 -3.24
C LEU A 34 13.53 -5.38 -3.17
N GLU A 35 13.83 -4.23 -2.58
CA GLU A 35 15.21 -3.77 -2.44
C GLU A 35 15.51 -3.38 -0.99
N PRO A 36 16.73 -3.72 -0.53
CA PRO A 36 17.16 -3.42 0.84
C PRO A 36 17.39 -1.92 1.05
N GLY A 37 18.14 -1.30 0.15
CA GLY A 37 18.42 0.11 0.25
C GLY A 37 17.77 0.92 -0.85
N PRO A 38 16.52 1.35 -0.62
CA PRO A 38 15.77 2.14 -1.59
C PRO A 38 16.32 3.54 -1.76
N SER A 39 15.60 4.39 -2.48
CA SER A 39 16.01 5.77 -2.71
C SER A 39 14.81 6.69 -2.85
N SER A 40 15.07 8.00 -2.81
CA SER A 40 14.01 8.98 -2.94
C SER A 40 13.17 8.75 -4.19
N TYR A 41 13.85 8.43 -5.29
CA TYR A 41 13.18 8.18 -6.56
C TYR A 41 12.13 7.10 -6.41
N ASP A 42 12.31 6.23 -5.43
CA ASP A 42 11.37 5.14 -5.18
C ASP A 42 10.14 5.64 -4.44
N PHE A 43 10.32 6.70 -3.67
CA PHE A 43 9.22 7.29 -2.91
C PHE A 43 8.52 8.38 -3.72
N HIS A 44 9.25 8.97 -4.65
CA HIS A 44 8.69 10.03 -5.49
C HIS A 44 7.53 9.52 -6.34
N GLN A 45 7.55 8.21 -6.62
CA GLN A 45 6.50 7.59 -7.42
C GLN A 45 5.51 6.85 -6.53
N LEU A 46 5.93 6.55 -5.31
CA LEU A 46 5.07 5.84 -4.36
C LEU A 46 4.10 6.81 -3.68
N LYS A 47 4.64 7.87 -3.10
CA LYS A 47 3.83 8.87 -2.42
C LYS A 47 2.90 9.58 -3.40
N LYS A 48 3.41 9.86 -4.60
CA LYS A 48 2.62 10.53 -5.63
C LYS A 48 1.49 9.63 -6.13
N PHE A 49 1.76 8.33 -6.18
CA PHE A 49 0.77 7.36 -6.64
C PHE A 49 -0.26 7.08 -5.55
N LEU A 50 0.22 6.87 -4.33
CA LEU A 50 -0.66 6.59 -3.20
C LEU A 50 -1.76 7.64 -3.10
N LYS A 51 -1.42 8.89 -3.41
CA LYS A 51 -2.38 9.98 -3.35
C LYS A 51 -3.59 9.69 -4.25
N ILE A 52 -3.34 9.01 -5.36
CA ILE A 52 -4.40 8.67 -6.29
C ILE A 52 -5.20 7.47 -5.80
N ALA A 53 -4.49 6.44 -5.33
CA ALA A 53 -5.14 5.23 -4.83
C ALA A 53 -6.00 5.54 -3.62
N LEU A 54 -5.65 6.59 -2.89
CA LEU A 54 -6.39 6.99 -1.70
C LEU A 54 -7.70 7.67 -2.09
N GLU A 55 -7.67 8.41 -3.20
CA GLU A 55 -8.87 9.11 -3.67
C GLU A 55 -10.05 8.16 -3.78
N THR A 56 -9.77 6.91 -4.14
CA THR A 56 -10.82 5.91 -4.28
C THR A 56 -10.76 4.89 -3.13
N PRO A 57 -11.52 5.16 -2.06
CA PRO A 57 -11.57 4.28 -0.89
C PRO A 57 -12.28 2.96 -1.18
N VAL A 58 -11.64 2.11 -1.98
CA VAL A 58 -12.20 0.82 -2.33
C VAL A 58 -11.42 -0.32 -1.70
N TRP A 59 -10.18 -0.03 -1.31
CA TRP A 59 -9.33 -1.03 -0.69
C TRP A 59 -9.10 -0.71 0.79
N ILE A 60 -10.11 -0.12 1.42
CA ILE A 60 -10.02 0.23 2.83
C ILE A 60 -10.62 -0.85 3.71
N CYS A 61 -11.93 -1.05 3.58
CA CYS A 61 -12.64 -2.07 4.37
C CYS A 61 -12.27 -3.47 3.91
N PRO A 62 -12.58 -3.78 2.64
CA PRO A 62 -12.30 -5.09 2.05
C PRO A 62 -10.81 -5.31 1.83
N ILE A 63 -10.06 -4.21 1.73
CA ILE A 63 -8.61 -4.29 1.51
C ILE A 63 -8.28 -5.17 0.31
N ASN A 64 -8.18 -4.55 -0.86
CA ASN A 64 -7.87 -5.27 -2.09
C ASN A 64 -6.53 -4.82 -2.66
N TYR A 65 -5.45 -5.36 -2.10
CA TYR A 65 -4.11 -5.00 -2.56
C TYR A 65 -3.97 -5.22 -4.06
N SER A 66 -4.51 -6.33 -4.55
CA SER A 66 -4.45 -6.64 -5.97
C SER A 66 -5.07 -5.53 -6.81
N LEU A 67 -6.04 -4.82 -6.22
CA LEU A 67 -6.72 -3.74 -6.91
C LEU A 67 -5.86 -2.47 -6.92
N LEU A 68 -5.09 -2.29 -5.86
CA LEU A 68 -4.22 -1.12 -5.73
C LEU A 68 -3.04 -1.22 -6.69
N ALA A 69 -2.71 -2.44 -7.09
CA ALA A 69 -1.61 -2.67 -8.02
C ALA A 69 -2.01 -2.33 -9.45
N SER A 70 -3.30 -2.09 -9.65
CA SER A 70 -3.82 -1.76 -10.98
C SER A 70 -4.29 -0.31 -11.02
N LEU A 71 -4.15 0.39 -9.91
CA LEU A 71 -4.56 1.79 -9.82
C LEU A 71 -3.54 2.69 -10.51
N LEU A 72 -2.42 2.11 -10.94
CA LEU A 72 -1.37 2.87 -11.61
C LEU A 72 -1.94 3.65 -12.78
N PRO A 73 -1.23 4.73 -13.18
CA PRO A 73 -1.64 5.58 -14.29
C PRO A 73 -1.51 4.88 -15.64
N LYS A 74 -0.33 4.31 -15.89
CA LYS A 74 -0.09 3.60 -17.15
C LYS A 74 1.35 3.08 -17.20
N GLY A 75 2.30 4.00 -17.33
CA GLY A 75 3.69 3.62 -17.40
C GLY A 75 4.26 3.27 -16.04
N TYR A 76 3.71 2.22 -15.42
CA TYR A 76 4.17 1.79 -14.10
C TYR A 76 4.25 0.27 -14.04
N PRO A 77 5.11 -0.32 -14.88
CA PRO A 77 5.30 -1.77 -14.94
C PRO A 77 6.00 -2.31 -13.70
N GLY A 78 6.61 -1.42 -12.93
CA GLY A 78 7.31 -1.81 -11.73
C GLY A 78 7.62 -0.65 -10.81
N ARG A 79 8.61 -0.82 -9.95
CA ARG A 79 9.01 0.23 -9.02
C ARG A 79 7.95 0.43 -7.94
N VAL A 80 6.80 0.97 -8.33
CA VAL A 80 5.71 1.21 -7.40
C VAL A 80 4.67 0.10 -7.48
N ASN A 81 4.28 -0.27 -8.70
CA ASN A 81 3.29 -1.31 -8.92
C ASN A 81 3.72 -2.61 -8.24
N GLU A 82 4.98 -2.99 -8.43
CA GLU A 82 5.51 -4.22 -7.84
C GLU A 82 5.24 -4.24 -6.34
N ILE A 83 5.44 -3.10 -5.69
CA ILE A 83 5.23 -3.00 -4.24
C ILE A 83 3.84 -3.48 -3.87
N LEU A 84 2.85 -3.10 -4.66
CA LEU A 84 1.47 -3.50 -4.40
C LEU A 84 1.29 -5.01 -4.59
N HIS A 85 2.12 -5.60 -5.44
CA HIS A 85 2.06 -7.02 -5.70
C HIS A 85 2.72 -7.82 -4.56
N ILE A 86 3.68 -7.19 -3.89
CA ILE A 86 4.38 -7.83 -2.79
C ILE A 86 3.48 -7.97 -1.58
N LEU A 87 2.45 -7.15 -1.51
CA LEU A 87 1.50 -7.18 -0.40
C LEU A 87 0.47 -8.28 -0.59
N ILE A 88 0.30 -8.72 -1.83
CA ILE A 88 -0.65 -9.77 -2.15
C ILE A 88 -0.14 -11.13 -1.71
N GLN A 89 1.18 -11.25 -1.59
CA GLN A 89 1.80 -12.50 -1.17
C GLN A 89 1.81 -12.61 0.36
N THR A 90 2.17 -11.52 1.03
CA THR A 90 2.23 -11.49 2.48
C THR A 90 0.84 -11.66 3.09
N GLN A 91 -0.18 -11.21 2.35
CA GLN A 91 -1.56 -11.30 2.83
C GLN A 91 -1.93 -12.76 3.10
N ALA A 92 -1.28 -13.67 2.40
CA ALA A 92 -1.54 -15.10 2.59
C ALA A 92 -0.68 -15.69 3.70
N GLN A 93 -0.78 -15.11 4.88
CA GLN A 93 -0.01 -15.56 6.04
C GLN A 93 -0.88 -15.59 7.30
N ILE A 94 -1.50 -14.47 7.60
CA ILE A 94 -2.35 -14.36 8.78
C ILE A 94 -3.49 -15.37 8.73
N PRO A 95 -3.96 -15.80 9.91
CA PRO A 95 -5.06 -16.77 10.02
C PRO A 95 -6.39 -16.18 9.59
N SER A 96 -6.67 -14.97 10.04
CA SER A 96 -7.93 -14.30 9.71
C SER A 96 -9.12 -15.07 10.25
N ARG A 97 -9.10 -15.34 11.55
CA ARG A 97 -10.17 -16.08 12.19
C ARG A 97 -10.24 -17.52 11.68
N PRO A 98 -10.57 -18.46 12.57
CA PRO A 98 -10.68 -19.88 12.24
C PRO A 98 -11.88 -20.17 11.33
N ALA A 99 -12.73 -19.17 11.15
CA ALA A 99 -13.92 -19.32 10.32
C ALA A 99 -14.86 -20.38 10.89
N HIS A 100 -15.97 -20.60 10.19
CA HIS A 100 -16.95 -21.60 10.63
C HIS A 100 -17.55 -21.21 11.98
N HIS A 101 -18.64 -21.87 12.34
CA HIS A 101 -19.31 -21.58 13.61
C HIS A 101 -19.83 -20.15 13.65
N HIS A 102 -20.69 -19.87 14.62
CA HIS A 102 -21.26 -18.53 14.77
C HIS A 102 -20.90 -17.94 16.12
N HIS A 103 -21.07 -16.63 16.25
CA HIS A 103 -20.76 -15.93 17.51
C HIS A 103 -21.80 -14.86 17.79
N HIS A 104 -22.49 -15.00 18.92
CA HIS A 104 -23.52 -14.04 19.33
C HIS A 104 -22.88 -12.71 19.73
N HIS A 105 -22.73 -11.82 18.78
CA HIS A 105 -22.14 -10.51 19.05
C HIS A 105 -23.21 -9.49 19.42
N MET A 1 -19.60 20.47 15.52
CA MET A 1 -18.17 20.47 15.23
C MET A 1 -17.47 19.36 15.99
N GLY A 2 -17.13 18.28 15.29
CA GLY A 2 -16.45 17.16 15.93
C GLY A 2 -15.11 17.55 16.49
N ARG A 3 -14.53 16.67 17.30
CA ARG A 3 -13.23 16.92 17.91
C ARG A 3 -12.12 16.23 17.12
N ILE A 4 -12.29 16.16 15.80
CA ILE A 4 -11.30 15.53 14.94
C ILE A 4 -10.88 16.47 13.81
N PHE A 5 -11.87 17.13 13.20
CA PHE A 5 -11.60 18.06 12.11
C PHE A 5 -11.00 17.33 10.92
N SER A 6 -10.67 18.09 9.87
CA SER A 6 -10.08 17.52 8.67
C SER A 6 -11.02 16.48 8.05
N ARG A 7 -12.21 16.91 7.66
CA ARG A 7 -13.20 16.02 7.05
C ARG A 7 -12.86 15.75 5.59
N SER A 8 -12.24 16.73 4.94
CA SER A 8 -11.87 16.59 3.54
C SER A 8 -10.60 15.76 3.39
N ALA A 9 -10.18 15.56 2.15
CA ALA A 9 -8.97 14.78 1.86
C ALA A 9 -7.78 15.70 1.58
N SER A 10 -7.23 16.29 2.64
CA SER A 10 -6.09 17.19 2.50
C SER A 10 -4.78 16.42 2.57
N PRO A 11 -3.76 16.93 1.85
CA PRO A 11 -2.43 16.31 1.82
C PRO A 11 -1.70 16.43 3.15
N ILE A 12 -1.88 15.44 4.01
CA ILE A 12 -1.23 15.44 5.32
C ILE A 12 -0.46 14.14 5.55
N PRO A 13 0.62 14.22 6.34
CA PRO A 13 1.46 13.06 6.65
C PRO A 13 0.76 12.07 7.57
N ARG A 14 0.02 12.60 8.54
CA ARG A 14 -0.71 11.75 9.48
C ARG A 14 -1.70 10.85 8.76
N PRO A 15 -2.05 9.72 9.39
CA PRO A 15 -2.98 8.75 8.83
C PRO A 15 -4.41 9.28 8.79
N PRO A 16 -4.93 9.50 7.57
CA PRO A 16 -6.29 10.01 7.37
C PRO A 16 -7.35 8.98 7.75
N ARG A 17 -8.61 9.29 7.43
CA ARG A 17 -9.72 8.40 7.73
C ARG A 17 -9.76 7.24 6.74
N GLY A 18 -9.41 7.52 5.49
CA GLY A 18 -9.42 6.48 4.47
C GLY A 18 -8.07 5.80 4.33
N LEU A 19 -7.26 5.90 5.37
CA LEU A 19 -5.93 5.28 5.36
C LEU A 19 -5.24 5.44 6.71
N ALA A 20 -4.80 4.32 7.28
CA ALA A 20 -4.13 4.34 8.57
C ALA A 20 -2.76 3.66 8.47
N ALA A 21 -2.01 3.70 9.57
CA ALA A 21 -0.69 3.10 9.62
C ALA A 21 -0.73 1.66 9.11
N HIS A 22 -1.77 0.93 9.47
CA HIS A 22 -1.93 -0.46 9.05
C HIS A 22 -1.75 -0.59 7.54
N HIS A 23 -2.26 0.40 6.80
CA HIS A 23 -2.16 0.40 5.35
C HIS A 23 -0.91 1.14 4.89
N TRP A 24 -0.74 2.36 5.39
CA TRP A 24 0.42 3.18 5.02
C TRP A 24 1.72 2.44 5.33
N LEU A 25 1.99 2.23 6.62
CA LEU A 25 3.20 1.54 7.04
C LEU A 25 3.37 0.23 6.29
N ASN A 26 2.25 -0.39 5.92
CA ASN A 26 2.27 -1.66 5.20
C ASN A 26 3.04 -1.52 3.89
N PHE A 27 2.87 -0.39 3.23
CA PHE A 27 3.55 -0.12 1.96
C PHE A 27 5.04 0.09 2.18
N LEU A 28 5.38 0.89 3.19
CA LEU A 28 6.77 1.19 3.50
C LEU A 28 7.58 -0.10 3.64
N GLN A 29 6.92 -1.15 4.14
CA GLN A 29 7.58 -2.43 4.33
C GLN A 29 7.80 -3.13 2.99
N ALA A 30 6.73 -3.28 2.22
CA ALA A 30 6.82 -3.93 0.92
C ALA A 30 7.92 -3.32 0.06
N ALA A 31 7.96 -1.99 0.01
CA ALA A 31 8.97 -1.28 -0.77
C ALA A 31 10.37 -1.71 -0.35
N TYR A 32 10.50 -2.14 0.89
CA TYR A 32 11.80 -2.57 1.41
C TYR A 32 12.07 -4.03 1.08
N ARG A 33 10.99 -4.79 0.83
CA ARG A 33 11.10 -6.20 0.50
C ARG A 33 11.84 -6.39 -0.83
N LEU A 34 11.36 -5.71 -1.86
CA LEU A 34 11.97 -5.80 -3.19
C LEU A 34 13.45 -5.46 -3.12
N GLU A 35 13.77 -4.29 -2.57
CA GLU A 35 15.15 -3.84 -2.45
C GLU A 35 15.47 -3.43 -1.02
N PRO A 36 16.67 -3.77 -0.56
CA PRO A 36 17.12 -3.45 0.80
C PRO A 36 17.37 -1.95 0.98
N GLY A 37 18.12 -1.37 0.06
CA GLY A 37 18.43 0.06 0.14
C GLY A 37 17.79 0.85 -1.00
N PRO A 38 16.54 1.28 -0.79
CA PRO A 38 15.80 2.06 -1.78
C PRO A 38 16.38 3.47 -1.97
N SER A 39 15.65 4.30 -2.72
CA SER A 39 16.09 5.67 -2.98
C SER A 39 14.89 6.60 -3.10
N SER A 40 15.17 7.90 -3.04
CA SER A 40 14.11 8.91 -3.15
C SER A 40 13.28 8.68 -4.41
N TYR A 41 13.94 8.34 -5.50
CA TYR A 41 13.26 8.10 -6.77
C TYR A 41 12.19 7.02 -6.61
N ASP A 42 12.37 6.15 -5.63
CA ASP A 42 11.43 5.07 -5.37
C ASP A 42 10.22 5.58 -4.60
N PHE A 43 10.42 6.64 -3.82
CA PHE A 43 9.34 7.23 -3.03
C PHE A 43 8.63 8.33 -3.81
N HIS A 44 9.33 8.91 -4.78
CA HIS A 44 8.77 9.98 -5.60
C HIS A 44 7.57 9.47 -6.41
N GLN A 45 7.56 8.17 -6.66
CA GLN A 45 6.47 7.55 -7.43
C GLN A 45 5.52 6.79 -6.50
N LEU A 46 6.01 6.44 -5.32
CA LEU A 46 5.20 5.71 -4.35
C LEU A 46 4.25 6.65 -3.60
N LYS A 47 4.82 7.72 -3.03
CA LYS A 47 4.02 8.70 -2.30
C LYS A 47 3.08 9.46 -3.24
N LYS A 48 3.58 9.79 -4.42
CA LYS A 48 2.78 10.50 -5.41
C LYS A 48 1.63 9.64 -5.92
N PHE A 49 1.85 8.33 -5.97
CA PHE A 49 0.83 7.39 -6.43
C PHE A 49 -0.17 7.09 -5.31
N LEU A 50 0.35 6.83 -4.12
CA LEU A 50 -0.50 6.52 -2.98
C LEU A 50 -1.59 7.58 -2.81
N LYS A 51 -1.28 8.81 -3.20
CA LYS A 51 -2.23 9.91 -3.08
C LYS A 51 -3.44 9.66 -3.96
N ILE A 52 -3.21 9.11 -5.15
CA ILE A 52 -4.29 8.82 -6.08
C ILE A 52 -5.11 7.62 -5.63
N ALA A 53 -4.41 6.54 -5.30
CA ALA A 53 -5.07 5.32 -4.83
C ALA A 53 -5.97 5.59 -3.63
N LEU A 54 -5.65 6.65 -2.90
CA LEU A 54 -6.43 7.03 -1.72
C LEU A 54 -7.74 7.69 -2.13
N GLU A 55 -7.71 8.43 -3.24
CA GLU A 55 -8.89 9.11 -3.74
C GLU A 55 -10.08 8.15 -3.84
N THR A 56 -9.79 6.91 -4.20
CA THR A 56 -10.83 5.89 -4.33
C THR A 56 -10.76 4.88 -3.19
N PRO A 57 -11.53 5.14 -2.13
CA PRO A 57 -11.58 4.26 -0.96
C PRO A 57 -12.26 2.93 -1.25
N VAL A 58 -11.61 2.09 -2.04
CA VAL A 58 -12.15 0.79 -2.40
C VAL A 58 -11.37 -0.35 -1.75
N TRP A 59 -10.13 -0.04 -1.36
CA TRP A 59 -9.27 -1.04 -0.73
C TRP A 59 -9.05 -0.70 0.74
N ILE A 60 -10.07 -0.12 1.37
CA ILE A 60 -9.99 0.23 2.79
C ILE A 60 -10.60 -0.85 3.67
N CYS A 61 -11.89 -1.07 3.52
CA CYS A 61 -12.59 -2.09 4.31
C CYS A 61 -12.20 -3.49 3.85
N PRO A 62 -12.51 -3.80 2.59
CA PRO A 62 -12.21 -5.11 1.99
C PRO A 62 -10.71 -5.32 1.79
N ILE A 63 -9.98 -4.21 1.67
CA ILE A 63 -8.54 -4.27 1.47
C ILE A 63 -8.19 -5.15 0.27
N ASN A 64 -8.09 -4.53 -0.90
CA ASN A 64 -7.76 -5.26 -2.12
C ASN A 64 -6.43 -4.78 -2.69
N TYR A 65 -5.34 -5.32 -2.15
CA TYR A 65 -4.01 -4.95 -2.60
C TYR A 65 -3.86 -5.16 -4.10
N SER A 66 -4.40 -6.28 -4.59
CA SER A 66 -4.32 -6.60 -6.02
C SER A 66 -4.97 -5.50 -6.85
N LEU A 67 -5.93 -4.80 -6.26
CA LEU A 67 -6.63 -3.73 -6.96
C LEU A 67 -5.79 -2.46 -6.97
N LEU A 68 -5.02 -2.25 -5.90
CA LEU A 68 -4.15 -1.07 -5.80
C LEU A 68 -2.99 -1.16 -6.77
N ALA A 69 -2.63 -2.38 -7.15
CA ALA A 69 -1.53 -2.61 -8.08
C ALA A 69 -1.96 -2.32 -9.52
N SER A 70 -3.26 -2.10 -9.71
CA SER A 70 -3.79 -1.82 -11.05
C SER A 70 -4.32 -0.39 -11.12
N LEU A 71 -4.21 0.34 -10.02
CA LEU A 71 -4.68 1.72 -9.96
C LEU A 71 -3.69 2.66 -10.66
N LEU A 72 -2.53 2.13 -11.00
CA LEU A 72 -1.50 2.92 -11.68
C LEU A 72 -2.05 3.57 -12.95
N PRO A 73 -1.41 4.66 -13.37
CA PRO A 73 -1.82 5.40 -14.58
C PRO A 73 -1.55 4.62 -15.86
N LYS A 74 -0.31 4.15 -16.01
CA LYS A 74 0.08 3.39 -17.19
C LYS A 74 1.56 3.08 -17.18
N GLY A 75 2.39 4.12 -17.12
CA GLY A 75 3.82 3.94 -17.10
C GLY A 75 4.33 3.50 -15.73
N TYR A 76 3.88 2.32 -15.29
CA TYR A 76 4.29 1.78 -14.00
C TYR A 76 4.44 0.26 -14.07
N PRO A 77 5.34 -0.20 -14.95
CA PRO A 77 5.59 -1.63 -15.13
C PRO A 77 6.31 -2.25 -13.94
N GLY A 78 7.38 -1.60 -13.48
CA GLY A 78 8.13 -2.10 -12.35
C GLY A 78 8.80 -0.98 -11.56
N ARG A 79 8.18 -0.60 -10.45
CA ARG A 79 8.72 0.47 -9.61
C ARG A 79 7.83 0.71 -8.40
N VAL A 80 6.54 0.93 -8.66
CA VAL A 80 5.58 1.18 -7.59
C VAL A 80 4.49 0.12 -7.58
N ASN A 81 4.09 -0.31 -8.77
CA ASN A 81 3.04 -1.32 -8.90
C ASN A 81 3.47 -2.63 -8.23
N GLU A 82 4.73 -3.01 -8.44
CA GLU A 82 5.26 -4.24 -7.85
C GLU A 82 5.09 -4.25 -6.34
N ILE A 83 5.30 -3.08 -5.73
CA ILE A 83 5.18 -2.95 -4.28
C ILE A 83 3.79 -3.40 -3.81
N LEU A 84 2.78 -3.07 -4.60
CA LEU A 84 1.40 -3.44 -4.27
C LEU A 84 1.18 -4.93 -4.41
N HIS A 85 1.97 -5.56 -5.28
CA HIS A 85 1.87 -7.01 -5.50
C HIS A 85 2.57 -7.77 -4.39
N ILE A 86 3.60 -7.17 -3.81
CA ILE A 86 4.35 -7.80 -2.73
C ILE A 86 3.50 -7.94 -1.47
N LEU A 87 2.48 -7.11 -1.36
CA LEU A 87 1.59 -7.14 -0.21
C LEU A 87 0.53 -8.22 -0.37
N ILE A 88 0.36 -8.71 -1.59
CA ILE A 88 -0.62 -9.75 -1.87
C ILE A 88 -0.13 -11.11 -1.39
N GLN A 89 1.19 -11.28 -1.37
CA GLN A 89 1.79 -12.54 -0.94
C GLN A 89 1.85 -12.61 0.58
N THR A 90 2.14 -11.47 1.22
CA THR A 90 2.24 -11.41 2.67
C THR A 90 0.85 -11.43 3.30
N GLN A 91 -0.16 -11.13 2.52
CA GLN A 91 -1.54 -11.11 3.01
C GLN A 91 -2.03 -12.53 3.31
N ALA A 92 -1.42 -13.52 2.65
CA ALA A 92 -1.79 -14.91 2.86
C ALA A 92 -1.30 -15.41 4.22
N GLN A 93 -0.28 -14.75 4.75
CA GLN A 93 0.28 -15.14 6.04
C GLN A 93 -0.24 -14.24 7.15
N ILE A 94 -0.13 -12.93 6.95
CA ILE A 94 -0.59 -11.96 7.94
C ILE A 94 0.24 -12.04 9.21
N PRO A 95 0.68 -10.87 9.69
CA PRO A 95 1.49 -10.77 10.91
C PRO A 95 0.68 -11.09 12.17
N SER A 96 1.33 -11.76 13.12
CA SER A 96 0.66 -12.12 14.37
C SER A 96 0.49 -10.91 15.27
N ARG A 97 1.60 -10.45 15.86
CA ARG A 97 1.57 -9.30 16.75
C ARG A 97 1.98 -8.03 16.00
N PRO A 98 1.08 -7.03 16.00
CA PRO A 98 1.33 -5.75 15.33
C PRO A 98 2.39 -4.92 16.03
N ALA A 99 2.51 -5.09 17.34
CA ALA A 99 3.49 -4.36 18.13
C ALA A 99 4.90 -4.82 17.81
N HIS A 100 5.87 -4.37 18.61
CA HIS A 100 7.26 -4.73 18.40
C HIS A 100 7.63 -5.98 19.21
N HIS A 101 7.53 -7.14 18.56
CA HIS A 101 7.85 -8.41 19.22
C HIS A 101 9.16 -8.98 18.69
N HIS A 102 10.27 -8.61 19.33
CA HIS A 102 11.58 -9.10 18.93
C HIS A 102 11.94 -10.39 19.65
N HIS A 103 12.43 -11.37 18.91
CA HIS A 103 12.81 -12.65 19.50
C HIS A 103 13.56 -13.50 18.47
N HIS A 104 14.44 -12.87 17.71
CA HIS A 104 15.21 -13.57 16.69
C HIS A 104 16.71 -13.48 17.00
N HIS A 105 17.30 -14.60 17.42
CA HIS A 105 18.72 -14.64 17.74
C HIS A 105 19.56 -14.58 16.48
N MET A 1 1.89 31.93 13.51
CA MET A 1 3.16 31.55 14.13
C MET A 1 3.20 30.05 14.39
N GLY A 2 2.08 29.50 14.86
CA GLY A 2 2.02 28.08 15.14
C GLY A 2 0.69 27.47 14.75
N ARG A 3 0.58 26.15 14.86
CA ARG A 3 -0.65 25.44 14.52
C ARG A 3 -1.23 24.74 15.73
N ILE A 4 -1.99 25.48 16.53
CA ILE A 4 -2.61 24.93 17.73
C ILE A 4 -4.11 25.22 17.76
N PHE A 5 -4.84 24.59 16.86
CA PHE A 5 -6.29 24.78 16.79
C PHE A 5 -7.03 23.50 17.16
N SER A 6 -8.31 23.63 17.46
CA SER A 6 -9.13 22.49 17.84
C SER A 6 -8.62 21.87 19.14
N ARG A 7 -9.35 20.87 19.64
CA ARG A 7 -8.97 20.19 20.87
C ARG A 7 -8.67 18.72 20.60
N SER A 8 -7.42 18.33 20.85
CA SER A 8 -6.99 16.94 20.63
C SER A 8 -7.29 16.51 19.20
N ALA A 9 -6.31 16.73 18.31
CA ALA A 9 -6.46 16.36 16.91
C ALA A 9 -5.89 14.97 16.66
N SER A 10 -6.29 14.00 17.49
CA SER A 10 -5.82 12.63 17.35
C SER A 10 -4.32 12.55 17.59
N PRO A 11 -3.87 11.38 18.08
CA PRO A 11 -2.45 11.14 18.37
C PRO A 11 -1.61 11.06 17.10
N ILE A 12 -2.25 10.76 15.98
CA ILE A 12 -1.56 10.65 14.70
C ILE A 12 -2.41 11.22 13.57
N PRO A 13 -2.24 12.51 13.29
CA PRO A 13 -2.98 13.21 12.23
C PRO A 13 -2.55 12.75 10.83
N ARG A 14 -1.33 12.24 10.74
CA ARG A 14 -0.80 11.78 9.46
C ARG A 14 -1.78 10.84 8.77
N PRO A 15 -2.06 9.69 9.42
CA PRO A 15 -2.99 8.68 8.89
C PRO A 15 -4.43 9.16 8.92
N PRO A 16 -5.01 9.37 7.73
CA PRO A 16 -6.40 9.83 7.58
C PRO A 16 -7.40 8.76 8.00
N ARG A 17 -8.68 9.02 7.75
CA ARG A 17 -9.74 8.09 8.10
C ARG A 17 -9.78 6.92 7.11
N GLY A 18 -9.53 7.23 5.84
CA GLY A 18 -9.53 6.20 4.81
C GLY A 18 -8.17 5.58 4.60
N LEU A 19 -7.30 5.70 5.59
CA LEU A 19 -5.95 5.15 5.50
C LEU A 19 -5.20 5.34 6.82
N ALA A 20 -4.73 4.23 7.38
CA ALA A 20 -3.99 4.26 8.63
C ALA A 20 -2.64 3.58 8.50
N ALA A 21 -1.87 3.57 9.58
CA ALA A 21 -0.55 2.94 9.58
C ALA A 21 -0.62 1.52 9.02
N HIS A 22 -1.66 0.79 9.42
CA HIS A 22 -1.84 -0.58 8.96
C HIS A 22 -1.72 -0.68 7.44
N HIS A 23 -2.20 0.36 6.76
CA HIS A 23 -2.15 0.40 5.29
C HIS A 23 -0.91 1.15 4.81
N TRP A 24 -0.77 2.39 5.27
CA TRP A 24 0.37 3.21 4.88
C TRP A 24 1.68 2.51 5.21
N LEU A 25 1.95 2.31 6.49
CA LEU A 25 3.17 1.65 6.93
C LEU A 25 3.38 0.33 6.18
N ASN A 26 2.28 -0.36 5.89
CA ASN A 26 2.34 -1.63 5.18
C ASN A 26 3.12 -1.48 3.88
N PHE A 27 2.95 -0.34 3.21
CA PHE A 27 3.65 -0.08 1.95
C PHE A 27 5.13 0.17 2.19
N LEU A 28 5.44 1.02 3.17
CA LEU A 28 6.82 1.34 3.50
C LEU A 28 7.64 0.07 3.71
N GLN A 29 7.00 -0.96 4.23
CA GLN A 29 7.67 -2.23 4.47
C GLN A 29 7.90 -2.99 3.17
N ALA A 30 6.83 -3.15 2.39
CA ALA A 30 6.91 -3.85 1.11
C ALA A 30 8.00 -3.25 0.23
N ALA A 31 8.03 -1.93 0.15
CA ALA A 31 9.03 -1.24 -0.66
C ALA A 31 10.44 -1.64 -0.26
N TYR A 32 10.61 -2.05 0.99
CA TYR A 32 11.91 -2.47 1.50
C TYR A 32 12.18 -3.93 1.17
N ARG A 33 11.11 -4.68 0.94
CA ARG A 33 11.24 -6.10 0.62
C ARG A 33 11.93 -6.29 -0.73
N LEU A 34 11.38 -5.67 -1.76
CA LEU A 34 11.94 -5.77 -3.10
C LEU A 34 13.42 -5.43 -3.11
N GLU A 35 13.76 -4.26 -2.56
CA GLU A 35 15.15 -3.83 -2.50
C GLU A 35 15.51 -3.39 -1.08
N PRO A 36 16.73 -3.74 -0.65
CA PRO A 36 17.24 -3.39 0.68
C PRO A 36 17.49 -1.90 0.84
N GLY A 37 18.22 -1.32 -0.11
CA GLY A 37 18.53 0.10 -0.07
C GLY A 37 17.85 0.87 -1.19
N PRO A 38 16.62 1.32 -0.93
CA PRO A 38 15.85 2.10 -1.91
C PRO A 38 16.41 3.49 -2.14
N SER A 39 15.68 4.32 -2.87
CA SER A 39 16.11 5.68 -3.17
C SER A 39 14.92 6.62 -3.27
N SER A 40 15.20 7.92 -3.23
CA SER A 40 14.14 8.93 -3.32
C SER A 40 13.27 8.70 -4.54
N TYR A 41 13.89 8.34 -5.66
CA TYR A 41 13.18 8.09 -6.89
C TYR A 41 12.11 7.02 -6.70
N ASP A 42 12.32 6.17 -5.72
CA ASP A 42 11.37 5.09 -5.42
C ASP A 42 10.18 5.62 -4.63
N PHE A 43 10.40 6.69 -3.87
CA PHE A 43 9.35 7.28 -3.06
C PHE A 43 8.63 8.39 -3.85
N HIS A 44 9.32 8.95 -4.82
CA HIS A 44 8.75 10.02 -5.65
C HIS A 44 7.56 9.50 -6.45
N GLN A 45 7.53 8.20 -6.70
CA GLN A 45 6.45 7.59 -7.45
C GLN A 45 5.50 6.83 -6.53
N LEU A 46 5.98 6.50 -5.34
CA LEU A 46 5.18 5.77 -4.37
C LEU A 46 4.23 6.72 -3.62
N LYS A 47 4.81 7.78 -3.05
CA LYS A 47 4.03 8.76 -2.32
C LYS A 47 3.07 9.50 -3.25
N LYS A 48 3.54 9.81 -4.45
CA LYS A 48 2.71 10.51 -5.43
C LYS A 48 1.55 9.64 -5.90
N PHE A 49 1.80 8.34 -6.00
CA PHE A 49 0.77 7.40 -6.44
C PHE A 49 -0.22 7.12 -5.31
N LEU A 50 0.31 6.83 -4.13
CA LEU A 50 -0.53 6.54 -2.97
C LEU A 50 -1.56 7.64 -2.76
N LYS A 51 -1.19 8.87 -3.11
CA LYS A 51 -2.09 10.01 -2.96
C LYS A 51 -3.33 9.84 -3.83
N ILE A 52 -3.13 9.35 -5.05
CA ILE A 52 -4.24 9.15 -5.98
C ILE A 52 -5.00 7.86 -5.65
N ALA A 53 -4.26 6.86 -5.17
CA ALA A 53 -4.87 5.58 -4.82
C ALA A 53 -5.87 5.74 -3.69
N LEU A 54 -5.71 6.80 -2.90
CA LEU A 54 -6.61 7.08 -1.78
C LEU A 54 -7.90 7.73 -2.26
N GLU A 55 -7.82 8.41 -3.41
CA GLU A 55 -8.99 9.07 -3.97
C GLU A 55 -10.17 8.11 -4.06
N THR A 56 -9.88 6.86 -4.40
CA THR A 56 -10.93 5.85 -4.53
C THR A 56 -10.86 4.85 -3.38
N PRO A 57 -11.65 5.12 -2.33
CA PRO A 57 -11.71 4.26 -1.15
C PRO A 57 -12.39 2.92 -1.43
N VAL A 58 -11.71 2.08 -2.20
CA VAL A 58 -12.24 0.76 -2.54
C VAL A 58 -11.45 -0.35 -1.87
N TRP A 59 -10.23 -0.03 -1.45
CA TRP A 59 -9.37 -1.00 -0.80
C TRP A 59 -9.18 -0.65 0.68
N ILE A 60 -10.22 -0.07 1.28
CA ILE A 60 -10.17 0.31 2.69
C ILE A 60 -10.76 -0.77 3.58
N CYS A 61 -12.06 -1.01 3.41
CA CYS A 61 -12.76 -2.01 4.20
C CYS A 61 -12.34 -3.42 3.78
N PRO A 62 -12.62 -3.76 2.52
CA PRO A 62 -12.28 -5.08 1.96
C PRO A 62 -10.78 -5.26 1.78
N ILE A 63 -10.05 -4.15 1.71
CA ILE A 63 -8.61 -4.19 1.54
C ILE A 63 -8.21 -5.07 0.36
N ASN A 64 -8.13 -4.46 -0.81
CA ASN A 64 -7.76 -5.20 -2.03
C ASN A 64 -6.43 -4.69 -2.58
N TYR A 65 -5.34 -5.14 -1.98
CA TYR A 65 -4.01 -4.73 -2.42
C TYR A 65 -3.84 -4.92 -3.93
N SER A 66 -4.24 -6.10 -4.41
CA SER A 66 -4.13 -6.41 -5.83
C SER A 66 -4.77 -5.32 -6.68
N LEU A 67 -5.92 -4.83 -6.23
CA LEU A 67 -6.63 -3.77 -6.95
C LEU A 67 -5.81 -2.48 -6.99
N LEU A 68 -5.05 -2.25 -5.93
CA LEU A 68 -4.21 -1.06 -5.85
C LEU A 68 -3.01 -1.16 -6.79
N ALA A 69 -2.65 -2.39 -7.14
CA ALA A 69 -1.53 -2.62 -8.04
C ALA A 69 -1.92 -2.32 -9.49
N SER A 70 -3.22 -2.18 -9.73
CA SER A 70 -3.72 -1.90 -11.07
C SER A 70 -4.25 -0.47 -11.16
N LEU A 71 -4.16 0.25 -10.05
CA LEU A 71 -4.64 1.63 -10.00
C LEU A 71 -3.65 2.57 -10.69
N LEU A 72 -2.49 2.05 -11.05
CA LEU A 72 -1.47 2.83 -11.72
C LEU A 72 -2.02 3.50 -12.98
N PRO A 73 -1.37 4.59 -13.40
CA PRO A 73 -1.78 5.33 -14.59
C PRO A 73 -1.50 4.56 -15.88
N LYS A 74 -0.26 4.11 -16.04
CA LYS A 74 0.13 3.35 -17.22
C LYS A 74 1.62 3.03 -17.19
N GLY A 75 2.44 4.07 -17.15
CA GLY A 75 3.88 3.88 -17.10
C GLY A 75 4.37 3.45 -15.74
N TYR A 76 3.92 2.28 -15.28
CA TYR A 76 4.32 1.77 -13.99
C TYR A 76 4.47 0.25 -14.04
N PRO A 77 5.37 -0.24 -14.91
CA PRO A 77 5.62 -1.67 -15.07
C PRO A 77 6.34 -2.26 -13.87
N GLY A 78 7.41 -1.61 -13.43
CA GLY A 78 8.16 -2.09 -12.28
C GLY A 78 8.82 -0.98 -11.51
N ARG A 79 8.19 -0.58 -10.40
CA ARG A 79 8.72 0.49 -9.56
C ARG A 79 7.82 0.74 -8.36
N VAL A 80 6.54 0.97 -8.62
CA VAL A 80 5.57 1.22 -7.56
C VAL A 80 4.48 0.15 -7.55
N ASN A 81 4.09 -0.29 -8.74
CA ASN A 81 3.05 -1.32 -8.86
C ASN A 81 3.47 -2.61 -8.19
N GLU A 82 4.73 -2.99 -8.38
CA GLU A 82 5.26 -4.20 -7.78
C GLU A 82 5.08 -4.19 -6.27
N ILE A 83 5.31 -3.03 -5.66
CA ILE A 83 5.17 -2.89 -4.21
C ILE A 83 3.78 -3.33 -3.75
N LEU A 84 2.77 -3.03 -4.55
CA LEU A 84 1.40 -3.41 -4.22
C LEU A 84 1.20 -4.92 -4.35
N HIS A 85 2.00 -5.54 -5.22
CA HIS A 85 1.90 -6.98 -5.43
C HIS A 85 2.62 -7.75 -4.32
N ILE A 86 3.63 -7.11 -3.72
CA ILE A 86 4.39 -7.73 -2.65
C ILE A 86 3.55 -7.86 -1.39
N LEU A 87 2.51 -7.04 -1.28
CA LEU A 87 1.63 -7.05 -0.12
C LEU A 87 0.54 -8.11 -0.28
N ILE A 88 0.42 -8.63 -1.50
CA ILE A 88 -0.59 -9.65 -1.79
C ILE A 88 -0.16 -11.02 -1.26
N GLN A 89 1.15 -11.26 -1.28
CA GLN A 89 1.69 -12.53 -0.80
C GLN A 89 1.70 -12.58 0.73
N THR A 90 2.12 -11.49 1.34
CA THR A 90 2.18 -11.40 2.80
C THR A 90 0.78 -11.45 3.41
N GLN A 91 -0.22 -11.15 2.60
CA GLN A 91 -1.61 -11.15 3.05
C GLN A 91 -2.11 -12.59 3.23
N ALA A 92 -1.51 -13.52 2.50
CA ALA A 92 -1.90 -14.91 2.57
C ALA A 92 -1.69 -15.47 3.97
N GLN A 93 -0.72 -14.91 4.68
CA GLN A 93 -0.42 -15.35 6.04
C GLN A 93 -0.75 -14.25 7.06
N ILE A 94 -2.03 -14.06 7.32
CA ILE A 94 -2.47 -13.05 8.27
C ILE A 94 -3.05 -13.68 9.52
N PRO A 95 -2.82 -13.04 10.68
CA PRO A 95 -3.32 -13.53 11.96
C PRO A 95 -4.84 -13.39 12.09
N SER A 96 -5.38 -13.82 13.23
CA SER A 96 -6.81 -13.74 13.46
C SER A 96 -7.14 -14.16 14.89
N ARG A 97 -7.18 -13.17 15.79
CA ARG A 97 -7.49 -13.43 17.20
C ARG A 97 -8.80 -14.19 17.33
N PRO A 98 -8.85 -15.10 18.31
CA PRO A 98 -10.04 -15.93 18.57
C PRO A 98 -11.18 -15.10 19.15
N ALA A 99 -10.89 -13.85 19.51
CA ALA A 99 -11.90 -12.97 20.08
C ALA A 99 -13.00 -12.67 19.07
N HIS A 100 -14.10 -12.11 19.56
CA HIS A 100 -15.24 -11.77 18.70
C HIS A 100 -15.18 -10.31 18.27
N HIS A 101 -15.96 -9.97 17.25
CA HIS A 101 -16.00 -8.60 16.74
C HIS A 101 -14.61 -8.14 16.32
N HIS A 102 -14.52 -6.88 15.90
CA HIS A 102 -13.24 -6.31 15.47
C HIS A 102 -12.60 -7.16 14.38
N HIS A 103 -13.44 -7.83 13.59
CA HIS A 103 -12.96 -8.68 12.52
C HIS A 103 -13.76 -8.43 11.23
N HIS A 104 -13.44 -9.20 10.19
CA HIS A 104 -14.12 -9.05 8.91
C HIS A 104 -13.74 -10.19 7.96
N HIS A 105 -14.73 -10.74 7.27
CA HIS A 105 -14.50 -11.84 6.33
C HIS A 105 -15.75 -12.12 5.51
N MET A 1 15.70 11.77 -15.23
CA MET A 1 15.23 13.14 -15.01
C MET A 1 15.98 13.79 -13.86
N GLY A 2 15.89 13.19 -12.68
CA GLY A 2 16.58 13.73 -11.51
C GLY A 2 16.79 12.69 -10.44
N ARG A 3 18.04 12.28 -10.25
CA ARG A 3 18.37 11.28 -9.25
C ARG A 3 19.41 11.81 -8.27
N ILE A 4 19.81 10.98 -7.31
CA ILE A 4 20.80 11.37 -6.33
C ILE A 4 20.29 12.52 -5.45
N PHE A 5 19.34 12.20 -4.58
CA PHE A 5 18.76 13.21 -3.69
C PHE A 5 17.83 12.56 -2.66
N SER A 6 18.39 11.72 -1.81
CA SER A 6 17.61 11.03 -0.79
C SER A 6 17.23 11.97 0.33
N ARG A 7 16.10 12.66 0.18
CA ARG A 7 15.62 13.59 1.18
C ARG A 7 14.23 14.09 0.85
N SER A 8 13.23 13.60 1.58
CA SER A 8 11.85 13.99 1.36
C SER A 8 11.57 15.37 1.94
N ALA A 9 11.55 15.46 3.27
CA ALA A 9 11.29 16.71 3.96
C ALA A 9 11.38 16.55 5.47
N SER A 10 10.47 15.75 6.02
CA SER A 10 10.45 15.50 7.46
C SER A 10 9.42 14.42 7.80
N PRO A 11 9.74 13.62 8.84
CA PRO A 11 8.86 12.54 9.30
C PRO A 11 7.59 13.06 9.95
N ILE A 12 6.60 13.37 9.12
CA ILE A 12 5.32 13.88 9.63
C ILE A 12 4.18 12.92 9.29
N PRO A 13 4.04 11.86 10.11
CA PRO A 13 3.00 10.86 9.93
C PRO A 13 1.61 11.40 10.24
N ARG A 14 0.73 11.38 9.25
CA ARG A 14 -0.63 11.86 9.42
C ARG A 14 -1.64 10.95 8.71
N PRO A 15 -1.99 9.84 9.37
CA PRO A 15 -2.93 8.86 8.81
C PRO A 15 -4.36 9.41 8.77
N PRO A 16 -4.88 9.62 7.55
CA PRO A 16 -6.23 10.14 7.34
C PRO A 16 -7.30 9.13 7.73
N ARG A 17 -8.55 9.43 7.41
CA ARG A 17 -9.67 8.56 7.72
C ARG A 17 -9.73 7.37 6.76
N GLY A 18 -9.37 7.62 5.49
CA GLY A 18 -9.39 6.57 4.49
C GLY A 18 -8.04 5.88 4.38
N LEU A 19 -7.23 5.99 5.41
CA LEU A 19 -5.91 5.36 5.42
C LEU A 19 -5.23 5.54 6.77
N ALA A 20 -4.77 4.42 7.35
CA ALA A 20 -4.10 4.45 8.64
C ALA A 20 -2.74 3.78 8.56
N ALA A 21 -1.99 3.84 9.66
CA ALA A 21 -0.67 3.22 9.72
C ALA A 21 -0.70 1.78 9.22
N HIS A 22 -1.75 1.05 9.61
CA HIS A 22 -1.91 -0.33 9.20
C HIS A 22 -1.74 -0.49 7.69
N HIS A 23 -2.24 0.49 6.95
CA HIS A 23 -2.14 0.46 5.49
C HIS A 23 -0.89 1.19 5.02
N TRP A 24 -0.71 2.41 5.50
CA TRP A 24 0.46 3.22 5.12
C TRP A 24 1.75 2.48 5.43
N LEU A 25 2.02 2.30 6.72
CA LEU A 25 3.23 1.61 7.16
C LEU A 25 3.39 0.28 6.43
N ASN A 26 2.27 -0.34 6.08
CA ASN A 26 2.28 -1.61 5.38
C ASN A 26 3.05 -1.50 4.06
N PHE A 27 2.87 -0.37 3.38
CA PHE A 27 3.54 -0.14 2.10
C PHE A 27 5.04 0.06 2.30
N LEU A 28 5.40 0.87 3.29
CA LEU A 28 6.81 1.14 3.59
C LEU A 28 7.59 -0.16 3.75
N GLN A 29 6.92 -1.18 4.27
CA GLN A 29 7.56 -2.47 4.49
C GLN A 29 7.78 -3.19 3.15
N ALA A 30 6.74 -3.24 2.33
CA ALA A 30 6.82 -3.89 1.03
C ALA A 30 8.01 -3.38 0.24
N ALA A 31 8.11 -2.06 0.09
CA ALA A 31 9.20 -1.45 -0.65
C ALA A 31 10.56 -1.91 -0.11
N TYR A 32 10.60 -2.20 1.20
CA TYR A 32 11.82 -2.64 1.84
C TYR A 32 12.07 -4.12 1.59
N ARG A 33 11.00 -4.86 1.31
CA ARG A 33 11.11 -6.28 1.05
C ARG A 33 11.86 -6.54 -0.24
N LEU A 34 11.35 -6.01 -1.35
CA LEU A 34 11.98 -6.18 -2.66
C LEU A 34 13.44 -5.75 -2.61
N GLU A 35 13.69 -4.53 -2.14
CA GLU A 35 15.04 -4.01 -2.04
C GLU A 35 15.36 -3.57 -0.62
N PRO A 36 16.58 -3.86 -0.17
CA PRO A 36 17.03 -3.49 1.18
C PRO A 36 17.22 -1.98 1.34
N GLY A 37 17.95 -1.37 0.41
CA GLY A 37 18.18 0.05 0.46
C GLY A 37 17.59 0.79 -0.73
N PRO A 38 16.34 1.25 -0.57
CA PRO A 38 15.63 1.98 -1.63
C PRO A 38 16.23 3.37 -1.88
N SER A 39 15.54 4.17 -2.68
CA SER A 39 16.00 5.51 -3.00
C SER A 39 14.82 6.48 -3.12
N SER A 40 15.12 7.77 -3.06
CA SER A 40 14.08 8.80 -3.16
C SER A 40 13.24 8.59 -4.42
N TYR A 41 13.90 8.25 -5.51
CA TYR A 41 13.21 8.02 -6.79
C TYR A 41 12.13 6.96 -6.64
N ASP A 42 12.30 6.09 -5.64
CA ASP A 42 11.33 5.02 -5.39
C ASP A 42 10.11 5.56 -4.66
N PHE A 43 10.30 6.60 -3.87
CA PHE A 43 9.22 7.21 -3.12
C PHE A 43 8.56 8.33 -3.92
N HIS A 44 9.32 8.91 -4.85
CA HIS A 44 8.80 10.01 -5.67
C HIS A 44 7.59 9.55 -6.48
N GLN A 45 7.54 8.25 -6.78
CA GLN A 45 6.44 7.69 -7.55
C GLN A 45 5.45 6.96 -6.64
N LEU A 46 5.91 6.61 -5.43
CA LEU A 46 5.06 5.91 -4.47
C LEU A 46 4.14 6.89 -3.76
N LYS A 47 4.72 7.93 -3.18
CA LYS A 47 3.94 8.94 -2.47
C LYS A 47 2.94 9.62 -3.39
N LYS A 48 3.38 9.91 -4.61
CA LYS A 48 2.52 10.56 -5.59
C LYS A 48 1.40 9.63 -6.05
N PHE A 49 1.75 8.36 -6.28
CA PHE A 49 0.78 7.37 -6.71
C PHE A 49 -0.24 7.09 -5.62
N LEU A 50 0.25 6.92 -4.39
CA LEU A 50 -0.62 6.66 -3.25
C LEU A 50 -1.75 7.68 -3.17
N LYS A 51 -1.46 8.91 -3.56
CA LYS A 51 -2.44 9.99 -3.54
C LYS A 51 -3.64 9.64 -4.42
N ILE A 52 -3.37 8.96 -5.52
CA ILE A 52 -4.42 8.56 -6.45
C ILE A 52 -5.18 7.35 -5.94
N ALA A 53 -4.46 6.41 -5.34
CA ALA A 53 -5.06 5.20 -4.80
C ALA A 53 -5.94 5.52 -3.59
N LEU A 54 -5.59 6.59 -2.88
CA LEU A 54 -6.35 7.00 -1.70
C LEU A 54 -7.66 7.67 -2.11
N GLU A 55 -7.62 8.42 -3.21
CA GLU A 55 -8.81 9.11 -3.70
C GLU A 55 -10.00 8.14 -3.82
N THR A 56 -9.71 6.90 -4.16
CA THR A 56 -10.74 5.88 -4.31
C THR A 56 -10.69 4.88 -3.16
N PRO A 57 -11.46 5.15 -2.11
CA PRO A 57 -11.52 4.27 -0.93
C PRO A 57 -12.21 2.95 -1.22
N VAL A 58 -11.55 2.09 -1.99
CA VAL A 58 -12.10 0.79 -2.34
C VAL A 58 -11.33 -0.34 -1.68
N TRP A 59 -10.10 -0.03 -1.25
CA TRP A 59 -9.25 -1.03 -0.60
C TRP A 59 -9.05 -0.68 0.87
N ILE A 60 -10.06 -0.10 1.48
CA ILE A 60 -10.00 0.28 2.89
C ILE A 60 -10.61 -0.79 3.78
N CYS A 61 -11.91 -1.01 3.63
CA CYS A 61 -12.61 -2.01 4.42
C CYS A 61 -12.23 -3.42 3.98
N PRO A 62 -12.53 -3.75 2.71
CA PRO A 62 -12.21 -5.07 2.15
C PRO A 62 -10.71 -5.27 1.95
N ILE A 63 -9.98 -4.18 1.85
CA ILE A 63 -8.53 -4.25 1.66
C ILE A 63 -8.17 -5.14 0.47
N ASN A 64 -8.07 -4.53 -0.70
CA ASN A 64 -7.74 -5.26 -1.91
C ASN A 64 -6.39 -4.80 -2.48
N TYR A 65 -5.31 -5.32 -1.91
CA TYR A 65 -3.97 -4.96 -2.36
C TYR A 65 -3.81 -5.18 -3.86
N SER A 66 -4.32 -6.32 -4.34
CA SER A 66 -4.23 -6.66 -5.75
C SER A 66 -4.87 -5.57 -6.61
N LEU A 67 -5.86 -4.88 -6.05
CA LEU A 67 -6.55 -3.81 -6.76
C LEU A 67 -5.71 -2.54 -6.79
N LEU A 68 -4.93 -2.33 -5.74
CA LEU A 68 -4.08 -1.15 -5.64
C LEU A 68 -2.92 -1.24 -6.63
N ALA A 69 -2.56 -2.46 -7.00
CA ALA A 69 -1.47 -2.68 -7.94
C ALA A 69 -1.90 -2.33 -9.37
N SER A 70 -3.20 -2.14 -9.55
CA SER A 70 -3.74 -1.81 -10.87
C SER A 70 -4.22 -0.36 -10.91
N LEU A 71 -4.06 0.34 -9.79
CA LEU A 71 -4.48 1.73 -9.70
C LEU A 71 -3.56 2.64 -10.51
N LEU A 72 -2.47 2.06 -11.01
CA LEU A 72 -1.50 2.82 -11.80
C LEU A 72 -2.20 3.62 -12.89
N PRO A 73 -1.53 4.67 -13.38
CA PRO A 73 -2.06 5.54 -14.44
C PRO A 73 -2.12 4.83 -15.79
N LYS A 74 -1.00 4.26 -16.20
CA LYS A 74 -0.92 3.54 -17.47
C LYS A 74 0.51 3.08 -17.75
N GLY A 75 1.41 4.04 -17.92
CA GLY A 75 2.80 3.71 -18.20
C GLY A 75 3.71 4.04 -17.03
N TYR A 76 3.72 3.17 -16.02
CA TYR A 76 4.55 3.38 -14.84
C TYR A 76 5.71 2.38 -14.81
N PRO A 77 6.81 2.73 -15.48
CA PRO A 77 8.00 1.88 -15.53
C PRO A 77 8.73 1.80 -14.20
N GLY A 78 8.37 2.70 -13.29
CA GLY A 78 9.00 2.72 -11.98
C GLY A 78 8.80 1.42 -11.22
N ARG A 79 9.17 1.41 -9.95
CA ARG A 79 9.02 0.23 -9.12
C ARG A 79 7.93 0.42 -8.07
N VAL A 80 6.81 1.00 -8.49
CA VAL A 80 5.69 1.25 -7.59
C VAL A 80 4.68 0.10 -7.65
N ASN A 81 4.29 -0.28 -8.87
CA ASN A 81 3.33 -1.35 -9.07
C ASN A 81 3.80 -2.63 -8.39
N GLU A 82 5.07 -2.97 -8.59
CA GLU A 82 5.64 -4.17 -7.99
C GLU A 82 5.40 -4.20 -6.49
N ILE A 83 5.63 -3.07 -5.84
CA ILE A 83 5.44 -2.96 -4.40
C ILE A 83 4.07 -3.46 -3.98
N LEU A 84 3.03 -2.97 -4.65
CA LEU A 84 1.66 -3.37 -4.35
C LEU A 84 1.50 -4.89 -4.49
N HIS A 85 2.35 -5.49 -5.30
CA HIS A 85 2.31 -6.94 -5.52
C HIS A 85 2.94 -7.68 -4.35
N ILE A 86 3.91 -7.05 -3.70
CA ILE A 86 4.60 -7.65 -2.57
C ILE A 86 3.66 -7.78 -1.37
N LEU A 87 2.59 -6.99 -1.38
CA LEU A 87 1.62 -7.02 -0.29
C LEU A 87 0.60 -8.13 -0.50
N ILE A 88 0.46 -8.57 -1.74
CA ILE A 88 -0.48 -9.64 -2.08
C ILE A 88 0.01 -10.98 -1.56
N GLN A 89 1.32 -11.11 -1.40
CA GLN A 89 1.91 -12.34 -0.91
C GLN A 89 1.85 -12.41 0.61
N THR A 90 2.26 -11.32 1.27
CA THR A 90 2.25 -11.26 2.72
C THR A 90 0.85 -11.40 3.27
N GLN A 91 -0.15 -11.20 2.41
CA GLN A 91 -1.55 -11.31 2.82
C GLN A 91 -2.05 -12.74 2.67
N ALA A 92 -1.43 -13.49 1.77
CA ALA A 92 -1.81 -14.88 1.54
C ALA A 92 -0.86 -15.84 2.24
N GLN A 93 -0.54 -15.53 3.50
CA GLN A 93 0.37 -16.36 4.27
C GLN A 93 -0.09 -16.45 5.73
N ILE A 94 -1.39 -16.32 5.94
CA ILE A 94 -1.95 -16.39 7.28
C ILE A 94 -3.05 -17.44 7.36
N PRO A 95 -3.21 -18.04 8.56
CA PRO A 95 -4.22 -19.07 8.81
C PRO A 95 -5.64 -18.51 8.79
N SER A 96 -6.26 -18.50 7.61
CA SER A 96 -7.61 -17.99 7.47
C SER A 96 -8.50 -18.99 6.74
N ARG A 97 -8.20 -19.22 5.46
CA ARG A 97 -8.96 -20.16 4.66
C ARG A 97 -8.91 -21.56 5.25
N PRO A 98 -10.04 -22.28 5.17
CA PRO A 98 -10.15 -23.65 5.69
C PRO A 98 -9.34 -24.65 4.88
N ALA A 99 -8.80 -24.19 3.75
CA ALA A 99 -8.00 -25.05 2.88
C ALA A 99 -6.58 -25.21 3.43
N HIS A 100 -5.92 -26.28 3.03
CA HIS A 100 -4.56 -26.55 3.47
C HIS A 100 -3.56 -25.67 2.74
N HIS A 101 -2.46 -25.32 3.41
CA HIS A 101 -1.43 -24.48 2.82
C HIS A 101 -0.62 -25.26 1.79
N HIS A 102 0.16 -26.23 2.26
CA HIS A 102 0.98 -27.04 1.38
C HIS A 102 0.73 -28.52 1.61
N HIS A 103 0.25 -29.21 0.59
CA HIS A 103 -0.03 -30.64 0.69
C HIS A 103 1.18 -31.47 0.26
N HIS A 104 1.89 -32.02 1.25
CA HIS A 104 3.06 -32.83 0.99
C HIS A 104 2.66 -34.23 0.53
N HIS A 105 2.08 -34.32 -0.66
CA HIS A 105 1.64 -35.61 -1.21
C HIS A 105 0.63 -36.27 -0.29
N MET A 1 -8.78 7.58 14.02
CA MET A 1 -9.18 6.18 13.95
C MET A 1 -10.70 6.05 13.99
N GLY A 2 -11.36 6.51 12.93
CA GLY A 2 -12.81 6.43 12.87
C GLY A 2 -13.40 7.38 11.85
N ARG A 3 -14.71 7.60 11.93
CA ARG A 3 -15.39 8.49 11.00
C ARG A 3 -15.19 8.03 9.56
N ILE A 4 -16.07 7.14 9.10
CA ILE A 4 -15.99 6.63 7.73
C ILE A 4 -16.56 7.63 6.73
N PHE A 5 -15.84 8.74 6.55
CA PHE A 5 -16.27 9.77 5.61
C PHE A 5 -15.07 10.52 5.04
N SER A 6 -15.21 11.02 3.81
CA SER A 6 -14.14 11.74 3.16
C SER A 6 -14.63 13.09 2.64
N ARG A 7 -13.69 13.99 2.36
CA ARG A 7 -14.03 15.31 1.86
C ARG A 7 -13.56 15.50 0.43
N SER A 8 -12.24 15.53 0.25
CA SER A 8 -11.65 15.70 -1.08
C SER A 8 -10.33 14.94 -1.18
N ALA A 9 -9.33 15.39 -0.42
CA ALA A 9 -8.03 14.75 -0.44
C ALA A 9 -7.34 14.87 0.93
N SER A 10 -7.12 16.10 1.37
CA SER A 10 -6.48 16.35 2.65
C SER A 10 -5.08 15.74 2.69
N PRO A 11 -4.15 16.37 1.95
CA PRO A 11 -2.76 15.92 1.87
C PRO A 11 -2.01 16.13 3.18
N ILE A 12 -1.97 15.10 4.01
CA ILE A 12 -1.28 15.18 5.29
C ILE A 12 -0.44 13.93 5.55
N PRO A 13 0.64 14.08 6.33
CA PRO A 13 1.52 12.97 6.67
C PRO A 13 0.87 11.97 7.62
N ARG A 14 0.05 12.48 8.53
CA ARG A 14 -0.64 11.63 9.49
C ARG A 14 -1.64 10.71 8.79
N PRO A 15 -1.95 9.58 9.43
CA PRO A 15 -2.90 8.60 8.89
C PRO A 15 -4.33 9.11 8.89
N PRO A 16 -4.88 9.33 7.69
CA PRO A 16 -6.25 9.81 7.52
C PRO A 16 -7.30 8.78 7.92
N ARG A 17 -8.56 9.08 7.66
CA ARG A 17 -9.66 8.17 7.99
C ARG A 17 -9.71 7.01 7.01
N GLY A 18 -9.42 7.30 5.75
CA GLY A 18 -9.44 6.26 4.72
C GLY A 18 -8.10 5.60 4.53
N LEU A 19 -7.24 5.71 5.54
CA LEU A 19 -5.90 5.13 5.48
C LEU A 19 -5.17 5.29 6.81
N ALA A 20 -4.74 4.18 7.39
CA ALA A 20 -4.03 4.19 8.66
C ALA A 20 -2.69 3.48 8.54
N ALA A 21 -1.93 3.47 9.64
CA ALA A 21 -0.62 2.82 9.66
C ALA A 21 -0.72 1.39 9.12
N HIS A 22 -1.77 0.68 9.50
CA HIS A 22 -1.96 -0.69 9.05
C HIS A 22 -1.83 -0.79 7.53
N HIS A 23 -2.28 0.25 6.83
CA HIS A 23 -2.20 0.28 5.37
C HIS A 23 -0.95 1.01 4.91
N TRP A 24 -0.81 2.25 5.35
CA TRP A 24 0.35 3.07 4.98
C TRP A 24 1.65 2.34 5.32
N LEU A 25 1.90 2.14 6.61
CA LEU A 25 3.10 1.46 7.07
C LEU A 25 3.30 0.15 6.32
N ASN A 26 2.20 -0.53 6.02
CA ASN A 26 2.26 -1.81 5.31
C ASN A 26 3.03 -1.66 4.00
N PHE A 27 2.89 -0.50 3.36
CA PHE A 27 3.56 -0.24 2.09
C PHE A 27 5.06 -0.04 2.32
N LEU A 28 5.40 0.78 3.30
CA LEU A 28 6.80 1.07 3.62
C LEU A 28 7.58 -0.22 3.80
N GLN A 29 6.92 -1.25 4.30
CA GLN A 29 7.56 -2.55 4.51
C GLN A 29 7.78 -3.28 3.19
N ALA A 30 6.73 -3.33 2.38
CA ALA A 30 6.81 -3.99 1.08
C ALA A 30 7.91 -3.38 0.22
N ALA A 31 7.96 -2.06 0.19
CA ALA A 31 8.97 -1.35 -0.60
C ALA A 31 10.37 -1.79 -0.21
N TYR A 32 10.52 -2.28 1.01
CA TYR A 32 11.82 -2.74 1.50
C TYR A 32 12.09 -4.18 1.07
N ARG A 33 11.01 -4.91 0.80
CA ARG A 33 11.14 -6.31 0.38
C ARG A 33 11.87 -6.41 -0.96
N LEU A 34 11.36 -5.72 -1.96
CA LEU A 34 11.97 -5.73 -3.29
C LEU A 34 13.46 -5.39 -3.21
N GLU A 35 13.76 -4.25 -2.59
CA GLU A 35 15.15 -3.81 -2.45
C GLU A 35 15.44 -3.42 -1.00
N PRO A 36 16.65 -3.76 -0.54
CA PRO A 36 17.09 -3.47 0.83
C PRO A 36 17.33 -1.98 1.04
N GLY A 37 18.08 -1.37 0.13
CA GLY A 37 18.37 0.06 0.24
C GLY A 37 17.75 0.86 -0.88
N PRO A 38 16.50 1.29 -0.69
CA PRO A 38 15.77 2.09 -1.67
C PRO A 38 16.34 3.49 -1.83
N SER A 39 15.62 4.33 -2.56
CA SER A 39 16.05 5.71 -2.80
C SER A 39 14.85 6.64 -2.95
N SER A 40 15.10 7.93 -2.89
CA SER A 40 14.05 8.93 -3.01
C SER A 40 13.24 8.71 -4.30
N TYR A 41 13.94 8.37 -5.37
CA TYR A 41 13.29 8.13 -6.66
C TYR A 41 12.22 7.05 -6.52
N ASP A 42 12.39 6.17 -5.54
CA ASP A 42 11.44 5.09 -5.30
C ASP A 42 10.20 5.60 -4.58
N PHE A 43 10.37 6.66 -3.80
CA PHE A 43 9.27 7.25 -3.04
C PHE A 43 8.58 8.35 -3.85
N HIS A 44 9.32 8.93 -4.79
CA HIS A 44 8.78 9.99 -5.63
C HIS A 44 7.60 9.50 -6.45
N GLN A 45 7.58 8.19 -6.72
CA GLN A 45 6.51 7.58 -7.50
C GLN A 45 5.52 6.86 -6.60
N LEU A 46 5.95 6.56 -5.37
CA LEU A 46 5.10 5.87 -4.41
C LEU A 46 4.17 6.84 -3.71
N LYS A 47 4.75 7.89 -3.13
CA LYS A 47 3.97 8.90 -2.42
C LYS A 47 3.02 9.62 -3.37
N LYS A 48 3.49 9.86 -4.60
CA LYS A 48 2.69 10.54 -5.61
C LYS A 48 1.56 9.64 -6.10
N PHE A 49 1.85 8.35 -6.22
CA PHE A 49 0.85 7.38 -6.68
C PHE A 49 -0.19 7.10 -5.60
N LEU A 50 0.29 6.88 -4.39
CA LEU A 50 -0.59 6.61 -3.26
C LEU A 50 -1.69 7.66 -3.16
N LYS A 51 -1.32 8.92 -3.37
CA LYS A 51 -2.27 10.02 -3.32
C LYS A 51 -3.47 9.75 -4.20
N ILE A 52 -3.23 9.12 -5.35
CA ILE A 52 -4.30 8.81 -6.30
C ILE A 52 -5.03 7.53 -5.89
N ALA A 53 -4.30 6.61 -5.26
CA ALA A 53 -4.87 5.34 -4.82
C ALA A 53 -5.82 5.56 -3.63
N LEU A 54 -5.60 6.63 -2.89
CA LEU A 54 -6.43 6.95 -1.74
C LEU A 54 -7.73 7.62 -2.18
N GLU A 55 -7.68 8.34 -3.28
CA GLU A 55 -8.85 9.02 -3.81
C GLU A 55 -10.03 8.06 -3.93
N THR A 56 -9.73 6.82 -4.27
CA THR A 56 -10.77 5.79 -4.43
C THR A 56 -10.72 4.80 -3.28
N PRO A 57 -11.52 5.07 -2.23
CA PRO A 57 -11.60 4.20 -1.06
C PRO A 57 -12.28 2.88 -1.35
N VAL A 58 -11.62 2.03 -2.13
CA VAL A 58 -12.16 0.72 -2.49
C VAL A 58 -11.39 -0.40 -1.81
N TRP A 59 -10.16 -0.10 -1.40
CA TRP A 59 -9.31 -1.09 -0.74
C TRP A 59 -9.12 -0.74 0.74
N ILE A 60 -10.14 -0.16 1.34
CA ILE A 60 -10.09 0.22 2.75
C ILE A 60 -10.70 -0.86 3.64
N CYS A 61 -12.00 -1.08 3.48
CA CYS A 61 -12.71 -2.09 4.26
C CYS A 61 -12.31 -3.49 3.83
N PRO A 62 -12.60 -3.82 2.56
CA PRO A 62 -12.28 -5.14 1.99
C PRO A 62 -10.78 -5.34 1.81
N ILE A 63 -10.04 -4.24 1.75
CA ILE A 63 -8.59 -4.29 1.59
C ILE A 63 -8.22 -5.17 0.40
N ASN A 64 -8.12 -4.57 -0.78
CA ASN A 64 -7.77 -5.30 -1.99
C ASN A 64 -6.43 -4.82 -2.55
N TYR A 65 -5.35 -5.28 -1.93
CA TYR A 65 -4.01 -4.91 -2.36
C TYR A 65 -3.84 -5.09 -3.87
N SER A 66 -4.25 -6.26 -4.36
CA SER A 66 -4.14 -6.57 -5.78
C SER A 66 -4.75 -5.45 -6.62
N LEU A 67 -5.89 -4.94 -6.18
CA LEU A 67 -6.57 -3.87 -6.90
C LEU A 67 -5.72 -2.60 -6.92
N LEU A 68 -4.97 -2.37 -5.85
CA LEU A 68 -4.11 -1.20 -5.75
C LEU A 68 -2.95 -1.29 -6.75
N ALA A 69 -2.60 -2.52 -7.11
CA ALA A 69 -1.50 -2.74 -8.06
C ALA A 69 -1.93 -2.37 -9.48
N SER A 70 -3.22 -2.16 -9.68
CA SER A 70 -3.76 -1.80 -10.98
C SER A 70 -4.20 -0.35 -11.02
N LEU A 71 -4.03 0.34 -9.89
CA LEU A 71 -4.43 1.74 -9.79
C LEU A 71 -3.48 2.63 -10.58
N LEU A 72 -2.39 2.04 -11.08
CA LEU A 72 -1.40 2.78 -11.85
C LEU A 72 -2.07 3.57 -12.97
N PRO A 73 -1.38 4.63 -13.44
CA PRO A 73 -1.88 5.48 -14.52
C PRO A 73 -1.92 4.77 -15.87
N LYS A 74 -0.80 4.18 -16.25
CA LYS A 74 -0.71 3.47 -17.52
C LYS A 74 0.72 2.98 -17.76
N GLY A 75 1.64 3.93 -17.92
CA GLY A 75 3.03 3.57 -18.15
C GLY A 75 3.92 3.90 -16.98
N TYR A 76 3.89 3.05 -15.96
CA TYR A 76 4.71 3.25 -14.77
C TYR A 76 5.84 2.23 -14.69
N PRO A 77 6.96 2.54 -15.36
CA PRO A 77 8.14 1.66 -15.38
C PRO A 77 8.84 1.60 -14.04
N GLY A 78 8.48 2.52 -13.14
CA GLY A 78 9.09 2.55 -11.83
C GLY A 78 8.86 1.26 -11.06
N ARG A 79 9.20 1.28 -9.77
CA ARG A 79 9.04 0.11 -8.92
C ARG A 79 7.95 0.32 -7.89
N VAL A 80 6.83 0.91 -8.32
CA VAL A 80 5.71 1.18 -7.43
C VAL A 80 4.67 0.05 -7.50
N ASN A 81 4.30 -0.34 -8.71
CA ASN A 81 3.33 -1.41 -8.91
C ASN A 81 3.75 -2.68 -8.17
N GLU A 82 5.02 -3.06 -8.35
CA GLU A 82 5.55 -4.25 -7.71
C GLU A 82 5.28 -4.23 -6.20
N ILE A 83 5.49 -3.08 -5.59
CA ILE A 83 5.26 -2.92 -4.15
C ILE A 83 3.86 -3.40 -3.77
N LEU A 84 2.89 -3.09 -4.61
CA LEU A 84 1.51 -3.50 -4.35
C LEU A 84 1.34 -5.00 -4.51
N HIS A 85 2.17 -5.61 -5.35
CA HIS A 85 2.12 -7.04 -5.58
C HIS A 85 2.79 -7.81 -4.43
N ILE A 86 3.73 -7.15 -3.77
CA ILE A 86 4.45 -7.76 -2.66
C ILE A 86 3.54 -7.90 -1.43
N LEU A 87 2.50 -7.09 -1.37
CA LEU A 87 1.55 -7.12 -0.26
C LEU A 87 0.51 -8.21 -0.47
N ILE A 88 0.38 -8.67 -1.71
CA ILE A 88 -0.59 -9.71 -2.04
C ILE A 88 -0.15 -11.05 -1.49
N GLN A 89 1.16 -11.26 -1.41
CA GLN A 89 1.71 -12.52 -0.90
C GLN A 89 1.67 -12.53 0.63
N THR A 90 2.23 -11.49 1.24
CA THR A 90 2.26 -11.39 2.69
C THR A 90 0.87 -11.52 3.29
N GLN A 91 -0.14 -11.08 2.54
CA GLN A 91 -1.52 -11.15 2.99
C GLN A 91 -1.97 -12.60 3.15
N ALA A 92 -1.35 -13.50 2.39
CA ALA A 92 -1.69 -14.92 2.45
C ALA A 92 -0.93 -15.62 3.57
N GLN A 93 -1.06 -15.10 4.79
CA GLN A 93 -0.38 -15.67 5.94
C GLN A 93 -1.25 -15.60 7.18
N ILE A 94 -1.66 -14.39 7.55
CA ILE A 94 -2.50 -14.19 8.72
C ILE A 94 -3.84 -14.91 8.56
N PRO A 95 -4.37 -15.42 9.68
CA PRO A 95 -5.65 -16.14 9.69
C PRO A 95 -6.84 -15.20 9.44
N SER A 96 -7.49 -15.40 8.30
CA SER A 96 -8.64 -14.58 7.95
C SER A 96 -9.37 -15.16 6.73
N ARG A 97 -8.60 -15.47 5.69
CA ARG A 97 -9.17 -16.03 4.47
C ARG A 97 -8.61 -17.43 4.21
N PRO A 98 -9.47 -18.32 3.70
CA PRO A 98 -9.09 -19.71 3.38
C PRO A 98 -8.15 -19.78 2.19
N ALA A 99 -7.95 -18.66 1.51
CA ALA A 99 -7.07 -18.61 0.35
C ALA A 99 -7.53 -19.57 -0.74
N HIS A 100 -8.29 -19.04 -1.69
CA HIS A 100 -8.80 -19.85 -2.79
C HIS A 100 -8.32 -19.31 -4.14
N HIS A 101 -8.14 -20.21 -5.10
CA HIS A 101 -7.68 -19.82 -6.44
C HIS A 101 -8.34 -20.68 -7.51
N HIS A 102 -9.61 -21.02 -7.29
CA HIS A 102 -10.35 -21.83 -8.24
C HIS A 102 -9.64 -23.16 -8.50
N HIS A 103 -10.16 -23.94 -9.43
CA HIS A 103 -9.58 -25.23 -9.78
C HIS A 103 -9.56 -26.16 -8.57
N HIS A 104 -10.60 -26.97 -8.44
CA HIS A 104 -10.71 -27.91 -7.32
C HIS A 104 -11.95 -28.77 -7.45
N HIS A 105 -12.04 -29.81 -6.62
CA HIS A 105 -13.18 -30.71 -6.64
C HIS A 105 -13.76 -30.88 -5.25
N MET A 1 -25.98 22.52 -8.50
CA MET A 1 -24.76 22.13 -7.80
C MET A 1 -24.37 23.17 -6.76
N GLY A 2 -23.22 22.97 -6.12
CA GLY A 2 -22.75 23.90 -5.11
C GLY A 2 -21.54 24.69 -5.57
N ARG A 3 -21.14 25.67 -4.76
CA ARG A 3 -19.99 26.50 -5.09
C ARG A 3 -19.66 27.45 -3.95
N ILE A 4 -19.68 26.93 -2.72
CA ILE A 4 -19.38 27.73 -1.55
C ILE A 4 -17.88 27.89 -1.35
N PHE A 5 -17.19 26.77 -1.23
CA PHE A 5 -15.74 26.78 -1.04
C PHE A 5 -15.03 26.10 -2.20
N SER A 6 -13.70 26.06 -2.15
CA SER A 6 -12.90 25.44 -3.20
C SER A 6 -12.12 24.26 -2.66
N ARG A 7 -12.17 23.14 -3.38
CA ARG A 7 -11.46 21.93 -2.98
C ARG A 7 -9.97 22.19 -2.85
N SER A 8 -9.38 21.76 -1.74
CA SER A 8 -7.96 21.95 -1.50
C SER A 8 -7.13 21.00 -2.36
N ALA A 9 -5.83 20.94 -2.08
CA ALA A 9 -4.93 20.07 -2.83
C ALA A 9 -3.54 20.05 -2.20
N SER A 10 -3.50 20.06 -0.88
CA SER A 10 -2.23 20.05 -0.15
C SER A 10 -2.14 18.83 0.78
N PRO A 11 -0.92 18.30 0.92
CA PRO A 11 -0.67 17.13 1.77
C PRO A 11 -0.81 17.46 3.25
N ILE A 12 -1.38 16.53 4.01
CA ILE A 12 -1.57 16.72 5.44
C ILE A 12 -0.83 15.66 6.24
N PRO A 13 -0.36 16.05 7.44
CA PRO A 13 0.38 15.14 8.33
C PRO A 13 -0.50 14.06 8.92
N ARG A 14 0.13 12.99 9.42
CA ARG A 14 -0.61 11.88 10.02
C ARG A 14 -1.51 11.20 8.98
N PRO A 15 -1.90 9.96 9.26
CA PRO A 15 -2.75 9.17 8.38
C PRO A 15 -4.18 9.71 8.32
N PRO A 16 -4.74 9.78 7.10
CA PRO A 16 -6.10 10.27 6.89
C PRO A 16 -7.16 9.32 7.43
N ARG A 17 -8.42 9.58 7.09
CA ARG A 17 -9.52 8.74 7.54
C ARG A 17 -9.63 7.48 6.70
N GLY A 18 -9.34 7.61 5.41
CA GLY A 18 -9.41 6.48 4.51
C GLY A 18 -8.07 5.78 4.36
N LEU A 19 -7.24 5.87 5.39
CA LEU A 19 -5.92 5.24 5.38
C LEU A 19 -5.23 5.40 6.72
N ALA A 20 -4.77 4.28 7.28
CA ALA A 20 -4.08 4.29 8.56
C ALA A 20 -2.71 3.62 8.46
N ALA A 21 -1.96 3.66 9.55
CA ALA A 21 -0.63 3.06 9.58
C ALA A 21 -0.68 1.61 9.07
N HIS A 22 -1.72 0.89 9.46
CA HIS A 22 -1.88 -0.50 9.05
C HIS A 22 -1.74 -0.65 7.53
N HIS A 23 -2.25 0.34 6.80
CA HIS A 23 -2.17 0.33 5.35
C HIS A 23 -0.92 1.06 4.86
N TRP A 24 -0.73 2.28 5.36
CA TRP A 24 0.42 3.08 4.97
C TRP A 24 1.73 2.35 5.27
N LEU A 25 2.01 2.15 6.54
CA LEU A 25 3.23 1.46 6.97
C LEU A 25 3.38 0.13 6.23
N ASN A 26 2.25 -0.48 5.87
CA ASN A 26 2.26 -1.75 5.17
C ASN A 26 3.03 -1.63 3.85
N PHE A 27 2.90 -0.49 3.19
CA PHE A 27 3.58 -0.25 1.93
C PHE A 27 5.07 -0.03 2.15
N LEU A 28 5.40 0.80 3.14
CA LEU A 28 6.79 1.10 3.46
C LEU A 28 7.60 -0.19 3.63
N GLN A 29 6.94 -1.23 4.12
CA GLN A 29 7.60 -2.52 4.32
C GLN A 29 7.86 -3.22 2.99
N ALA A 30 6.81 -3.37 2.20
CA ALA A 30 6.93 -4.02 0.90
C ALA A 30 8.02 -3.36 0.05
N ALA A 31 8.08 -2.03 0.11
CA ALA A 31 9.07 -1.29 -0.66
C ALA A 31 10.49 -1.77 -0.33
N TYR A 32 10.66 -2.32 0.86
CA TYR A 32 11.96 -2.81 1.28
C TYR A 32 12.20 -4.23 0.78
N ARG A 33 11.12 -4.95 0.50
CA ARG A 33 11.21 -6.31 0.00
C ARG A 33 11.89 -6.35 -1.36
N LEU A 34 11.36 -5.59 -2.31
CA LEU A 34 11.92 -5.54 -3.65
C LEU A 34 13.41 -5.18 -3.61
N GLU A 35 13.73 -4.08 -2.93
CA GLU A 35 15.11 -3.63 -2.82
C GLU A 35 15.47 -3.34 -1.37
N PRO A 36 16.69 -3.71 -0.97
CA PRO A 36 17.18 -3.49 0.40
C PRO A 36 17.42 -2.03 0.71
N GLY A 37 18.14 -1.35 -0.19
CA GLY A 37 18.43 0.06 0.01
C GLY A 37 17.77 0.94 -1.03
N PRO A 38 16.52 1.34 -0.76
CA PRO A 38 15.75 2.20 -1.67
C PRO A 38 16.30 3.61 -1.75
N SER A 39 15.56 4.49 -2.40
CA SER A 39 15.97 5.89 -2.56
C SER A 39 14.76 6.80 -2.71
N SER A 40 15.01 8.10 -2.72
CA SER A 40 13.94 9.09 -2.86
C SER A 40 13.15 8.85 -4.13
N TYR A 41 13.85 8.52 -5.21
CA TYR A 41 13.21 8.25 -6.49
C TYR A 41 12.15 7.17 -6.37
N ASP A 42 12.32 6.30 -5.36
CA ASP A 42 11.38 5.21 -5.13
C ASP A 42 10.14 5.70 -4.39
N PHE A 43 10.31 6.78 -3.63
CA PHE A 43 9.21 7.36 -2.86
C PHE A 43 8.50 8.44 -3.67
N HIS A 44 9.21 9.02 -4.63
CA HIS A 44 8.65 10.07 -5.47
C HIS A 44 7.51 9.53 -6.32
N GLN A 45 7.53 8.23 -6.58
CA GLN A 45 6.50 7.59 -7.39
C GLN A 45 5.50 6.86 -6.50
N LEU A 46 5.90 6.57 -5.27
CA LEU A 46 5.04 5.88 -4.32
C LEU A 46 4.07 6.84 -3.65
N LYS A 47 4.61 7.91 -3.07
CA LYS A 47 3.80 8.92 -2.41
C LYS A 47 2.87 9.63 -3.40
N LYS A 48 3.38 9.87 -4.60
CA LYS A 48 2.60 10.53 -5.63
C LYS A 48 1.48 9.63 -6.13
N PHE A 49 1.75 8.33 -6.18
CA PHE A 49 0.76 7.35 -6.63
C PHE A 49 -0.28 7.09 -5.55
N LEU A 50 0.19 6.85 -4.33
CA LEU A 50 -0.70 6.59 -3.21
C LEU A 50 -1.78 7.65 -3.10
N LYS A 51 -1.40 8.91 -3.37
CA LYS A 51 -2.34 10.02 -3.29
C LYS A 51 -3.54 9.75 -4.19
N ILE A 52 -3.33 9.06 -5.29
CA ILE A 52 -4.41 8.74 -6.23
C ILE A 52 -5.20 7.52 -5.75
N ALA A 53 -4.49 6.50 -5.32
CA ALA A 53 -5.12 5.27 -4.84
C ALA A 53 -6.01 5.55 -3.64
N LEU A 54 -5.68 6.61 -2.91
CA LEU A 54 -6.45 6.99 -1.72
C LEU A 54 -7.76 7.66 -2.11
N GLU A 55 -7.74 8.39 -3.22
CA GLU A 55 -8.92 9.09 -3.70
C GLU A 55 -10.11 8.13 -3.80
N THR A 56 -9.82 6.88 -4.16
CA THR A 56 -10.86 5.87 -4.30
C THR A 56 -10.80 4.85 -3.16
N PRO A 57 -11.56 5.12 -2.09
CA PRO A 57 -11.61 4.24 -0.91
C PRO A 57 -12.30 2.92 -1.21
N VAL A 58 -11.65 2.07 -2.00
CA VAL A 58 -12.22 0.77 -2.35
C VAL A 58 -11.43 -0.35 -1.70
N TRP A 59 -10.19 -0.06 -1.32
CA TRP A 59 -9.32 -1.05 -0.69
C TRP A 59 -9.10 -0.73 0.78
N ILE A 60 -10.11 -0.14 1.41
CA ILE A 60 -10.03 0.22 2.82
C ILE A 60 -10.62 -0.87 3.71
N CYS A 61 -11.93 -1.08 3.57
CA CYS A 61 -12.63 -2.09 4.36
C CYS A 61 -12.24 -3.50 3.90
N PRO A 62 -12.56 -3.81 2.64
CA PRO A 62 -12.26 -5.12 2.05
C PRO A 62 -10.77 -5.33 1.83
N ILE A 63 -10.03 -4.23 1.72
CA ILE A 63 -8.59 -4.30 1.51
C ILE A 63 -8.25 -5.18 0.32
N ASN A 64 -8.16 -4.56 -0.86
CA ASN A 64 -7.84 -5.29 -2.08
C ASN A 64 -6.49 -4.83 -2.65
N TYR A 65 -5.41 -5.36 -2.08
CA TYR A 65 -4.07 -5.00 -2.53
C TYR A 65 -3.92 -5.22 -4.04
N SER A 66 -4.48 -6.33 -4.52
CA SER A 66 -4.40 -6.66 -5.94
C SER A 66 -5.04 -5.56 -6.79
N LEU A 67 -5.98 -4.84 -6.20
CA LEU A 67 -6.67 -3.76 -6.90
C LEU A 67 -5.82 -2.49 -6.90
N LEU A 68 -5.06 -2.29 -5.84
CA LEU A 68 -4.20 -1.12 -5.71
C LEU A 68 -3.02 -1.21 -6.67
N ALA A 69 -2.67 -2.44 -7.06
CA ALA A 69 -1.56 -2.66 -7.98
C ALA A 69 -1.97 -2.35 -9.42
N SER A 70 -3.27 -2.11 -9.63
CA SER A 70 -3.79 -1.81 -10.95
C SER A 70 -4.25 -0.37 -11.04
N LEU A 71 -4.12 0.35 -9.93
CA LEU A 71 -4.52 1.76 -9.88
C LEU A 71 -3.50 2.66 -10.56
N LEU A 72 -2.38 2.06 -10.96
CA LEU A 72 -1.32 2.81 -11.62
C LEU A 72 -1.86 3.59 -12.81
N PRO A 73 -1.14 4.65 -13.21
CA PRO A 73 -1.53 5.49 -14.34
C PRO A 73 -1.38 4.78 -15.68
N LYS A 74 -0.20 4.20 -15.91
CA LYS A 74 0.06 3.48 -17.14
C LYS A 74 1.50 2.97 -17.17
N GLY A 75 2.46 3.89 -17.29
CA GLY A 75 3.86 3.50 -17.31
C GLY A 75 4.39 3.15 -15.95
N TYR A 76 3.83 2.11 -15.34
CA TYR A 76 4.26 1.68 -14.02
C TYR A 76 4.32 0.15 -13.95
N PRO A 77 5.18 -0.45 -14.78
CA PRO A 77 5.36 -1.91 -14.82
C PRO A 77 6.04 -2.44 -13.57
N GLY A 78 6.64 -1.55 -12.80
CA GLY A 78 7.33 -1.96 -11.58
C GLY A 78 7.62 -0.78 -10.66
N ARG A 79 8.62 -0.96 -9.80
CA ARG A 79 9.00 0.10 -8.86
C ARG A 79 7.92 0.29 -7.81
N VAL A 80 6.82 0.94 -8.20
CA VAL A 80 5.72 1.19 -7.28
C VAL A 80 4.68 0.08 -7.35
N ASN A 81 4.29 -0.28 -8.57
CA ASN A 81 3.30 -1.33 -8.77
C ASN A 81 3.71 -2.61 -8.07
N GLU A 82 4.97 -2.99 -8.23
CA GLU A 82 5.50 -4.20 -7.59
C GLU A 82 5.22 -4.20 -6.09
N ILE A 83 5.42 -3.05 -5.46
CA ILE A 83 5.19 -2.91 -4.03
C ILE A 83 3.79 -3.38 -3.66
N LEU A 84 2.82 -3.07 -4.49
CA LEU A 84 1.43 -3.47 -4.25
C LEU A 84 1.25 -4.97 -4.42
N HIS A 85 2.10 -5.57 -5.26
CA HIS A 85 2.05 -7.01 -5.51
C HIS A 85 2.71 -7.78 -4.37
N ILE A 86 3.64 -7.12 -3.68
CA ILE A 86 4.36 -7.75 -2.58
C ILE A 86 3.45 -7.91 -1.35
N LEU A 87 2.41 -7.09 -1.30
CA LEU A 87 1.46 -7.14 -0.19
C LEU A 87 0.44 -8.24 -0.38
N ILE A 88 0.29 -8.69 -1.63
CA ILE A 88 -0.65 -9.76 -1.95
C ILE A 88 -0.13 -11.11 -1.50
N GLN A 89 1.19 -11.22 -1.38
CA GLN A 89 1.83 -12.47 -0.96
C GLN A 89 1.83 -12.59 0.56
N THR A 90 2.12 -11.48 1.23
CA THR A 90 2.15 -11.45 2.69
C THR A 90 0.76 -11.61 3.28
N GLN A 91 -0.24 -11.16 2.54
CA GLN A 91 -1.63 -11.26 3.00
C GLN A 91 -2.03 -12.70 3.25
N ALA A 92 -1.42 -13.61 2.49
CA ALA A 92 -1.71 -15.04 2.62
C ALA A 92 -1.30 -15.55 3.99
N GLN A 93 -0.33 -14.87 4.61
CA GLN A 93 0.15 -15.26 5.92
C GLN A 93 -0.96 -15.14 6.97
N ILE A 94 -1.84 -14.17 6.76
CA ILE A 94 -2.95 -13.95 7.68
C ILE A 94 -4.26 -14.49 7.11
N PRO A 95 -5.17 -14.92 8.02
CA PRO A 95 -6.46 -15.45 7.62
C PRO A 95 -7.40 -14.39 7.05
N SER A 96 -7.76 -14.55 5.78
CA SER A 96 -8.64 -13.60 5.12
C SER A 96 -9.02 -14.09 3.72
N ARG A 97 -8.01 -14.52 2.96
CA ARG A 97 -8.24 -15.02 1.61
C ARG A 97 -7.32 -16.20 1.31
N PRO A 98 -7.93 -17.34 0.94
CA PRO A 98 -7.19 -18.57 0.62
C PRO A 98 -6.42 -18.45 -0.69
N ALA A 99 -6.93 -17.63 -1.60
CA ALA A 99 -6.29 -17.43 -2.89
C ALA A 99 -6.07 -18.75 -3.62
N HIS A 100 -5.42 -18.70 -4.76
CA HIS A 100 -5.15 -19.90 -5.56
C HIS A 100 -3.68 -19.96 -5.97
N HIS A 101 -3.27 -21.11 -6.48
CA HIS A 101 -1.88 -21.30 -6.91
C HIS A 101 -1.73 -20.97 -8.40
N HIS A 102 -1.83 -19.69 -8.73
CA HIS A 102 -1.70 -19.24 -10.11
C HIS A 102 -2.71 -19.95 -11.01
N HIS A 103 -2.63 -19.69 -12.31
CA HIS A 103 -3.54 -20.29 -13.27
C HIS A 103 -2.76 -20.87 -14.46
N HIS A 104 -2.04 -20.01 -15.17
CA HIS A 104 -1.26 -20.43 -16.32
C HIS A 104 -2.16 -21.00 -17.42
N HIS A 105 -1.62 -21.11 -18.62
CA HIS A 105 -2.38 -21.63 -19.76
C HIS A 105 -1.49 -22.51 -20.65
N MET A 1 -9.85 18.81 -14.28
CA MET A 1 -10.12 17.76 -13.30
C MET A 1 -8.85 16.98 -12.96
N GLY A 2 -8.07 17.50 -12.03
CA GLY A 2 -6.83 16.85 -11.65
C GLY A 2 -6.00 17.68 -10.70
N ARG A 3 -5.38 17.04 -9.71
CA ARG A 3 -4.55 17.73 -8.75
C ARG A 3 -3.68 16.74 -7.98
N ILE A 4 -2.51 16.44 -8.52
CA ILE A 4 -1.59 15.51 -7.89
C ILE A 4 -0.19 16.11 -7.79
N PHE A 5 0.01 16.92 -6.75
CA PHE A 5 1.30 17.57 -6.53
C PHE A 5 1.55 17.82 -5.05
N SER A 6 2.67 17.35 -4.55
CA SER A 6 3.02 17.52 -3.14
C SER A 6 4.45 17.04 -2.87
N ARG A 7 5.07 17.61 -1.85
CA ARG A 7 6.43 17.24 -1.48
C ARG A 7 6.65 17.39 0.02
N SER A 8 7.71 16.77 0.52
CA SER A 8 8.04 16.84 1.94
C SER A 8 9.34 16.11 2.24
N ALA A 9 9.87 16.33 3.44
CA ALA A 9 11.12 15.69 3.85
C ALA A 9 11.25 15.66 5.37
N SER A 10 10.25 15.09 6.03
CA SER A 10 10.25 14.99 7.48
C SER A 10 9.31 13.89 7.96
N PRO A 11 9.56 13.39 9.18
CA PRO A 11 8.75 12.32 9.77
C PRO A 11 7.35 12.79 10.14
N ILE A 12 6.46 12.82 9.16
CA ILE A 12 5.09 13.24 9.39
C ILE A 12 4.13 12.54 8.42
N PRO A 13 3.78 11.29 8.75
CA PRO A 13 2.86 10.48 7.94
C PRO A 13 1.43 10.99 7.99
N ARG A 14 0.96 11.28 9.19
CA ARG A 14 -0.40 11.79 9.38
C ARG A 14 -1.41 10.88 8.69
N PRO A 15 -1.74 9.75 9.34
CA PRO A 15 -2.70 8.78 8.81
C PRO A 15 -4.13 9.31 8.82
N PRO A 16 -4.69 9.52 7.61
CA PRO A 16 -6.05 10.02 7.45
C PRO A 16 -7.10 9.01 7.86
N ARG A 17 -8.37 9.33 7.60
CA ARG A 17 -9.47 8.43 7.95
C ARG A 17 -9.54 7.26 6.98
N GLY A 18 -9.25 7.54 5.71
CA GLY A 18 -9.29 6.49 4.70
C GLY A 18 -7.95 5.82 4.51
N LEU A 19 -7.09 5.92 5.51
CA LEU A 19 -5.77 5.31 5.45
C LEU A 19 -5.02 5.48 6.77
N ALA A 20 -4.61 4.37 7.36
CA ALA A 20 -3.89 4.39 8.62
C ALA A 20 -2.56 3.65 8.52
N ALA A 21 -1.80 3.63 9.61
CA ALA A 21 -0.51 2.95 9.64
C ALA A 21 -0.63 1.54 9.10
N HIS A 22 -1.69 0.84 9.50
CA HIS A 22 -1.91 -0.54 9.06
C HIS A 22 -1.78 -0.65 7.55
N HIS A 23 -2.21 0.39 6.84
CA HIS A 23 -2.13 0.41 5.38
C HIS A 23 -0.87 1.12 4.90
N TRP A 24 -0.70 2.36 5.33
CA TRP A 24 0.46 3.15 4.95
C TRP A 24 1.75 2.41 5.29
N LEU A 25 1.98 2.21 6.58
CA LEU A 25 3.18 1.52 7.03
C LEU A 25 3.36 0.19 6.31
N ASN A 26 2.25 -0.47 6.01
CA ASN A 26 2.28 -1.75 5.30
C ASN A 26 3.05 -1.63 3.99
N PHE A 27 2.92 -0.47 3.35
CA PHE A 27 3.60 -0.22 2.08
C PHE A 27 5.10 -0.02 2.29
N LEU A 28 5.44 0.80 3.28
CA LEU A 28 6.84 1.07 3.58
C LEU A 28 7.63 -0.22 3.75
N GLN A 29 6.96 -1.26 4.25
CA GLN A 29 7.60 -2.56 4.46
C GLN A 29 7.83 -3.27 3.12
N ALA A 30 6.79 -3.32 2.30
CA ALA A 30 6.88 -3.97 1.00
C ALA A 30 8.02 -3.38 0.17
N ALA A 31 8.14 -2.06 0.19
CA ALA A 31 9.18 -1.37 -0.56
C ALA A 31 10.56 -1.87 -0.15
N TYR A 32 10.66 -2.42 1.05
CA TYR A 32 11.93 -2.94 1.56
C TYR A 32 12.12 -4.39 1.16
N ARG A 33 11.02 -5.05 0.81
CA ARG A 33 11.07 -6.46 0.41
C ARG A 33 11.75 -6.61 -0.95
N LEU A 34 11.26 -5.89 -1.94
CA LEU A 34 11.83 -5.95 -3.28
C LEU A 34 13.34 -5.73 -3.25
N GLU A 35 13.75 -4.61 -2.66
CA GLU A 35 15.18 -4.29 -2.56
C GLU A 35 15.43 -3.34 -1.40
N PRO A 36 16.41 -3.68 -0.56
CA PRO A 36 16.79 -2.87 0.60
C PRO A 36 17.46 -1.56 0.20
N GLY A 37 17.64 -0.68 1.18
CA GLY A 37 18.27 0.60 0.91
C GLY A 37 17.63 1.33 -0.26
N PRO A 38 16.36 1.75 -0.07
CA PRO A 38 15.60 2.47 -1.10
C PRO A 38 16.14 3.87 -1.34
N SER A 39 15.53 4.58 -2.29
CA SER A 39 15.95 5.94 -2.61
C SER A 39 14.74 6.84 -2.81
N SER A 40 14.98 8.16 -2.75
CA SER A 40 13.91 9.13 -2.93
C SER A 40 13.13 8.87 -4.21
N TYR A 41 13.85 8.54 -5.28
CA TYR A 41 13.24 8.28 -6.57
C TYR A 41 12.20 7.16 -6.46
N ASP A 42 12.38 6.30 -5.46
CA ASP A 42 11.47 5.19 -5.24
C ASP A 42 10.19 5.66 -4.55
N PHE A 43 10.30 6.74 -3.79
CA PHE A 43 9.16 7.31 -3.08
C PHE A 43 8.46 8.38 -3.91
N HIS A 44 9.22 8.99 -4.82
CA HIS A 44 8.68 10.03 -5.69
C HIS A 44 7.50 9.52 -6.51
N GLN A 45 7.52 8.22 -6.80
CA GLN A 45 6.45 7.60 -7.57
C GLN A 45 5.46 6.88 -6.67
N LEU A 46 5.89 6.60 -5.44
CA LEU A 46 5.03 5.91 -4.47
C LEU A 46 4.08 6.89 -3.80
N LYS A 47 4.63 7.96 -3.24
CA LYS A 47 3.82 8.98 -2.57
C LYS A 47 2.88 9.66 -3.56
N LYS A 48 3.38 9.91 -4.77
CA LYS A 48 2.58 10.56 -5.80
C LYS A 48 1.46 9.63 -6.28
N PHE A 49 1.76 8.35 -6.36
CA PHE A 49 0.78 7.36 -6.81
C PHE A 49 -0.26 7.10 -5.73
N LEU A 50 0.21 6.90 -4.51
CA LEU A 50 -0.69 6.65 -3.38
C LEU A 50 -1.78 7.70 -3.31
N LYS A 51 -1.41 8.95 -3.54
CA LYS A 51 -2.37 10.06 -3.50
C LYS A 51 -3.57 9.76 -4.39
N ILE A 52 -3.33 9.09 -5.50
CA ILE A 52 -4.40 8.75 -6.44
C ILE A 52 -5.14 7.50 -5.99
N ALA A 53 -4.42 6.57 -5.36
CA ALA A 53 -5.02 5.33 -4.87
C ALA A 53 -5.90 5.60 -3.66
N LEU A 54 -5.63 6.70 -2.96
CA LEU A 54 -6.41 7.06 -1.78
C LEU A 54 -7.74 7.71 -2.18
N GLU A 55 -7.71 8.45 -3.28
CA GLU A 55 -8.91 9.13 -3.77
C GLU A 55 -10.08 8.15 -3.89
N THR A 56 -9.76 6.90 -4.20
CA THR A 56 -10.78 5.87 -4.35
C THR A 56 -10.73 4.88 -3.20
N PRO A 57 -11.50 5.16 -2.14
CA PRO A 57 -11.56 4.30 -0.95
C PRO A 57 -12.25 2.98 -1.22
N VAL A 58 -11.59 2.11 -1.98
CA VAL A 58 -12.15 0.80 -2.31
C VAL A 58 -11.36 -0.32 -1.64
N TRP A 59 -10.13 -0.02 -1.25
CA TRP A 59 -9.28 -0.99 -0.59
C TRP A 59 -9.06 -0.63 0.87
N ILE A 60 -10.07 -0.04 1.49
CA ILE A 60 -9.98 0.36 2.89
C ILE A 60 -10.59 -0.70 3.80
N CYS A 61 -11.89 -0.93 3.66
CA CYS A 61 -12.58 -1.91 4.47
C CYS A 61 -12.20 -3.33 4.05
N PRO A 62 -12.51 -3.67 2.79
CA PRO A 62 -12.22 -5.00 2.23
C PRO A 62 -10.72 -5.21 2.02
N ILE A 63 -9.98 -4.11 1.90
CA ILE A 63 -8.54 -4.18 1.69
C ILE A 63 -8.20 -5.09 0.51
N ASN A 64 -8.12 -4.51 -0.67
CA ASN A 64 -7.80 -5.26 -1.88
C ASN A 64 -6.45 -4.82 -2.45
N TYR A 65 -5.37 -5.33 -1.88
CA TYR A 65 -4.03 -4.98 -2.34
C TYR A 65 -3.88 -5.22 -3.85
N SER A 66 -4.41 -6.36 -4.31
CA SER A 66 -4.34 -6.72 -5.71
C SER A 66 -4.97 -5.64 -6.59
N LEU A 67 -5.95 -4.93 -6.03
CA LEU A 67 -6.63 -3.87 -6.74
C LEU A 67 -5.79 -2.60 -6.80
N LEU A 68 -5.01 -2.38 -5.74
CA LEU A 68 -4.14 -1.21 -5.66
C LEU A 68 -2.98 -1.32 -6.64
N ALA A 69 -2.64 -2.56 -7.01
CA ALA A 69 -1.55 -2.79 -7.94
C ALA A 69 -1.96 -2.45 -9.36
N SER A 70 -3.26 -2.24 -9.57
CA SER A 70 -3.79 -1.89 -10.88
C SER A 70 -4.23 -0.44 -10.93
N LEU A 71 -4.07 0.26 -9.82
CA LEU A 71 -4.45 1.67 -9.73
C LEU A 71 -3.50 2.54 -10.53
N LEU A 72 -2.41 1.95 -11.02
CA LEU A 72 -1.43 2.67 -11.81
C LEU A 72 -2.10 3.45 -12.94
N PRO A 73 -1.42 4.49 -13.43
CA PRO A 73 -1.92 5.33 -14.53
C PRO A 73 -1.96 4.59 -15.86
N LYS A 74 -0.83 4.00 -16.23
CA LYS A 74 -0.73 3.26 -17.48
C LYS A 74 0.70 2.77 -17.72
N GLY A 75 1.62 3.72 -17.88
CA GLY A 75 3.00 3.36 -18.11
C GLY A 75 3.90 3.72 -16.94
N TYR A 76 3.87 2.88 -15.91
CA TYR A 76 4.68 3.11 -14.72
C TYR A 76 5.81 2.10 -14.63
N PRO A 77 6.93 2.40 -15.31
CA PRO A 77 8.11 1.53 -15.32
C PRO A 77 8.83 1.50 -13.97
N GLY A 78 8.44 2.42 -13.08
CA GLY A 78 9.05 2.48 -11.77
C GLY A 78 8.87 1.21 -10.98
N ARG A 79 9.19 1.25 -9.69
CA ARG A 79 9.06 0.09 -8.83
C ARG A 79 7.94 0.29 -7.80
N VAL A 80 6.85 0.92 -8.24
CA VAL A 80 5.72 1.17 -7.37
C VAL A 80 4.70 0.04 -7.44
N ASN A 81 4.36 -0.37 -8.66
CA ASN A 81 3.40 -1.44 -8.87
C ASN A 81 3.83 -2.71 -8.13
N GLU A 82 5.11 -3.07 -8.27
CA GLU A 82 5.65 -4.25 -7.62
C GLU A 82 5.35 -4.25 -6.13
N ILE A 83 5.53 -3.09 -5.51
CA ILE A 83 5.28 -2.94 -4.08
C ILE A 83 3.89 -3.45 -3.71
N LEU A 84 2.90 -3.11 -4.53
CA LEU A 84 1.53 -3.55 -4.28
C LEU A 84 1.40 -5.06 -4.46
N HIS A 85 2.25 -5.63 -5.31
CA HIS A 85 2.22 -7.06 -5.57
C HIS A 85 2.88 -7.83 -4.42
N ILE A 86 3.74 -7.15 -3.68
CA ILE A 86 4.43 -7.76 -2.55
C ILE A 86 3.50 -7.92 -1.35
N LEU A 87 2.46 -7.08 -1.30
CA LEU A 87 1.50 -7.12 -0.20
C LEU A 87 0.47 -8.23 -0.42
N ILE A 88 0.35 -8.67 -1.67
CA ILE A 88 -0.58 -9.74 -2.00
C ILE A 88 -0.09 -11.09 -1.51
N GLN A 89 1.23 -11.21 -1.35
CA GLN A 89 1.83 -12.45 -0.88
C GLN A 89 1.83 -12.51 0.65
N THR A 90 2.23 -11.40 1.28
CA THR A 90 2.28 -11.34 2.72
C THR A 90 0.89 -11.45 3.34
N GLN A 91 -0.12 -11.16 2.53
CA GLN A 91 -1.51 -11.23 2.99
C GLN A 91 -1.96 -12.68 3.16
N ALA A 92 -1.33 -13.58 2.40
CA ALA A 92 -1.66 -15.00 2.46
C ALA A 92 -1.48 -15.54 3.87
N GLN A 93 -0.61 -14.90 4.65
CA GLN A 93 -0.35 -15.32 6.02
C GLN A 93 -1.65 -15.48 6.80
N ILE A 94 -2.66 -14.68 6.43
CA ILE A 94 -3.94 -14.73 7.10
C ILE A 94 -5.01 -15.32 6.19
N PRO A 95 -6.05 -15.93 6.79
CA PRO A 95 -7.15 -16.54 6.05
C PRO A 95 -8.04 -15.50 5.37
N SER A 96 -8.43 -14.48 6.13
CA SER A 96 -9.29 -13.43 5.60
C SER A 96 -10.52 -14.01 4.93
N ARG A 97 -10.93 -15.20 5.38
CA ARG A 97 -12.10 -15.86 4.81
C ARG A 97 -12.58 -16.98 5.75
N PRO A 98 -13.85 -16.88 6.17
CA PRO A 98 -14.47 -17.87 7.07
C PRO A 98 -14.69 -19.21 6.38
N ALA A 99 -14.89 -19.18 5.07
CA ALA A 99 -15.11 -20.41 4.30
C ALA A 99 -16.38 -21.11 4.74
N HIS A 100 -16.86 -22.04 3.92
CA HIS A 100 -18.07 -22.78 4.22
C HIS A 100 -17.84 -24.29 4.08
N HIS A 101 -18.90 -25.07 4.27
CA HIS A 101 -18.80 -26.52 4.18
C HIS A 101 -18.98 -26.97 2.72
N HIS A 102 -17.87 -27.29 2.06
CA HIS A 102 -17.90 -27.74 0.68
C HIS A 102 -18.58 -26.70 -0.21
N HIS A 103 -18.70 -27.02 -1.49
CA HIS A 103 -19.32 -26.12 -2.45
C HIS A 103 -20.25 -26.87 -3.41
N HIS A 104 -19.74 -27.97 -3.96
CA HIS A 104 -20.51 -28.78 -4.89
C HIS A 104 -20.92 -27.98 -6.11
N HIS A 105 -20.10 -28.02 -7.15
CA HIS A 105 -20.39 -27.29 -8.38
C HIS A 105 -21.48 -27.98 -9.19
N MET A 1 -19.86 12.61 11.49
CA MET A 1 -19.23 11.67 10.57
C MET A 1 -19.20 12.24 9.16
N GLY A 2 -18.01 12.65 8.72
CA GLY A 2 -17.86 13.22 7.39
C GLY A 2 -16.68 12.63 6.64
N ARG A 3 -16.56 12.98 5.36
CA ARG A 3 -15.47 12.48 4.53
C ARG A 3 -14.88 13.60 3.68
N ILE A 4 -15.63 14.03 2.68
CA ILE A 4 -15.18 15.09 1.80
C ILE A 4 -13.86 14.74 1.13
N PHE A 5 -13.94 14.09 -0.03
CA PHE A 5 -12.75 13.70 -0.77
C PHE A 5 -12.37 14.76 -1.80
N SER A 6 -11.13 15.24 -1.71
CA SER A 6 -10.64 16.26 -2.62
C SER A 6 -9.13 16.14 -2.82
N ARG A 7 -8.59 16.94 -3.72
CA ARG A 7 -7.16 16.93 -3.99
C ARG A 7 -6.37 17.47 -2.81
N SER A 8 -5.24 16.82 -2.51
CA SER A 8 -4.39 17.23 -1.40
C SER A 8 -3.15 17.96 -1.89
N ALA A 9 -2.37 18.48 -0.96
CA ALA A 9 -1.14 19.20 -1.31
C ALA A 9 0.04 18.72 -0.46
N SER A 10 0.07 17.42 -0.20
CA SER A 10 1.14 16.83 0.60
C SER A 10 1.24 17.52 1.96
N PRO A 11 0.13 17.49 2.71
CA PRO A 11 0.05 18.10 4.04
C PRO A 11 0.88 17.34 5.08
N ILE A 12 0.73 17.71 6.34
CA ILE A 12 1.47 17.07 7.42
C ILE A 12 1.22 15.56 7.42
N PRO A 13 2.25 14.80 7.84
CA PRO A 13 2.17 13.34 7.90
C PRO A 13 1.22 12.85 9.00
N ARG A 14 0.14 12.18 8.59
CA ARG A 14 -0.84 11.67 9.54
C ARG A 14 -1.81 10.73 8.85
N PRO A 15 -2.07 9.57 9.48
CA PRO A 15 -2.99 8.55 8.95
C PRO A 15 -4.44 9.01 9.00
N PRO A 16 -5.03 9.22 7.81
CA PRO A 16 -6.43 9.67 7.68
C PRO A 16 -7.41 8.58 8.09
N ARG A 17 -8.70 8.83 7.85
CA ARG A 17 -9.74 7.88 8.19
C ARG A 17 -9.78 6.72 7.19
N GLY A 18 -9.52 7.03 5.93
CA GLY A 18 -9.53 6.02 4.90
C GLY A 18 -8.15 5.42 4.67
N LEU A 19 -7.28 5.54 5.66
CA LEU A 19 -5.93 5.02 5.56
C LEU A 19 -5.17 5.20 6.87
N ALA A 20 -4.68 4.08 7.42
CA ALA A 20 -3.94 4.13 8.68
C ALA A 20 -2.57 3.46 8.53
N ALA A 21 -1.80 3.45 9.60
CA ALA A 21 -0.47 2.84 9.59
C ALA A 21 -0.53 1.43 9.02
N HIS A 22 -1.55 0.67 9.42
CA HIS A 22 -1.72 -0.70 8.95
C HIS A 22 -1.60 -0.77 7.43
N HIS A 23 -2.10 0.27 6.76
CA HIS A 23 -2.06 0.31 5.30
C HIS A 23 -0.84 1.09 4.82
N TRP A 24 -0.71 2.33 5.28
CA TRP A 24 0.42 3.17 4.89
C TRP A 24 1.74 2.49 5.21
N LEU A 25 2.01 2.28 6.49
CA LEU A 25 3.25 1.63 6.92
C LEU A 25 3.47 0.33 6.16
N ASN A 26 2.38 -0.37 5.87
CA ASN A 26 2.47 -1.64 5.14
C ASN A 26 3.24 -1.47 3.85
N PHE A 27 3.02 -0.34 3.18
CA PHE A 27 3.70 -0.06 1.92
C PHE A 27 5.19 0.17 2.14
N LEU A 28 5.51 1.02 3.11
CA LEU A 28 6.90 1.34 3.43
C LEU A 28 7.71 0.05 3.63
N GLN A 29 7.06 -0.96 4.19
CA GLN A 29 7.73 -2.24 4.44
C GLN A 29 7.93 -3.01 3.14
N ALA A 30 6.87 -3.11 2.35
CA ALA A 30 6.92 -3.82 1.07
C ALA A 30 8.04 -3.29 0.20
N ALA A 31 8.19 -1.97 0.16
CA ALA A 31 9.24 -1.34 -0.64
C ALA A 31 10.61 -1.87 -0.25
N TYR A 32 10.74 -2.36 0.97
CA TYR A 32 12.01 -2.89 1.46
C TYR A 32 12.14 -4.37 1.11
N ARG A 33 11.02 -5.02 0.84
CA ARG A 33 11.02 -6.43 0.49
C ARG A 33 11.71 -6.66 -0.84
N LEU A 34 11.27 -5.93 -1.86
CA LEU A 34 11.84 -6.06 -3.20
C LEU A 34 13.36 -5.93 -3.15
N GLU A 35 13.84 -4.82 -2.58
CA GLU A 35 15.27 -4.58 -2.47
C GLU A 35 15.56 -3.53 -1.40
N PRO A 36 16.61 -3.79 -0.60
CA PRO A 36 17.01 -2.88 0.49
C PRO A 36 17.62 -1.58 -0.05
N GLY A 37 17.82 -0.62 0.84
CA GLY A 37 18.39 0.65 0.44
C GLY A 37 17.67 1.27 -0.74
N PRO A 38 16.47 1.79 -0.49
CA PRO A 38 15.64 2.43 -1.52
C PRO A 38 16.23 3.75 -1.99
N SER A 39 15.52 4.40 -2.91
CA SER A 39 15.98 5.68 -3.45
C SER A 39 14.82 6.68 -3.52
N SER A 40 15.15 7.97 -3.54
CA SER A 40 14.15 9.02 -3.61
C SER A 40 13.23 8.81 -4.81
N TYR A 41 13.80 8.33 -5.92
CA TYR A 41 13.02 8.09 -7.12
C TYR A 41 11.99 7.00 -6.91
N ASP A 42 12.22 6.17 -5.90
CA ASP A 42 11.29 5.08 -5.58
C ASP A 42 10.14 5.59 -4.72
N PHE A 43 10.38 6.66 -3.97
CA PHE A 43 9.37 7.24 -3.11
C PHE A 43 8.62 8.38 -3.81
N HIS A 44 9.29 8.98 -4.80
CA HIS A 44 8.70 10.08 -5.55
C HIS A 44 7.47 9.60 -6.33
N GLN A 45 7.44 8.31 -6.65
CA GLN A 45 6.33 7.73 -7.39
C GLN A 45 5.40 6.96 -6.47
N LEU A 46 5.91 6.57 -5.30
CA LEU A 46 5.13 5.83 -4.32
C LEU A 46 4.22 6.77 -3.52
N LYS A 47 4.81 7.79 -2.94
CA LYS A 47 4.06 8.76 -2.14
C LYS A 47 3.06 9.51 -3.02
N LYS A 48 3.44 9.75 -4.27
CA LYS A 48 2.57 10.45 -5.21
C LYS A 48 1.41 9.56 -5.65
N PHE A 49 1.72 8.31 -5.98
CA PHE A 49 0.71 7.36 -6.42
C PHE A 49 -0.28 7.07 -5.30
N LEU A 50 0.23 6.76 -4.12
CA LEU A 50 -0.61 6.46 -2.96
C LEU A 50 -1.65 7.56 -2.76
N LYS A 51 -1.27 8.79 -3.03
CA LYS A 51 -2.18 9.93 -2.87
C LYS A 51 -3.42 9.75 -3.74
N ILE A 52 -3.21 9.32 -4.98
CA ILE A 52 -4.32 9.11 -5.91
C ILE A 52 -5.06 7.82 -5.59
N ALA A 53 -4.33 6.82 -5.11
CA ALA A 53 -4.91 5.54 -4.76
C ALA A 53 -5.91 5.68 -3.61
N LEU A 54 -5.74 6.73 -2.82
CA LEU A 54 -6.63 6.97 -1.70
C LEU A 54 -7.94 7.61 -2.16
N GLU A 55 -7.88 8.32 -3.29
CA GLU A 55 -9.07 8.98 -3.83
C GLU A 55 -10.23 7.99 -3.94
N THR A 56 -9.91 6.75 -4.30
CA THR A 56 -10.92 5.72 -4.44
C THR A 56 -10.86 4.71 -3.30
N PRO A 57 -11.66 4.96 -2.24
CA PRO A 57 -11.71 4.09 -1.07
C PRO A 57 -12.35 2.74 -1.37
N VAL A 58 -11.66 1.91 -2.15
CA VAL A 58 -12.17 0.59 -2.51
C VAL A 58 -11.37 -0.51 -1.84
N TRP A 59 -10.15 -0.18 -1.43
CA TRP A 59 -9.28 -1.14 -0.77
C TRP A 59 -9.09 -0.80 0.70
N ILE A 60 -10.13 -0.24 1.31
CA ILE A 60 -10.08 0.13 2.72
C ILE A 60 -10.66 -0.97 3.60
N CYS A 61 -11.96 -1.22 3.45
CA CYS A 61 -12.64 -2.24 4.23
C CYS A 61 -12.20 -3.64 3.79
N PRO A 62 -12.47 -3.98 2.53
CA PRO A 62 -12.11 -5.28 1.96
C PRO A 62 -10.61 -5.44 1.77
N ILE A 63 -9.90 -4.32 1.72
CA ILE A 63 -8.45 -4.33 1.54
C ILE A 63 -8.05 -5.20 0.36
N ASN A 64 -7.98 -4.59 -0.82
CA ASN A 64 -7.61 -5.30 -2.03
C ASN A 64 -6.28 -4.77 -2.59
N TYR A 65 -5.18 -5.21 -1.98
CA TYR A 65 -3.86 -4.78 -2.42
C TYR A 65 -3.69 -4.96 -3.93
N SER A 66 -4.07 -6.14 -4.42
CA SER A 66 -3.96 -6.44 -5.84
C SER A 66 -4.61 -5.35 -6.68
N LEU A 67 -5.76 -4.88 -6.24
CA LEU A 67 -6.49 -3.83 -6.94
C LEU A 67 -5.68 -2.54 -6.98
N LEU A 68 -4.92 -2.28 -5.92
CA LEU A 68 -4.10 -1.08 -5.83
C LEU A 68 -2.91 -1.17 -6.77
N ALA A 69 -2.53 -2.39 -7.12
CA ALA A 69 -1.39 -2.61 -8.02
C ALA A 69 -1.79 -2.33 -9.46
N SER A 70 -3.09 -2.22 -9.71
CA SER A 70 -3.60 -1.96 -11.05
C SER A 70 -4.14 -0.52 -11.16
N LEU A 71 -4.05 0.22 -10.07
CA LEU A 71 -4.52 1.59 -10.04
C LEU A 71 -3.56 2.52 -10.79
N LEU A 72 -2.42 1.97 -11.17
CA LEU A 72 -1.41 2.75 -11.90
C LEU A 72 -2.01 3.37 -13.15
N PRO A 73 -1.38 4.45 -13.64
CA PRO A 73 -1.84 5.16 -14.84
C PRO A 73 -1.60 4.34 -16.11
N LYS A 74 -0.37 3.90 -16.31
CA LYS A 74 -0.02 3.11 -17.49
C LYS A 74 1.49 2.89 -17.57
N GLY A 75 2.24 3.99 -17.55
CA GLY A 75 3.69 3.89 -17.61
C GLY A 75 4.36 4.37 -16.35
N TYR A 76 4.42 3.49 -15.35
CA TYR A 76 5.04 3.83 -14.07
C TYR A 76 6.36 3.08 -13.88
N PRO A 77 7.43 3.62 -14.49
CA PRO A 77 8.77 3.01 -14.40
C PRO A 77 9.37 3.13 -13.01
N GLY A 78 8.74 3.93 -12.16
CA GLY A 78 9.22 4.12 -10.81
C GLY A 78 9.17 2.84 -10.00
N ARG A 79 8.63 1.78 -10.60
CA ARG A 79 8.52 0.49 -9.91
C ARG A 79 7.69 0.62 -8.64
N VAL A 80 6.48 1.13 -8.78
CA VAL A 80 5.58 1.31 -7.64
C VAL A 80 4.53 0.20 -7.60
N ASN A 81 4.07 -0.23 -8.77
CA ASN A 81 3.06 -1.28 -8.87
C ASN A 81 3.56 -2.55 -8.18
N GLU A 82 4.80 -2.93 -8.44
CA GLU A 82 5.38 -4.13 -7.85
C GLU A 82 5.20 -4.12 -6.33
N ILE A 83 5.45 -2.97 -5.72
CA ILE A 83 5.32 -2.83 -4.27
C ILE A 83 3.94 -3.28 -3.80
N LEU A 84 2.93 -2.99 -4.60
CA LEU A 84 1.55 -3.38 -4.26
C LEU A 84 1.36 -4.88 -4.40
N HIS A 85 2.16 -5.51 -5.25
CA HIS A 85 2.09 -6.95 -5.46
C HIS A 85 2.81 -7.71 -4.36
N ILE A 86 3.81 -7.06 -3.77
CA ILE A 86 4.58 -7.68 -2.69
C ILE A 86 3.74 -7.82 -1.42
N LEU A 87 2.70 -7.00 -1.32
CA LEU A 87 1.82 -7.03 -0.16
C LEU A 87 0.75 -8.09 -0.32
N ILE A 88 0.62 -8.61 -1.54
CA ILE A 88 -0.37 -9.65 -1.83
C ILE A 88 0.08 -11.00 -1.30
N GLN A 89 1.38 -11.24 -1.31
CA GLN A 89 1.94 -12.50 -0.84
C GLN A 89 2.00 -12.52 0.68
N THR A 90 2.43 -11.40 1.27
CA THR A 90 2.54 -11.30 2.72
C THR A 90 1.16 -11.33 3.38
N GLN A 91 0.14 -10.94 2.62
CA GLN A 91 -1.23 -10.92 3.13
C GLN A 91 -1.71 -12.33 3.46
N ALA A 92 -1.13 -13.32 2.79
CA ALA A 92 -1.49 -14.72 3.01
C ALA A 92 -0.84 -15.25 4.27
N GLN A 93 -1.17 -14.64 5.41
CA GLN A 93 -0.61 -15.06 6.68
C GLN A 93 -1.58 -14.74 7.83
N ILE A 94 -2.86 -14.67 7.50
CA ILE A 94 -3.88 -14.37 8.51
C ILE A 94 -4.92 -15.48 8.58
N PRO A 95 -5.50 -15.68 9.77
CA PRO A 95 -6.53 -16.70 10.00
C PRO A 95 -7.84 -16.37 9.30
N SER A 96 -8.05 -16.97 8.13
CA SER A 96 -9.26 -16.74 7.36
C SER A 96 -10.11 -18.01 7.29
N ARG A 97 -9.45 -19.14 7.06
CA ARG A 97 -10.14 -20.42 6.96
C ARG A 97 -9.18 -21.58 7.21
N PRO A 98 -9.67 -22.62 7.90
CA PRO A 98 -8.87 -23.80 8.21
C PRO A 98 -8.55 -24.64 6.97
N ALA A 99 -9.17 -24.29 5.86
CA ALA A 99 -8.94 -25.00 4.60
C ALA A 99 -7.85 -24.33 3.78
N HIS A 100 -7.52 -24.94 2.64
CA HIS A 100 -6.49 -24.40 1.76
C HIS A 100 -5.15 -24.32 2.49
N HIS A 101 -4.90 -25.28 3.37
CA HIS A 101 -3.65 -25.32 4.13
C HIS A 101 -3.05 -26.72 4.11
N HIS A 102 -1.75 -26.79 3.82
CA HIS A 102 -1.05 -28.07 3.77
C HIS A 102 0.12 -28.09 4.74
N HIS A 103 0.84 -29.21 4.78
CA HIS A 103 1.98 -29.35 5.68
C HIS A 103 3.10 -30.15 4.99
N HIS A 104 4.32 -29.96 5.47
CA HIS A 104 5.47 -30.66 4.92
C HIS A 104 5.23 -32.17 4.88
N HIS A 105 5.85 -32.84 3.91
CA HIS A 105 5.70 -34.28 3.77
C HIS A 105 6.87 -35.02 4.43
N MET A 1 -5.78 9.49 15.45
CA MET A 1 -6.12 9.41 14.03
C MET A 1 -6.96 10.60 13.60
N GLY A 2 -6.42 11.81 13.80
CA GLY A 2 -7.14 13.01 13.43
C GLY A 2 -6.65 14.23 14.19
N ARG A 3 -7.57 15.11 14.55
CA ARG A 3 -7.22 16.32 15.28
C ARG A 3 -6.31 17.21 14.44
N ILE A 4 -6.16 18.46 14.87
CA ILE A 4 -5.31 19.42 14.15
C ILE A 4 -5.69 19.50 12.68
N PHE A 5 -6.76 20.22 12.39
CA PHE A 5 -7.22 20.38 11.01
C PHE A 5 -7.14 21.84 10.58
N SER A 6 -6.52 22.07 9.43
CA SER A 6 -6.37 23.42 8.89
C SER A 6 -5.78 23.39 7.48
N ARG A 7 -5.90 24.51 6.77
CA ARG A 7 -5.38 24.61 5.42
C ARG A 7 -3.89 24.94 5.42
N SER A 8 -3.08 23.99 5.87
CA SER A 8 -1.64 24.17 5.93
C SER A 8 -0.91 23.10 5.13
N ALA A 9 0.34 23.37 4.79
CA ALA A 9 1.15 22.42 4.03
C ALA A 9 1.22 21.07 4.72
N SER A 10 1.89 21.03 5.88
CA SER A 10 2.03 19.81 6.65
C SER A 10 2.53 20.10 8.06
N PRO A 11 1.61 20.55 8.92
CA PRO A 11 1.93 20.88 10.31
C PRO A 11 2.25 19.64 11.15
N ILE A 12 1.48 18.57 10.93
CA ILE A 12 1.68 17.33 11.65
C ILE A 12 1.59 16.12 10.72
N PRO A 13 2.59 15.23 10.82
CA PRO A 13 2.65 14.02 9.99
C PRO A 13 1.57 13.01 10.36
N ARG A 14 0.66 12.75 9.43
CA ARG A 14 -0.43 11.81 9.66
C ARG A 14 -1.17 11.51 8.36
N PRO A 15 -1.61 10.25 8.21
CA PRO A 15 -2.34 9.81 7.02
C PRO A 15 -3.74 10.42 6.94
N PRO A 16 -4.40 10.27 5.78
CA PRO A 16 -5.74 10.79 5.55
C PRO A 16 -6.79 10.03 6.34
N ARG A 17 -8.07 10.30 6.06
CA ARG A 17 -9.17 9.63 6.74
C ARG A 17 -9.35 8.21 6.23
N GLY A 18 -9.22 8.03 4.92
CA GLY A 18 -9.37 6.72 4.32
C GLY A 18 -8.06 5.97 4.25
N LEU A 19 -7.22 6.12 5.27
CA LEU A 19 -5.92 5.45 5.30
C LEU A 19 -5.27 5.61 6.67
N ALA A 20 -4.75 4.51 7.19
CA ALA A 20 -4.09 4.52 8.49
C ALA A 20 -2.73 3.83 8.43
N ALA A 21 -1.98 3.90 9.52
CA ALA A 21 -0.66 3.28 9.59
C ALA A 21 -0.71 1.84 9.14
N HIS A 22 -1.77 1.13 9.52
CA HIS A 22 -1.93 -0.27 9.15
C HIS A 22 -1.75 -0.46 7.65
N HIS A 23 -2.24 0.51 6.88
CA HIS A 23 -2.14 0.45 5.42
C HIS A 23 -0.88 1.17 4.94
N TRP A 24 -0.69 2.39 5.42
CA TRP A 24 0.48 3.18 5.03
C TRP A 24 1.78 2.44 5.36
N LEU A 25 2.04 2.26 6.64
CA LEU A 25 3.24 1.56 7.08
C LEU A 25 3.39 0.22 6.37
N ASN A 26 2.25 -0.37 6.02
CA ASN A 26 2.26 -1.66 5.33
C ASN A 26 3.00 -1.57 4.00
N PHE A 27 2.87 -0.43 3.32
CA PHE A 27 3.52 -0.22 2.04
C PHE A 27 5.02 -0.01 2.23
N LEU A 28 5.39 0.80 3.22
CA LEU A 28 6.79 1.08 3.51
C LEU A 28 7.59 -0.21 3.65
N GLN A 29 6.93 -1.26 4.14
CA GLN A 29 7.57 -2.54 4.32
C GLN A 29 7.84 -3.22 2.98
N ALA A 30 6.78 -3.35 2.17
CA ALA A 30 6.90 -3.97 0.87
C ALA A 30 8.03 -3.34 0.05
N ALA A 31 8.04 -2.01 0.01
CA ALA A 31 9.07 -1.29 -0.73
C ALA A 31 10.48 -1.70 -0.28
N TYR A 32 10.57 -2.14 0.97
CA TYR A 32 11.85 -2.57 1.53
C TYR A 32 12.16 -4.02 1.17
N ARG A 33 11.10 -4.79 0.89
CA ARG A 33 11.26 -6.19 0.53
C ARG A 33 12.02 -6.33 -0.79
N LEU A 34 11.52 -5.67 -1.83
CA LEU A 34 12.16 -5.73 -3.14
C LEU A 34 13.63 -5.36 -3.05
N GLU A 35 13.91 -4.19 -2.47
CA GLU A 35 15.29 -3.73 -2.33
C GLU A 35 15.56 -3.30 -0.89
N PRO A 36 16.76 -3.62 -0.38
CA PRO A 36 17.17 -3.27 0.97
C PRO A 36 17.40 -1.77 1.15
N GLY A 37 18.17 -1.18 0.24
CA GLY A 37 18.44 0.24 0.32
C GLY A 37 17.80 1.02 -0.81
N PRO A 38 16.55 1.45 -0.61
CA PRO A 38 15.80 2.20 -1.61
C PRO A 38 16.35 3.61 -1.81
N SER A 39 15.63 4.43 -2.55
CA SER A 39 16.05 5.80 -2.82
C SER A 39 14.83 6.73 -2.94
N SER A 40 15.09 8.03 -2.90
CA SER A 40 14.02 9.02 -3.00
C SER A 40 13.18 8.79 -4.26
N TYR A 41 13.86 8.47 -5.36
CA TYR A 41 13.18 8.23 -6.63
C TYR A 41 12.12 7.14 -6.48
N ASP A 42 12.33 6.26 -5.50
CA ASP A 42 11.40 5.16 -5.25
C ASP A 42 10.17 5.67 -4.50
N PHE A 43 10.34 6.73 -3.73
CA PHE A 43 9.24 7.31 -2.96
C PHE A 43 8.53 8.40 -3.76
N HIS A 44 9.25 9.00 -4.70
CA HIS A 44 8.70 10.06 -5.53
C HIS A 44 7.53 9.53 -6.36
N GLN A 45 7.54 8.24 -6.65
CA GLN A 45 6.49 7.61 -7.45
C GLN A 45 5.51 6.88 -6.56
N LEU A 46 5.94 6.56 -5.34
CA LEU A 46 5.09 5.84 -4.39
C LEU A 46 4.13 6.80 -3.70
N LYS A 47 4.66 7.87 -3.13
CA LYS A 47 3.84 8.87 -2.44
C LYS A 47 2.89 9.56 -3.40
N LYS A 48 3.39 9.85 -4.61
CA LYS A 48 2.58 10.51 -5.63
C LYS A 48 1.46 9.60 -6.11
N PHE A 49 1.75 8.30 -6.18
CA PHE A 49 0.75 7.32 -6.62
C PHE A 49 -0.26 7.04 -5.52
N LEU A 50 0.24 6.83 -4.31
CA LEU A 50 -0.63 6.56 -3.16
C LEU A 50 -1.74 7.60 -3.06
N LYS A 51 -1.42 8.84 -3.41
CA LYS A 51 -2.39 9.92 -3.36
C LYS A 51 -3.59 9.61 -4.23
N ILE A 52 -3.35 8.96 -5.36
CA ILE A 52 -4.42 8.61 -6.29
C ILE A 52 -5.21 7.41 -5.79
N ALA A 53 -4.49 6.38 -5.35
CA ALA A 53 -5.13 5.17 -4.84
C ALA A 53 -6.01 5.48 -3.64
N LEU A 54 -5.67 6.55 -2.92
CA LEU A 54 -6.44 6.96 -1.75
C LEU A 54 -7.76 7.61 -2.16
N GLU A 55 -7.74 8.33 -3.28
CA GLU A 55 -8.92 9.00 -3.78
C GLU A 55 -10.11 8.04 -3.85
N THR A 56 -9.81 6.78 -4.20
CA THR A 56 -10.85 5.77 -4.31
C THR A 56 -10.78 4.77 -3.17
N PRO A 57 -11.53 5.05 -2.09
CA PRO A 57 -11.56 4.20 -0.90
C PRO A 57 -12.26 2.86 -1.18
N VAL A 58 -11.61 2.01 -1.96
CA VAL A 58 -12.17 0.70 -2.29
C VAL A 58 -11.37 -0.42 -1.63
N TRP A 59 -10.14 -0.11 -1.24
CA TRP A 59 -9.27 -1.09 -0.60
C TRP A 59 -9.05 -0.74 0.87
N ILE A 60 -10.06 -0.16 1.49
CA ILE A 60 -9.98 0.23 2.89
C ILE A 60 -10.58 -0.85 3.80
N CYS A 61 -11.89 -1.07 3.67
CA CYS A 61 -12.58 -2.06 4.47
C CYS A 61 -12.20 -3.48 4.02
N PRO A 62 -12.51 -3.80 2.77
CA PRO A 62 -12.22 -5.12 2.19
C PRO A 62 -10.72 -5.34 1.97
N ILE A 63 -9.99 -4.24 1.84
CA ILE A 63 -8.55 -4.31 1.64
C ILE A 63 -8.21 -5.20 0.45
N ASN A 64 -8.11 -4.59 -0.73
CA ASN A 64 -7.78 -5.34 -1.94
C ASN A 64 -6.44 -4.88 -2.53
N TYR A 65 -5.36 -5.40 -1.96
CA TYR A 65 -4.02 -5.05 -2.42
C TYR A 65 -3.88 -5.28 -3.92
N SER A 66 -4.41 -6.40 -4.40
CA SER A 66 -4.35 -6.74 -5.82
C SER A 66 -4.98 -5.64 -6.66
N LEU A 67 -5.95 -4.93 -6.09
CA LEU A 67 -6.64 -3.86 -6.79
C LEU A 67 -5.79 -2.59 -6.81
N LEU A 68 -5.03 -2.38 -5.74
CA LEU A 68 -4.17 -1.21 -5.63
C LEU A 68 -2.99 -1.30 -6.60
N ALA A 69 -2.65 -2.52 -6.99
CA ALA A 69 -1.55 -2.75 -7.91
C ALA A 69 -1.96 -2.40 -9.35
N SER A 70 -3.25 -2.17 -9.55
CA SER A 70 -3.77 -1.84 -10.87
C SER A 70 -4.26 -0.39 -10.91
N LEU A 71 -4.13 0.30 -9.78
CA LEU A 71 -4.56 1.69 -9.69
C LEU A 71 -3.57 2.62 -10.39
N LEU A 72 -2.44 2.04 -10.82
CA LEU A 72 -1.41 2.82 -11.50
C LEU A 72 -2.00 3.62 -12.66
N PRO A 73 -1.30 4.70 -13.05
CA PRO A 73 -1.74 5.56 -14.15
C PRO A 73 -1.63 4.87 -15.51
N LYS A 74 -0.46 4.31 -15.79
CA LYS A 74 -0.22 3.62 -17.05
C LYS A 74 1.22 3.12 -17.14
N GLY A 75 2.16 4.06 -17.27
CA GLY A 75 3.55 3.69 -17.36
C GLY A 75 4.15 3.33 -16.02
N TYR A 76 3.61 2.27 -15.41
CA TYR A 76 4.09 1.81 -14.11
C TYR A 76 4.17 0.29 -14.06
N PRO A 77 5.02 -0.29 -14.94
CA PRO A 77 5.20 -1.73 -15.02
C PRO A 77 5.93 -2.29 -13.80
N GLY A 78 6.55 -1.41 -13.03
CA GLY A 78 7.27 -1.82 -11.85
C GLY A 78 7.58 -0.67 -10.91
N ARG A 79 8.60 -0.84 -10.08
CA ARG A 79 8.99 0.20 -9.12
C ARG A 79 7.93 0.36 -8.03
N VAL A 80 6.82 1.00 -8.39
CA VAL A 80 5.73 1.22 -7.44
C VAL A 80 4.69 0.10 -7.53
N ASN A 81 4.33 -0.26 -8.75
CA ASN A 81 3.35 -1.31 -8.96
C ASN A 81 3.78 -2.62 -8.30
N GLU A 82 5.05 -2.99 -8.52
CA GLU A 82 5.60 -4.21 -7.95
C GLU A 82 5.36 -4.25 -6.44
N ILE A 83 5.57 -3.12 -5.78
CA ILE A 83 5.38 -3.03 -4.34
C ILE A 83 4.01 -3.56 -3.93
N LEU A 84 2.98 -3.14 -4.65
CA LEU A 84 1.62 -3.58 -4.37
C LEU A 84 1.47 -5.08 -4.56
N HIS A 85 2.31 -5.65 -5.42
CA HIS A 85 2.29 -7.08 -5.70
C HIS A 85 2.88 -7.87 -4.54
N ILE A 86 3.86 -7.26 -3.86
CA ILE A 86 4.52 -7.91 -2.73
C ILE A 86 3.57 -8.02 -1.53
N LEU A 87 2.54 -7.20 -1.53
CA LEU A 87 1.56 -7.20 -0.45
C LEU A 87 0.52 -8.29 -0.66
N ILE A 88 0.33 -8.69 -1.91
CA ILE A 88 -0.63 -9.73 -2.26
C ILE A 88 -0.18 -11.09 -1.75
N GLN A 89 1.13 -11.24 -1.56
CA GLN A 89 1.68 -12.51 -1.07
C GLN A 89 1.62 -12.57 0.45
N THR A 90 2.10 -11.52 1.10
CA THR A 90 2.10 -11.46 2.56
C THR A 90 0.68 -11.56 3.12
N GLN A 91 -0.30 -11.27 2.26
CA GLN A 91 -1.70 -11.34 2.67
C GLN A 91 -2.30 -12.70 2.37
N ALA A 92 -1.73 -13.39 1.39
CA ALA A 92 -2.21 -14.71 1.00
C ALA A 92 -1.59 -15.79 1.89
N GLN A 93 -1.80 -15.67 3.19
CA GLN A 93 -1.26 -16.63 4.14
C GLN A 93 -2.25 -16.87 5.28
N ILE A 94 -3.46 -17.31 4.93
CA ILE A 94 -4.48 -17.58 5.93
C ILE A 94 -4.67 -19.08 6.13
N PRO A 95 -4.69 -19.51 7.40
CA PRO A 95 -4.86 -20.92 7.77
C PRO A 95 -6.27 -21.42 7.48
N SER A 96 -6.49 -21.86 6.24
CA SER A 96 -7.81 -22.37 5.83
C SER A 96 -7.66 -23.55 4.89
N ARG A 97 -6.65 -24.38 5.14
CA ARG A 97 -6.40 -25.56 4.31
C ARG A 97 -6.80 -26.83 5.03
N PRO A 98 -7.36 -27.80 4.29
CA PRO A 98 -7.80 -29.08 4.84
C PRO A 98 -6.62 -29.96 5.26
N ALA A 99 -5.41 -29.53 4.91
CA ALA A 99 -4.20 -30.27 5.26
C ALA A 99 -3.15 -29.35 5.88
N HIS A 100 -2.47 -29.85 6.91
CA HIS A 100 -1.44 -29.07 7.60
C HIS A 100 -0.45 -29.99 8.29
N HIS A 101 0.78 -29.50 8.47
CA HIS A 101 1.83 -30.28 9.13
C HIS A 101 1.34 -30.81 10.47
N HIS A 102 0.76 -29.92 11.29
CA HIS A 102 0.26 -30.31 12.61
C HIS A 102 1.39 -30.80 13.50
N HIS A 103 1.93 -29.91 14.32
CA HIS A 103 3.01 -30.25 15.22
C HIS A 103 2.71 -29.79 16.64
N HIS A 104 2.13 -30.68 17.45
CA HIS A 104 1.79 -30.36 18.83
C HIS A 104 0.92 -29.11 18.89
N HIS A 105 -0.28 -29.20 18.33
CA HIS A 105 -1.21 -28.09 18.32
C HIS A 105 -2.33 -28.30 19.34
N MET A 1 -10.88 19.13 -2.31
CA MET A 1 -10.37 19.97 -3.39
C MET A 1 -8.88 19.71 -3.64
N GLY A 2 -8.51 19.58 -4.90
CA GLY A 2 -7.12 19.33 -5.24
C GLY A 2 -6.89 17.91 -5.73
N ARG A 3 -7.15 17.68 -7.02
CA ARG A 3 -6.96 16.37 -7.60
C ARG A 3 -5.50 15.94 -7.54
N ILE A 4 -4.67 16.57 -8.37
CA ILE A 4 -3.24 16.26 -8.40
C ILE A 4 -2.40 17.52 -8.29
N PHE A 5 -2.05 17.89 -7.07
CA PHE A 5 -1.25 19.08 -6.82
C PHE A 5 -0.23 18.83 -5.72
N SER A 6 0.99 18.50 -6.12
CA SER A 6 2.06 18.22 -5.16
C SER A 6 3.41 18.07 -5.88
N ARG A 7 4.49 18.32 -5.15
CA ARG A 7 5.83 18.22 -5.71
C ARG A 7 6.89 18.30 -4.61
N SER A 8 6.67 17.54 -3.54
CA SER A 8 7.61 17.54 -2.42
C SER A 8 8.11 16.13 -2.14
N ALA A 9 8.99 16.00 -1.16
CA ALA A 9 9.55 14.71 -0.78
C ALA A 9 8.45 13.71 -0.45
N SER A 10 7.84 13.88 0.72
CA SER A 10 6.77 12.99 1.17
C SER A 10 6.10 13.55 2.42
N PRO A 11 5.24 14.55 2.24
CA PRO A 11 4.51 15.18 3.34
C PRO A 11 3.45 14.26 3.95
N ILE A 12 3.82 13.58 5.02
CA ILE A 12 2.91 12.65 5.70
C ILE A 12 3.04 12.77 7.21
N PRO A 13 2.44 13.84 7.78
CA PRO A 13 2.48 14.09 9.22
C PRO A 13 1.64 13.07 10.00
N ARG A 14 0.53 12.65 9.41
CA ARG A 14 -0.36 11.69 10.05
C ARG A 14 -1.29 11.04 9.03
N PRO A 15 -1.73 9.81 9.33
CA PRO A 15 -2.63 9.05 8.45
C PRO A 15 -4.03 9.65 8.39
N PRO A 16 -4.58 9.74 7.16
CA PRO A 16 -5.92 10.30 6.95
C PRO A 16 -7.02 9.39 7.49
N ARG A 17 -8.27 9.71 7.15
CA ARG A 17 -9.41 8.93 7.61
C ARG A 17 -9.57 7.67 6.77
N GLY A 18 -9.27 7.78 5.47
CA GLY A 18 -9.39 6.64 4.58
C GLY A 18 -8.10 5.87 4.45
N LEU A 19 -7.24 5.97 5.45
CA LEU A 19 -5.96 5.28 5.44
C LEU A 19 -5.25 5.41 6.79
N ALA A 20 -4.92 4.29 7.40
CA ALA A 20 -4.23 4.27 8.69
C ALA A 20 -2.84 3.66 8.57
N ALA A 21 -2.07 3.75 9.64
CA ALA A 21 -0.71 3.20 9.66
C ALA A 21 -0.70 1.76 9.18
N HIS A 22 -1.68 0.98 9.63
CA HIS A 22 -1.79 -0.42 9.24
C HIS A 22 -1.70 -0.57 7.73
N HIS A 23 -2.26 0.39 7.01
CA HIS A 23 -2.25 0.36 5.55
C HIS A 23 -1.02 1.09 5.00
N TRP A 24 -0.82 2.32 5.46
CA TRP A 24 0.31 3.13 5.02
C TRP A 24 1.63 2.42 5.30
N LEU A 25 1.94 2.26 6.58
CA LEU A 25 3.18 1.59 6.99
C LEU A 25 3.34 0.26 6.28
N ASN A 26 2.22 -0.37 5.96
CA ASN A 26 2.23 -1.66 5.28
C ASN A 26 3.02 -1.58 3.97
N PHE A 27 2.82 -0.48 3.24
CA PHE A 27 3.51 -0.28 1.97
C PHE A 27 5.00 -0.06 2.19
N LEU A 28 5.34 0.79 3.16
CA LEU A 28 6.73 1.09 3.48
C LEU A 28 7.53 -0.19 3.68
N GLN A 29 6.86 -1.21 4.23
CA GLN A 29 7.52 -2.49 4.47
C GLN A 29 7.84 -3.20 3.16
N ALA A 30 6.82 -3.42 2.33
CA ALA A 30 7.00 -4.09 1.06
C ALA A 30 8.10 -3.42 0.25
N ALA A 31 8.14 -2.09 0.29
CA ALA A 31 9.14 -1.34 -0.45
C ALA A 31 10.56 -1.80 -0.09
N TYR A 32 10.71 -2.31 1.12
CA TYR A 32 12.00 -2.79 1.59
C TYR A 32 12.26 -4.22 1.11
N ARG A 33 11.20 -4.96 0.84
CA ARG A 33 11.30 -6.33 0.38
C ARG A 33 11.97 -6.39 -0.99
N LEU A 34 11.41 -5.67 -1.96
CA LEU A 34 11.96 -5.64 -3.30
C LEU A 34 13.44 -5.30 -3.29
N GLU A 35 13.77 -4.18 -2.65
CA GLU A 35 15.16 -3.73 -2.56
C GLU A 35 15.52 -3.36 -1.13
N PRO A 36 16.74 -3.71 -0.71
CA PRO A 36 17.24 -3.42 0.65
C PRO A 36 17.48 -1.93 0.87
N GLY A 37 18.20 -1.30 -0.05
CA GLY A 37 18.48 0.11 0.06
C GLY A 37 17.82 0.93 -1.04
N PRO A 38 16.57 1.35 -0.80
CA PRO A 38 15.81 2.15 -1.76
C PRO A 38 16.36 3.56 -1.92
N SER A 39 15.61 4.41 -2.63
CA SER A 39 16.03 5.79 -2.85
C SER A 39 14.83 6.70 -2.98
N SER A 40 15.06 8.02 -2.91
CA SER A 40 14.01 9.00 -3.02
C SER A 40 13.18 8.76 -4.28
N TYR A 41 13.85 8.44 -5.37
CA TYR A 41 13.18 8.19 -6.64
C TYR A 41 12.13 7.10 -6.51
N ASP A 42 12.31 6.24 -5.52
CA ASP A 42 11.38 5.14 -5.27
C ASP A 42 10.15 5.64 -4.50
N PHE A 43 10.34 6.70 -3.73
CA PHE A 43 9.25 7.27 -2.94
C PHE A 43 8.53 8.36 -3.72
N HIS A 44 9.23 8.95 -4.68
CA HIS A 44 8.67 10.01 -5.51
C HIS A 44 7.50 9.49 -6.34
N GLN A 45 7.52 8.18 -6.63
CA GLN A 45 6.47 7.56 -7.42
C GLN A 45 5.47 6.83 -6.52
N LEU A 46 5.89 6.55 -5.29
CA LEU A 46 5.03 5.85 -4.34
C LEU A 46 4.10 6.82 -3.64
N LYS A 47 4.67 7.86 -3.05
CA LYS A 47 3.88 8.88 -2.34
C LYS A 47 2.95 9.61 -3.30
N LYS A 48 3.41 9.80 -4.53
CA LYS A 48 2.61 10.48 -5.55
C LYS A 48 1.50 9.58 -6.06
N PHE A 49 1.79 8.29 -6.19
CA PHE A 49 0.81 7.32 -6.66
C PHE A 49 -0.25 7.04 -5.59
N LEU A 50 0.22 6.83 -4.36
CA LEU A 50 -0.67 6.54 -3.25
C LEU A 50 -1.79 7.59 -3.16
N LYS A 51 -1.43 8.85 -3.40
CA LYS A 51 -2.40 9.93 -3.35
C LYS A 51 -3.59 9.64 -4.26
N ILE A 52 -3.34 8.92 -5.35
CA ILE A 52 -4.40 8.57 -6.29
C ILE A 52 -5.19 7.36 -5.80
N ALA A 53 -4.47 6.36 -5.28
CA ALA A 53 -5.12 5.15 -4.78
C ALA A 53 -6.01 5.46 -3.58
N LEU A 54 -5.69 6.52 -2.87
CA LEU A 54 -6.46 6.92 -1.69
C LEU A 54 -7.77 7.60 -2.11
N GLU A 55 -7.71 8.33 -3.22
CA GLU A 55 -8.89 9.02 -3.72
C GLU A 55 -10.07 8.06 -3.86
N THR A 56 -9.77 6.81 -4.19
CA THR A 56 -10.80 5.79 -4.35
C THR A 56 -10.77 4.79 -3.20
N PRO A 57 -11.56 5.08 -2.15
CA PRO A 57 -11.65 4.21 -0.97
C PRO A 57 -12.35 2.89 -1.27
N VAL A 58 -11.67 2.04 -2.04
CA VAL A 58 -12.24 0.73 -2.41
C VAL A 58 -11.47 -0.39 -1.72
N TRP A 59 -10.24 -0.10 -1.32
CA TRP A 59 -9.40 -1.10 -0.66
C TRP A 59 -9.20 -0.77 0.81
N ILE A 60 -10.23 -0.18 1.42
CA ILE A 60 -10.17 0.20 2.83
C ILE A 60 -10.79 -0.88 3.72
N CYS A 61 -12.09 -1.09 3.55
CA CYS A 61 -12.80 -2.10 4.33
C CYS A 61 -12.41 -3.51 3.89
N PRO A 62 -12.69 -3.83 2.62
CA PRO A 62 -12.38 -5.15 2.04
C PRO A 62 -10.88 -5.36 1.86
N ILE A 63 -10.14 -4.26 1.78
CA ILE A 63 -8.69 -4.32 1.61
C ILE A 63 -8.32 -5.21 0.42
N ASN A 64 -8.21 -4.61 -0.76
CA ASN A 64 -7.85 -5.33 -1.97
C ASN A 64 -6.52 -4.86 -2.52
N TYR A 65 -5.43 -5.39 -1.94
CA TYR A 65 -4.09 -5.02 -2.38
C TYR A 65 -3.91 -5.25 -3.88
N SER A 66 -4.44 -6.38 -4.36
CA SER A 66 -4.34 -6.71 -5.77
C SER A 66 -4.97 -5.63 -6.64
N LEU A 67 -5.96 -4.94 -6.08
CA LEU A 67 -6.64 -3.87 -6.81
C LEU A 67 -5.80 -2.60 -6.84
N LEU A 68 -5.05 -2.38 -5.76
CA LEU A 68 -4.19 -1.20 -5.66
C LEU A 68 -3.01 -1.30 -6.64
N ALA A 69 -2.66 -2.52 -7.00
CA ALA A 69 -1.56 -2.75 -7.92
C ALA A 69 -1.96 -2.40 -9.35
N SER A 70 -3.25 -2.19 -9.57
CA SER A 70 -3.76 -1.85 -10.90
C SER A 70 -4.22 -0.39 -10.94
N LEU A 71 -4.07 0.31 -9.83
CA LEU A 71 -4.47 1.71 -9.74
C LEU A 71 -3.50 2.59 -10.52
N LEU A 72 -2.41 2.00 -10.99
CA LEU A 72 -1.41 2.74 -11.76
C LEU A 72 -2.06 3.53 -12.89
N PRO A 73 -1.37 4.57 -13.36
CA PRO A 73 -1.86 5.42 -14.45
C PRO A 73 -1.87 4.68 -15.80
N LYS A 74 -0.73 4.10 -16.15
CA LYS A 74 -0.61 3.38 -17.41
C LYS A 74 0.82 2.90 -17.62
N GLY A 75 1.74 3.85 -17.77
CA GLY A 75 3.13 3.51 -17.98
C GLY A 75 4.01 3.85 -16.78
N TYR A 76 3.97 3.00 -15.76
CA TYR A 76 4.75 3.22 -14.55
C TYR A 76 5.89 2.21 -14.45
N PRO A 77 7.01 2.52 -15.11
CA PRO A 77 8.20 1.65 -15.12
C PRO A 77 8.89 1.62 -13.76
N GLY A 78 8.53 2.55 -12.89
CA GLY A 78 9.12 2.61 -11.56
C GLY A 78 8.90 1.34 -10.77
N ARG A 79 9.27 1.36 -9.50
CA ARG A 79 9.11 0.20 -8.63
C ARG A 79 7.97 0.41 -7.64
N VAL A 80 6.83 0.89 -8.15
CA VAL A 80 5.66 1.13 -7.31
C VAL A 80 4.64 0.01 -7.46
N ASN A 81 4.37 -0.38 -8.70
CA ASN A 81 3.41 -1.44 -8.98
C ASN A 81 3.84 -2.75 -8.33
N GLU A 82 5.16 -2.92 -8.15
CA GLU A 82 5.69 -4.13 -7.53
C GLU A 82 5.39 -4.15 -6.04
N ILE A 83 5.50 -3.00 -5.40
CA ILE A 83 5.24 -2.89 -3.96
C ILE A 83 3.85 -3.44 -3.62
N LEU A 84 2.86 -3.05 -4.42
CA LEU A 84 1.49 -3.50 -4.20
C LEU A 84 1.36 -5.01 -4.40
N HIS A 85 2.24 -5.56 -5.24
CA HIS A 85 2.23 -7.00 -5.51
C HIS A 85 2.88 -7.77 -4.36
N ILE A 86 3.74 -7.11 -3.61
CA ILE A 86 4.42 -7.73 -2.48
C ILE A 86 3.48 -7.88 -1.30
N LEU A 87 2.42 -7.07 -1.27
CA LEU A 87 1.45 -7.12 -0.19
C LEU A 87 0.43 -8.23 -0.43
N ILE A 88 0.32 -8.66 -1.68
CA ILE A 88 -0.61 -9.73 -2.03
C ILE A 88 -0.12 -11.09 -1.54
N GLN A 89 1.20 -11.20 -1.36
CA GLN A 89 1.80 -12.44 -0.90
C GLN A 89 1.80 -12.50 0.63
N THR A 90 2.18 -11.39 1.26
CA THR A 90 2.23 -11.32 2.72
C THR A 90 0.84 -11.42 3.32
N GLN A 91 -0.18 -11.10 2.52
CA GLN A 91 -1.56 -11.16 2.99
C GLN A 91 -2.01 -12.61 3.18
N ALA A 92 -1.38 -13.52 2.44
CA ALA A 92 -1.73 -14.94 2.53
C ALA A 92 -1.44 -15.47 3.93
N GLN A 93 -0.48 -14.86 4.61
CA GLN A 93 -0.12 -15.29 5.96
C GLN A 93 -1.34 -15.31 6.87
N ILE A 94 -2.32 -14.46 6.57
CA ILE A 94 -3.55 -14.37 7.36
C ILE A 94 -4.68 -15.13 6.68
N PRO A 95 -5.37 -15.98 7.46
CA PRO A 95 -6.50 -16.77 6.96
C PRO A 95 -7.72 -15.91 6.63
N SER A 96 -7.81 -15.46 5.39
CA SER A 96 -8.92 -14.62 4.95
C SER A 96 -8.80 -14.30 3.48
N ARG A 97 -8.74 -15.33 2.64
CA ARG A 97 -8.63 -15.14 1.20
C ARG A 97 -10.00 -15.21 0.53
N PRO A 98 -10.35 -14.13 -0.18
CA PRO A 98 -11.63 -14.04 -0.89
C PRO A 98 -11.72 -14.98 -2.08
N ALA A 99 -10.57 -15.27 -2.68
CA ALA A 99 -10.51 -16.17 -3.83
C ALA A 99 -10.89 -17.59 -3.43
N HIS A 100 -10.89 -18.49 -4.42
CA HIS A 100 -11.23 -19.89 -4.17
C HIS A 100 -10.15 -20.56 -3.32
N HIS A 101 -10.44 -21.79 -2.89
CA HIS A 101 -9.50 -22.54 -2.07
C HIS A 101 -8.27 -22.94 -2.89
N HIS A 102 -8.49 -23.68 -3.97
CA HIS A 102 -7.39 -24.12 -4.83
C HIS A 102 -6.55 -22.93 -5.28
N HIS A 103 -5.31 -23.21 -5.69
CA HIS A 103 -4.41 -22.16 -6.15
C HIS A 103 -4.07 -22.35 -7.62
N HIS A 104 -4.84 -21.70 -8.49
CA HIS A 104 -4.62 -21.80 -9.93
C HIS A 104 -4.71 -23.24 -10.40
N HIS A 105 -4.54 -23.44 -11.70
CA HIS A 105 -4.60 -24.78 -12.29
C HIS A 105 -3.39 -25.61 -11.87
#